data_2JT1
#
_entry.id   2JT1
#
_cell.length_a   1.000
_cell.length_b   1.000
_cell.length_c   1.000
_cell.angle_alpha   90.00
_cell.angle_beta   90.00
_cell.angle_gamma   90.00
#
_symmetry.space_group_name_H-M   'P 1'
#
_entity_poly.entity_id   1
_entity_poly.type   'polypeptide(L)'
_entity_poly.pdbx_seq_one_letter_code
;MSESIVTKIISIVQERQNMDDGAPVKTRDIADAAGLSIYQVRLYLEQLHDVGVLEKVNAGKGVPGLWRLLEHHHHHH
;
_entity_poly.pdbx_strand_id   A
#
# COMPACT_ATOMS: atom_id res chain seq x y z
N MET A 1 -2.17 -11.40 -17.43
CA MET A 1 -2.21 -10.19 -16.56
C MET A 1 -3.40 -9.29 -16.92
N SER A 2 -4.01 -8.66 -15.92
CA SER A 2 -5.19 -7.80 -16.12
C SER A 2 -5.32 -6.75 -15.00
N GLU A 3 -4.73 -7.06 -13.85
CA GLU A 3 -4.74 -6.18 -12.67
C GLU A 3 -4.41 -4.71 -13.01
N SER A 4 -3.36 -4.49 -13.82
CA SER A 4 -2.98 -3.14 -14.29
C SER A 4 -2.94 -2.08 -13.17
N ILE A 5 -4.10 -1.55 -12.78
CA ILE A 5 -4.20 -0.54 -11.72
C ILE A 5 -3.52 -1.03 -10.42
N VAL A 6 -3.63 -2.32 -10.14
CA VAL A 6 -2.97 -2.92 -8.97
C VAL A 6 -1.44 -2.81 -9.08
N THR A 7 -0.91 -3.07 -10.27
CA THR A 7 0.53 -2.91 -10.54
C THR A 7 0.96 -1.45 -10.33
N LYS A 8 0.12 -0.51 -10.79
CA LYS A 8 0.34 0.91 -10.55
C LYS A 8 0.42 1.19 -9.04
N ILE A 9 -0.51 0.62 -8.28
CA ILE A 9 -0.52 0.72 -6.81
C ILE A 9 0.81 0.22 -6.20
N ILE A 10 1.25 -0.97 -6.64
CA ILE A 10 2.52 -1.54 -6.18
C ILE A 10 3.70 -0.59 -6.47
N SER A 11 3.72 -0.04 -7.68
CA SER A 11 4.73 0.96 -8.08
C SER A 11 4.71 2.16 -7.14
N ILE A 12 3.50 2.67 -6.84
CA ILE A 12 3.31 3.78 -5.91
C ILE A 12 3.87 3.42 -4.52
N VAL A 13 3.55 2.22 -4.04
CA VAL A 13 4.04 1.74 -2.74
C VAL A 13 5.58 1.74 -2.68
N GLN A 14 6.22 1.17 -3.69
CA GLN A 14 7.69 1.15 -3.75
C GLN A 14 8.27 2.58 -3.82
N GLU A 15 7.78 3.36 -4.78
CA GLU A 15 8.32 4.70 -5.02
C GLU A 15 8.06 5.64 -3.84
N ARG A 16 6.95 5.45 -3.13
CA ARG A 16 6.66 6.26 -1.94
C ARG A 16 7.67 6.00 -0.82
N GLN A 17 7.71 4.76 -0.31
CA GLN A 17 8.65 4.42 0.77
C GLN A 17 10.10 4.72 0.35
N ASN A 18 10.34 4.74 -0.97
CA ASN A 18 11.62 5.17 -1.54
C ASN A 18 11.87 6.66 -1.23
N MET A 19 10.82 7.47 -1.35
CA MET A 19 10.91 8.92 -1.05
C MET A 19 10.79 9.19 0.46
N ASP A 20 10.09 8.32 1.18
CA ASP A 20 9.95 8.44 2.64
C ASP A 20 11.21 7.95 3.36
N ASP A 21 12.11 7.33 2.60
CA ASP A 21 13.43 6.90 3.10
C ASP A 21 13.33 5.83 4.22
N GLY A 22 12.96 6.26 5.42
CA GLY A 22 12.88 5.33 6.55
C GLY A 22 11.45 4.98 6.95
N ALA A 23 10.48 5.71 6.41
CA ALA A 23 9.07 5.48 6.73
C ALA A 23 8.33 4.73 5.62
N PRO A 24 7.42 3.81 5.98
CA PRO A 24 6.59 3.09 5.00
C PRO A 24 5.50 3.98 4.35
N VAL A 25 4.67 3.37 3.50
CA VAL A 25 3.65 4.11 2.75
C VAL A 25 2.34 4.22 3.54
N LYS A 26 1.57 5.28 3.28
CA LYS A 26 0.33 5.54 3.99
C LYS A 26 -0.90 5.08 3.19
N THR A 27 -1.82 4.35 3.84
CA THR A 27 -3.05 3.86 3.18
C THR A 27 -3.75 4.96 2.37
N ARG A 28 -3.92 6.13 2.98
CA ARG A 28 -4.49 7.28 2.28
C ARG A 28 -3.67 7.67 1.05
N ASP A 29 -2.38 7.94 1.26
CA ASP A 29 -1.49 8.43 0.21
C ASP A 29 -1.56 7.57 -1.07
N ILE A 30 -1.65 6.25 -0.89
CA ILE A 30 -1.82 5.33 -2.02
C ILE A 30 -3.11 5.63 -2.79
N ALA A 31 -4.18 5.93 -2.05
CA ALA A 31 -5.46 6.30 -2.66
C ALA A 31 -5.38 7.66 -3.36
N ASP A 32 -4.66 8.60 -2.75
CA ASP A 32 -4.44 9.94 -3.34
C ASP A 32 -3.70 9.83 -4.69
N ALA A 33 -2.53 9.20 -4.67
CA ALA A 33 -1.70 9.04 -5.87
C ALA A 33 -2.45 8.27 -6.98
N ALA A 34 -3.09 7.17 -6.60
CA ALA A 34 -3.84 6.34 -7.57
C ALA A 34 -5.18 7.00 -7.98
N GLY A 35 -5.70 7.87 -7.11
CA GLY A 35 -6.99 8.51 -7.37
C GLY A 35 -8.17 7.56 -7.14
N LEU A 36 -8.12 6.82 -6.03
CA LEU A 36 -9.15 5.82 -5.71
C LEU A 36 -9.73 6.05 -4.30
N SER A 37 -10.70 5.21 -3.93
CA SER A 37 -11.30 5.24 -2.58
C SER A 37 -10.50 4.40 -1.58
N ILE A 38 -10.49 4.82 -0.32
CA ILE A 38 -9.72 4.14 0.73
C ILE A 38 -10.10 2.65 0.85
N TYR A 39 -11.39 2.35 0.81
CA TYR A 39 -11.87 0.97 0.93
C TYR A 39 -11.34 0.09 -0.22
N GLN A 40 -11.57 0.52 -1.46
CA GLN A 40 -11.07 -0.20 -2.65
C GLN A 40 -9.56 -0.48 -2.54
N VAL A 41 -8.80 0.56 -2.20
CA VAL A 41 -7.34 0.46 -2.08
C VAL A 41 -6.93 -0.56 -1.01
N ARG A 42 -7.48 -0.42 0.21
CA ARG A 42 -7.11 -1.32 1.32
C ARG A 42 -7.45 -2.78 0.98
N LEU A 43 -8.45 -2.99 0.12
CA LEU A 43 -8.78 -4.34 -0.35
C LEU A 43 -7.60 -4.95 -1.12
N TYR A 44 -7.12 -4.23 -2.14
CA TYR A 44 -5.97 -4.68 -2.92
C TYR A 44 -4.74 -4.87 -2.02
N LEU A 45 -4.47 -3.89 -1.16
CA LEU A 45 -3.33 -3.93 -0.24
C LEU A 45 -3.39 -5.16 0.70
N GLU A 46 -4.58 -5.43 1.24
CA GLU A 46 -4.76 -6.55 2.18
C GLU A 46 -4.55 -7.90 1.49
N GLN A 47 -5.06 -8.04 0.27
CA GLN A 47 -4.86 -9.26 -0.52
C GLN A 47 -3.36 -9.47 -0.82
N LEU A 48 -2.71 -8.42 -1.34
CA LEU A 48 -1.26 -8.44 -1.57
C LEU A 48 -0.50 -8.71 -0.26
N HIS A 49 -1.06 -8.25 0.85
CA HIS A 49 -0.48 -8.49 2.18
C HIS A 49 -0.49 -9.99 2.53
N ASP A 50 -1.67 -10.61 2.46
CA ASP A 50 -1.83 -11.99 2.90
C ASP A 50 -1.06 -12.98 2.01
N VAL A 51 -0.82 -12.62 0.75
CA VAL A 51 -0.03 -13.45 -0.17
C VAL A 51 1.49 -13.21 -0.02
N GLY A 52 1.87 -12.27 0.85
CA GLY A 52 3.29 -12.07 1.17
C GLY A 52 3.92 -10.83 0.55
N VAL A 53 3.27 -10.21 -0.43
CA VAL A 53 3.84 -9.05 -1.13
C VAL A 53 4.04 -7.86 -0.18
N LEU A 54 3.00 -7.51 0.57
CA LEU A 54 3.06 -6.36 1.50
C LEU A 54 2.93 -6.81 2.96
N GLU A 55 3.46 -6.02 3.88
CA GLU A 55 3.35 -6.29 5.32
C GLU A 55 2.68 -5.11 6.04
N LYS A 56 1.92 -5.43 7.10
CA LYS A 56 1.18 -4.44 7.87
C LYS A 56 2.08 -3.73 8.92
N VAL A 57 2.60 -2.57 8.56
CA VAL A 57 3.37 -1.76 9.50
C VAL A 57 2.43 -0.87 10.34
N ASN A 58 1.88 -1.44 11.40
CA ASN A 58 0.92 -0.73 12.24
C ASN A 58 0.90 -1.28 13.67
N ALA A 59 0.54 -0.43 14.63
CA ALA A 59 0.39 -0.85 16.03
C ALA A 59 -0.80 -1.82 16.19
N GLY A 60 -1.83 -1.63 15.38
CA GLY A 60 -3.01 -2.48 15.43
C GLY A 60 -4.29 -1.77 14.99
N LYS A 61 -5.21 -1.56 15.94
CA LYS A 61 -6.47 -0.85 15.66
C LYS A 61 -6.36 0.63 16.07
N GLY A 62 -7.15 1.48 15.42
CA GLY A 62 -7.12 2.91 15.69
C GLY A 62 -6.04 3.66 14.91
N VAL A 63 -5.35 2.96 14.02
CA VAL A 63 -4.27 3.56 13.23
C VAL A 63 -4.57 3.48 11.72
N PRO A 64 -4.15 4.51 10.94
CA PRO A 64 -4.39 4.55 9.48
C PRO A 64 -3.77 3.37 8.72
N GLY A 65 -2.72 2.78 9.31
CA GLY A 65 -2.06 1.63 8.70
C GLY A 65 -0.99 2.02 7.69
N LEU A 66 0.23 1.52 7.90
CA LEU A 66 1.34 1.77 6.98
C LEU A 66 1.75 0.48 6.26
N TRP A 67 1.99 0.58 4.95
CA TRP A 67 2.28 -0.60 4.13
C TRP A 67 3.73 -0.61 3.63
N ARG A 68 4.39 -1.76 3.78
CA ARG A 68 5.78 -1.95 3.34
C ARG A 68 5.96 -3.30 2.64
N LEU A 69 6.71 -3.31 1.54
CA LEU A 69 6.93 -4.55 0.78
C LEU A 69 8.07 -5.39 1.40
N LEU A 70 8.02 -6.71 1.18
CA LEU A 70 9.07 -7.61 1.71
C LEU A 70 9.38 -8.75 0.74
N GLU A 71 8.35 -9.45 0.26
CA GLU A 71 8.54 -10.57 -0.67
C GLU A 71 8.31 -10.15 -2.14
N MET A 1 -6.81 -7.80 -18.95
CA MET A 1 -6.43 -6.79 -19.98
C MET A 1 -6.34 -5.37 -19.38
N SER A 2 -7.42 -4.94 -18.70
CA SER A 2 -7.49 -3.59 -18.13
C SER A 2 -7.23 -3.59 -16.63
N GLU A 3 -6.57 -4.63 -16.13
CA GLU A 3 -6.44 -4.87 -14.68
C GLU A 3 -5.08 -4.43 -14.13
N SER A 4 -4.38 -3.54 -14.85
CA SER A 4 -3.03 -3.08 -14.46
C SER A 4 -3.03 -2.28 -13.16
N ILE A 5 -4.22 -1.98 -12.62
CA ILE A 5 -4.35 -1.20 -11.38
C ILE A 5 -3.57 -1.86 -10.22
N VAL A 6 -3.58 -3.19 -10.17
CA VAL A 6 -2.88 -3.94 -9.13
C VAL A 6 -1.37 -3.65 -9.15
N THR A 7 -0.76 -3.83 -10.32
CA THR A 7 0.68 -3.53 -10.50
C THR A 7 0.98 -2.05 -10.20
N LYS A 8 0.05 -1.18 -10.57
CA LYS A 8 0.17 0.25 -10.28
C LYS A 8 0.25 0.51 -8.76
N ILE A 9 -0.66 -0.09 -8.00
CA ILE A 9 -0.68 0.06 -6.55
C ILE A 9 0.64 -0.44 -5.91
N ILE A 10 1.14 -1.58 -6.38
CA ILE A 10 2.45 -2.09 -5.95
C ILE A 10 3.55 -1.05 -6.23
N SER A 11 3.49 -0.45 -7.42
CA SER A 11 4.43 0.61 -7.81
C SER A 11 4.26 1.87 -6.97
N ILE A 12 3.02 2.12 -6.51
CA ILE A 12 2.73 3.27 -5.63
C ILE A 12 3.40 3.12 -4.27
N VAL A 13 3.25 1.94 -3.65
CA VAL A 13 3.92 1.67 -2.38
C VAL A 13 5.44 1.76 -2.54
N GLN A 14 5.96 1.17 -3.62
CA GLN A 14 7.39 1.29 -3.98
C GLN A 14 7.79 2.77 -4.09
N GLU A 15 6.98 3.54 -4.81
CA GLU A 15 7.21 4.98 -4.99
C GLU A 15 7.27 5.71 -3.63
N ARG A 16 6.14 5.72 -2.91
CA ARG A 16 6.04 6.41 -1.61
C ARG A 16 7.17 6.01 -0.66
N GLN A 17 7.34 4.70 -0.47
CA GLN A 17 8.35 4.15 0.44
C GLN A 17 9.77 4.64 0.08
N ASN A 18 10.03 4.79 -1.23
CA ASN A 18 11.32 5.30 -1.70
C ASN A 18 11.39 6.85 -1.64
N MET A 19 10.24 7.51 -1.71
CA MET A 19 10.18 8.98 -1.63
C MET A 19 10.47 9.46 -0.21
N ASP A 20 9.66 9.01 0.76
CA ASP A 20 9.86 9.38 2.16
C ASP A 20 11.05 8.64 2.77
N ASP A 21 11.32 7.43 2.26
CA ASP A 21 12.51 6.65 2.63
C ASP A 21 12.46 6.13 4.07
N GLY A 22 12.62 7.03 5.04
CA GLY A 22 12.65 6.63 6.45
C GLY A 22 11.25 6.58 7.08
N ALA A 23 10.29 6.05 6.33
CA ALA A 23 8.89 5.99 6.79
C ALA A 23 8.07 4.95 6.03
N PRO A 24 7.19 4.21 6.74
CA PRO A 24 6.22 3.30 6.11
C PRO A 24 5.09 4.06 5.37
N VAL A 25 4.55 3.43 4.32
CA VAL A 25 3.50 4.05 3.51
C VAL A 25 2.11 3.94 4.17
N LYS A 26 1.25 4.91 3.90
CA LYS A 26 -0.11 4.93 4.49
C LYS A 26 -1.18 4.70 3.41
N THR A 27 -2.30 4.10 3.78
CA THR A 27 -3.39 3.83 2.82
C THR A 27 -3.86 5.12 2.12
N ARG A 28 -3.77 6.25 2.83
CA ARG A 28 -4.20 7.55 2.30
C ARG A 28 -3.37 7.99 1.09
N ASP A 29 -2.05 8.13 1.28
CA ASP A 29 -1.17 8.59 0.19
C ASP A 29 -1.05 7.55 -0.94
N ILE A 30 -1.38 6.29 -0.67
CA ILE A 30 -1.48 5.28 -1.73
C ILE A 30 -2.70 5.59 -2.64
N ALA A 31 -3.85 5.79 -2.02
CA ALA A 31 -5.07 6.18 -2.74
C ALA A 31 -4.85 7.49 -3.51
N ASP A 32 -4.14 8.43 -2.87
CA ASP A 32 -3.76 9.69 -3.49
C ASP A 32 -3.08 9.48 -4.87
N ALA A 33 -2.05 8.63 -4.89
CA ALA A 33 -1.31 8.34 -6.13
C ALA A 33 -2.13 7.45 -7.09
N ALA A 34 -3.06 6.68 -6.54
CA ALA A 34 -3.91 5.80 -7.33
C ALA A 34 -5.10 6.54 -7.95
N GLY A 35 -5.49 7.66 -7.35
CA GLY A 35 -6.67 8.38 -7.79
C GLY A 35 -7.97 7.63 -7.47
N LEU A 36 -7.89 6.75 -6.47
CA LEU A 36 -9.03 5.90 -6.09
C LEU A 36 -9.51 6.18 -4.66
N SER A 37 -10.56 5.47 -4.25
CA SER A 37 -11.12 5.60 -2.90
C SER A 37 -10.34 4.76 -1.88
N ILE A 38 -10.29 5.24 -0.63
CA ILE A 38 -9.56 4.55 0.45
C ILE A 38 -9.99 3.07 0.58
N TYR A 39 -11.29 2.83 0.48
CA TYR A 39 -11.86 1.47 0.61
C TYR A 39 -11.29 0.52 -0.46
N GLN A 40 -11.51 0.84 -1.74
CA GLN A 40 -10.96 0.05 -2.85
C GLN A 40 -9.47 -0.24 -2.65
N VAL A 41 -8.69 0.83 -2.51
CA VAL A 41 -7.23 0.70 -2.34
C VAL A 41 -6.88 -0.22 -1.17
N ARG A 42 -7.56 -0.04 -0.04
CA ARG A 42 -7.31 -0.87 1.14
C ARG A 42 -7.58 -2.34 0.86
N LEU A 43 -8.67 -2.63 0.14
CA LEU A 43 -9.00 -4.02 -0.24
C LEU A 43 -7.83 -4.67 -0.99
N TYR A 44 -7.25 -3.92 -1.94
CA TYR A 44 -6.08 -4.38 -2.68
C TYR A 44 -4.85 -4.53 -1.77
N LEU A 45 -4.65 -3.57 -0.87
CA LEU A 45 -3.51 -3.62 0.08
C LEU A 45 -3.58 -4.89 0.95
N GLU A 46 -4.78 -5.18 1.47
CA GLU A 46 -5.01 -6.40 2.25
C GLU A 46 -4.54 -7.63 1.47
N GLN A 47 -5.03 -7.77 0.24
CA GLN A 47 -4.68 -8.91 -0.61
C GLN A 47 -3.19 -8.92 -0.99
N LEU A 48 -2.59 -7.74 -1.14
CA LEU A 48 -1.15 -7.65 -1.42
C LEU A 48 -0.32 -8.16 -0.23
N HIS A 49 -0.87 -8.08 0.98
CA HIS A 49 -0.23 -8.69 2.14
C HIS A 49 -0.43 -10.22 2.13
N ASP A 50 -1.63 -10.63 1.69
CA ASP A 50 -1.98 -12.05 1.58
C ASP A 50 -1.11 -12.80 0.55
N VAL A 51 -0.87 -12.18 -0.60
CA VAL A 51 -0.10 -12.82 -1.69
C VAL A 51 1.42 -12.74 -1.46
N GLY A 52 1.85 -11.91 -0.50
CA GLY A 52 3.28 -11.78 -0.21
C GLY A 52 3.95 -10.61 -0.92
N VAL A 53 3.38 -9.42 -0.78
CA VAL A 53 3.96 -8.19 -1.35
C VAL A 53 4.17 -7.12 -0.27
N LEU A 54 3.09 -6.77 0.42
CA LEU A 54 3.13 -5.72 1.45
C LEU A 54 3.21 -6.31 2.86
N GLU A 55 4.04 -5.69 3.71
CA GLU A 55 4.13 -6.07 5.12
C GLU A 55 3.52 -4.97 6.01
N LYS A 56 3.17 -5.32 7.25
CA LYS A 56 2.52 -4.38 8.16
C LYS A 56 3.51 -3.77 9.18
N VAL A 57 3.42 -2.46 9.39
CA VAL A 57 4.24 -1.76 10.38
C VAL A 57 3.35 -1.07 11.42
N ASN A 58 3.62 -1.32 12.71
CA ASN A 58 2.83 -0.73 13.80
C ASN A 58 3.42 -1.03 15.18
N ALA A 59 2.74 -0.59 16.24
CA ALA A 59 3.10 -0.92 17.62
C ALA A 59 2.37 -2.18 18.10
N GLY A 60 1.11 -2.35 17.68
CA GLY A 60 0.33 -3.52 18.07
C GLY A 60 -1.11 -3.20 18.45
N LYS A 61 -1.30 -2.67 19.66
CA LYS A 61 -2.64 -2.41 20.20
C LYS A 61 -3.08 -0.94 19.96
N GLY A 62 -4.27 -0.77 19.38
CA GLY A 62 -4.84 0.57 19.21
C GLY A 62 -4.01 1.49 18.31
N VAL A 63 -3.52 0.95 17.20
CA VAL A 63 -2.68 1.71 16.26
C VAL A 63 -3.12 1.50 14.81
N PRO A 64 -2.85 2.47 13.91
CA PRO A 64 -3.17 2.33 12.48
C PRO A 64 -2.16 1.46 11.72
N GLY A 65 -2.64 0.35 11.14
CA GLY A 65 -1.77 -0.53 10.37
C GLY A 65 -1.12 0.17 9.17
N LEU A 66 0.18 0.45 9.29
CA LEU A 66 0.95 1.08 8.21
C LEU A 66 1.47 0.02 7.23
N TRP A 67 1.70 0.41 5.98
CA TRP A 67 2.12 -0.52 4.93
C TRP A 67 3.59 -0.32 4.51
N ARG A 68 4.31 -1.42 4.35
CA ARG A 68 5.70 -1.39 3.86
C ARG A 68 6.04 -2.71 3.17
N LEU A 69 6.34 -2.66 1.88
CA LEU A 69 6.55 -3.89 1.08
C LEU A 69 7.79 -4.68 1.51
N LEU A 70 7.97 -5.86 0.90
CA LEU A 70 9.11 -6.73 1.21
C LEU A 70 10.45 -6.02 0.91
N GLU A 71 10.97 -5.34 1.93
CA GLU A 71 12.23 -4.58 1.81
C GLU A 71 13.43 -5.41 2.31
N MET A 1 -6.89 -11.17 -7.72
CA MET A 1 -6.44 -9.87 -7.18
C MET A 1 -5.66 -9.04 -8.21
N SER A 2 -5.29 -9.65 -9.33
CA SER A 2 -4.45 -8.99 -10.34
C SER A 2 -5.26 -8.05 -11.23
N GLU A 3 -5.42 -6.80 -10.78
CA GLU A 3 -6.08 -5.76 -11.58
C GLU A 3 -5.04 -4.75 -12.11
N SER A 4 -5.31 -4.18 -13.28
CA SER A 4 -4.35 -3.28 -13.95
C SER A 4 -3.84 -2.16 -13.03
N ILE A 5 -4.69 -1.67 -12.13
CA ILE A 5 -4.31 -0.60 -11.19
C ILE A 5 -3.31 -1.10 -10.13
N VAL A 6 -3.39 -2.38 -9.77
CA VAL A 6 -2.52 -2.96 -8.73
C VAL A 6 -1.03 -2.79 -9.09
N THR A 7 -0.71 -2.92 -10.39
CA THR A 7 0.65 -2.68 -10.87
C THR A 7 1.16 -1.30 -10.45
N LYS A 8 0.33 -0.27 -10.67
CA LYS A 8 0.68 1.09 -10.25
C LYS A 8 0.76 1.20 -8.72
N ILE A 9 -0.18 0.54 -8.03
CA ILE A 9 -0.19 0.55 -6.55
C ILE A 9 1.17 0.09 -5.98
N ILE A 10 1.70 -1.01 -6.51
CA ILE A 10 3.02 -1.50 -6.11
C ILE A 10 4.11 -0.43 -6.37
N SER A 11 4.04 0.21 -7.54
CA SER A 11 4.96 1.30 -7.90
C SER A 11 4.84 2.48 -6.92
N ILE A 12 3.61 2.82 -6.53
CA ILE A 12 3.36 3.89 -5.57
C ILE A 12 4.02 3.57 -4.22
N VAL A 13 3.89 2.32 -3.77
CA VAL A 13 4.53 1.87 -2.54
C VAL A 13 6.05 2.04 -2.61
N GLN A 14 6.64 1.59 -3.72
CA GLN A 14 8.09 1.74 -3.95
C GLN A 14 8.51 3.22 -3.97
N GLU A 15 7.75 4.04 -4.70
CA GLU A 15 8.01 5.48 -4.80
C GLU A 15 8.00 6.15 -3.42
N ARG A 16 6.91 5.92 -2.67
CA ARG A 16 6.78 6.47 -1.33
C ARG A 16 7.88 5.95 -0.38
N GLN A 17 8.27 4.68 -0.55
CA GLN A 17 9.40 4.13 0.19
C GLN A 17 10.70 4.87 -0.14
N ASN A 18 10.77 5.47 -1.33
CA ASN A 18 11.96 6.21 -1.74
C ASN A 18 11.96 7.66 -1.22
N MET A 19 10.79 8.21 -0.87
CA MET A 19 10.73 9.53 -0.23
C MET A 19 10.83 9.43 1.31
N ASP A 20 10.19 8.42 1.90
CA ASP A 20 10.22 8.23 3.37
C ASP A 20 11.39 7.34 3.81
N ASP A 21 11.65 6.28 3.05
CA ASP A 21 12.77 5.35 3.30
C ASP A 21 12.65 4.61 4.65
N GLY A 22 12.91 5.32 5.74
CA GLY A 22 12.85 4.71 7.07
C GLY A 22 11.43 4.31 7.49
N ALA A 23 10.44 5.02 6.98
CA ALA A 23 9.03 4.75 7.31
C ALA A 23 8.30 4.06 6.15
N PRO A 24 7.32 3.18 6.46
CA PRO A 24 6.50 2.51 5.44
C PRO A 24 5.49 3.46 4.80
N VAL A 25 4.82 2.99 3.74
CA VAL A 25 3.88 3.80 2.98
C VAL A 25 2.52 3.92 3.67
N LYS A 26 1.84 5.05 3.46
CA LYS A 26 0.55 5.32 4.10
C LYS A 26 -0.61 5.02 3.13
N THR A 27 -1.73 4.54 3.68
CA THR A 27 -2.90 4.14 2.86
C THR A 27 -3.38 5.26 1.92
N ARG A 28 -3.27 6.52 2.37
CA ARG A 28 -3.70 7.66 1.55
C ARG A 28 -2.89 7.80 0.25
N ASP A 29 -1.56 7.60 0.33
CA ASP A 29 -0.69 7.77 -0.83
C ASP A 29 -1.16 6.92 -2.03
N ILE A 30 -1.55 5.67 -1.77
CA ILE A 30 -2.04 4.78 -2.83
C ILE A 30 -3.37 5.32 -3.41
N ALA A 31 -4.32 5.63 -2.53
CA ALA A 31 -5.64 6.11 -2.94
C ALA A 31 -5.55 7.40 -3.78
N ASP A 32 -4.95 8.43 -3.20
CA ASP A 32 -4.82 9.74 -3.87
C ASP A 32 -4.02 9.66 -5.19
N ALA A 33 -2.92 8.90 -5.20
CA ALA A 33 -2.07 8.79 -6.39
C ALA A 33 -2.71 7.90 -7.49
N ALA A 34 -3.44 6.86 -7.08
CA ALA A 34 -4.10 5.96 -8.02
C ALA A 34 -5.47 6.49 -8.46
N GLY A 35 -6.06 7.37 -7.66
CA GLY A 35 -7.39 7.91 -7.96
C GLY A 35 -8.52 7.02 -7.47
N LEU A 36 -8.22 6.16 -6.49
CA LEU A 36 -9.19 5.20 -5.95
C LEU A 36 -9.79 5.69 -4.62
N SER A 37 -10.78 4.95 -4.12
CA SER A 37 -11.41 5.26 -2.82
C SER A 37 -10.82 4.39 -1.70
N ILE A 38 -10.76 4.94 -0.49
CA ILE A 38 -10.13 4.27 0.66
C ILE A 38 -10.63 2.82 0.86
N TYR A 39 -11.95 2.64 0.86
CA TYR A 39 -12.55 1.29 1.01
C TYR A 39 -11.95 0.29 0.01
N GLN A 40 -11.92 0.65 -1.26
CA GLN A 40 -11.39 -0.26 -2.30
C GLN A 40 -9.87 -0.43 -2.15
N VAL A 41 -9.17 0.64 -1.85
CA VAL A 41 -7.70 0.61 -1.70
C VAL A 41 -7.27 -0.35 -0.58
N ARG A 42 -7.85 -0.18 0.61
CA ARG A 42 -7.50 -1.02 1.76
C ARG A 42 -7.70 -2.51 1.45
N LEU A 43 -8.75 -2.83 0.67
CA LEU A 43 -9.00 -4.22 0.26
C LEU A 43 -7.84 -4.78 -0.54
N TYR A 44 -7.36 -4.01 -1.54
CA TYR A 44 -6.19 -4.41 -2.32
C TYR A 44 -4.97 -4.64 -1.42
N LEU A 45 -4.72 -3.68 -0.53
CA LEU A 45 -3.56 -3.72 0.37
C LEU A 45 -3.61 -4.95 1.29
N GLU A 46 -4.79 -5.24 1.85
CA GLU A 46 -4.99 -6.45 2.66
C GLU A 46 -4.64 -7.72 1.87
N GLN A 47 -5.23 -7.85 0.69
CA GLN A 47 -4.99 -9.01 -0.19
C GLN A 47 -3.51 -9.12 -0.55
N LEU A 48 -2.86 -7.98 -0.83
CA LEU A 48 -1.42 -7.95 -1.13
C LEU A 48 -0.59 -8.50 0.05
N HIS A 49 -0.98 -8.16 1.28
CA HIS A 49 -0.33 -8.72 2.47
C HIS A 49 -0.61 -10.23 2.59
N ASP A 50 -1.84 -10.63 2.28
CA ASP A 50 -2.27 -12.02 2.40
C ASP A 50 -1.54 -12.94 1.41
N VAL A 51 -1.40 -12.48 0.16
CA VAL A 51 -0.72 -13.28 -0.89
C VAL A 51 0.81 -13.22 -0.75
N GLY A 52 1.32 -12.31 0.07
CA GLY A 52 2.77 -12.22 0.30
C GLY A 52 3.46 -11.15 -0.55
N VAL A 53 2.95 -9.93 -0.51
CA VAL A 53 3.54 -8.79 -1.23
C VAL A 53 3.87 -7.63 -0.28
N LEU A 54 2.93 -7.31 0.61
CA LEU A 54 3.11 -6.20 1.56
C LEU A 54 3.30 -6.69 3.00
N GLU A 55 4.17 -5.99 3.73
CA GLU A 55 4.37 -6.19 5.16
C GLU A 55 3.44 -5.25 5.93
N LYS A 56 2.55 -5.83 6.75
CA LYS A 56 1.51 -5.05 7.42
C LYS A 56 2.04 -4.45 8.74
N VAL A 57 2.50 -3.21 8.67
CA VAL A 57 3.13 -2.53 9.81
C VAL A 57 2.11 -1.71 10.61
N ASN A 58 2.33 -1.59 11.93
CA ASN A 58 1.49 -0.77 12.80
C ASN A 58 2.35 0.07 13.74
N ALA A 59 2.54 1.36 13.41
CA ALA A 59 3.33 2.26 14.25
C ALA A 59 2.62 2.58 15.58
N GLY A 60 2.98 1.85 16.63
CA GLY A 60 2.34 2.03 17.93
C GLY A 60 1.01 1.29 18.03
N LYS A 61 -0.09 1.98 17.71
CA LYS A 61 -1.43 1.38 17.77
C LYS A 61 -2.49 2.35 17.23
N GLY A 62 -2.32 3.64 17.52
CA GLY A 62 -3.28 4.65 17.07
C GLY A 62 -3.41 4.75 15.55
N VAL A 63 -2.33 4.43 14.83
CA VAL A 63 -2.35 4.48 13.36
C VAL A 63 -3.11 3.28 12.76
N PRO A 64 -3.90 3.51 11.69
CA PRO A 64 -4.71 2.46 11.04
C PRO A 64 -3.85 1.35 10.39
N GLY A 65 -2.71 1.73 9.83
CA GLY A 65 -1.82 0.75 9.20
C GLY A 65 -0.73 1.38 8.34
N LEU A 66 0.36 0.66 8.16
CA LEU A 66 1.48 1.10 7.31
C LEU A 66 1.94 -0.04 6.38
N TRP A 67 2.23 0.28 5.12
CA TRP A 67 2.49 -0.76 4.10
C TRP A 67 3.93 -0.70 3.57
N ARG A 68 4.63 -1.83 3.69
CA ARG A 68 6.02 -1.96 3.23
C ARG A 68 6.18 -3.19 2.31
N LEU A 69 6.48 -2.99 1.03
CA LEU A 69 6.61 -4.12 0.09
C LEU A 69 7.78 -5.05 0.48
N LEU A 70 7.64 -6.33 0.15
CA LEU A 70 8.67 -7.32 0.47
C LEU A 70 9.77 -7.36 -0.60
N GLU A 71 10.94 -7.90 -0.23
CA GLU A 71 12.09 -8.00 -1.14
C GLU A 71 11.80 -8.87 -2.38
N MET A 1 -8.93 -5.33 -19.40
CA MET A 1 -8.05 -4.24 -18.89
C MET A 1 -6.57 -4.60 -19.10
N SER A 2 -5.91 -3.91 -20.03
CA SER A 2 -4.50 -4.17 -20.35
C SER A 2 -3.56 -3.72 -19.23
N GLU A 3 -3.78 -2.51 -18.73
CA GLU A 3 -2.96 -1.96 -17.64
C GLU A 3 -3.42 -2.52 -16.28
N SER A 4 -2.52 -2.49 -15.30
CA SER A 4 -2.79 -3.07 -13.97
C SER A 4 -2.80 -2.01 -12.87
N ILE A 5 -3.97 -1.75 -12.31
CA ILE A 5 -4.10 -0.86 -11.15
C ILE A 5 -3.40 -1.47 -9.93
N VAL A 6 -3.43 -2.80 -9.84
CA VAL A 6 -2.74 -3.53 -8.77
C VAL A 6 -1.22 -3.24 -8.78
N THR A 7 -0.58 -3.45 -9.93
CA THR A 7 0.85 -3.15 -10.07
C THR A 7 1.12 -1.65 -9.87
N LYS A 8 0.16 -0.82 -10.27
CA LYS A 8 0.25 0.63 -10.05
C LYS A 8 0.36 0.95 -8.55
N ILE A 9 -0.54 0.36 -7.76
CA ILE A 9 -0.52 0.51 -6.29
C ILE A 9 0.83 0.07 -5.70
N ILE A 10 1.29 -1.12 -6.10
CA ILE A 10 2.59 -1.64 -5.65
C ILE A 10 3.73 -0.63 -5.94
N SER A 11 3.69 -0.03 -7.12
CA SER A 11 4.69 0.98 -7.52
C SER A 11 4.63 2.20 -6.60
N ILE A 12 3.41 2.66 -6.30
CA ILE A 12 3.20 3.79 -5.39
C ILE A 12 3.75 3.49 -3.99
N VAL A 13 3.50 2.27 -3.50
CA VAL A 13 4.00 1.83 -2.20
C VAL A 13 5.54 1.90 -2.14
N GLN A 14 6.21 1.31 -3.13
CA GLN A 14 7.67 1.34 -3.20
C GLN A 14 8.19 2.79 -3.40
N GLU A 15 7.51 3.54 -4.25
CA GLU A 15 7.89 4.94 -4.51
C GLU A 15 8.04 5.73 -3.20
N ARG A 16 7.01 5.69 -2.35
CA ARG A 16 7.04 6.37 -1.05
C ARG A 16 8.23 5.90 -0.19
N GLN A 17 8.44 4.58 -0.11
CA GLN A 17 9.52 4.01 0.72
C GLN A 17 10.91 4.41 0.18
N ASN A 18 11.06 4.45 -1.14
CA ASN A 18 12.35 4.75 -1.77
C ASN A 18 12.67 6.26 -1.74
N MET A 19 11.66 7.09 -1.99
CA MET A 19 11.86 8.55 -2.06
C MET A 19 12.02 9.17 -0.65
N ASP A 20 11.16 8.78 0.28
CA ASP A 20 11.24 9.29 1.65
C ASP A 20 12.30 8.52 2.46
N ASP A 21 12.55 7.27 2.05
CA ASP A 21 13.55 6.40 2.67
C ASP A 21 13.18 6.01 4.11
N GLY A 22 12.74 4.76 4.28
CA GLY A 22 12.40 4.24 5.60
C GLY A 22 10.93 4.44 5.98
N ALA A 23 10.33 5.52 5.50
CA ALA A 23 8.95 5.89 5.85
C ALA A 23 7.92 4.81 5.42
N PRO A 24 6.91 4.54 6.28
CA PRO A 24 5.79 3.65 5.94
C PRO A 24 4.72 4.34 5.08
N VAL A 25 4.09 3.59 4.18
CA VAL A 25 3.12 4.14 3.24
C VAL A 25 1.70 4.22 3.85
N LYS A 26 1.02 5.33 3.59
CA LYS A 26 -0.35 5.54 4.07
C LYS A 26 -1.37 5.22 2.97
N THR A 27 -2.51 4.66 3.36
CA THR A 27 -3.60 4.37 2.41
C THR A 27 -4.03 5.64 1.66
N ARG A 28 -3.96 6.79 2.34
CA ARG A 28 -4.26 8.09 1.74
C ARG A 28 -3.40 8.37 0.50
N ASP A 29 -2.06 8.36 0.67
CA ASP A 29 -1.15 8.63 -0.45
C ASP A 29 -1.42 7.69 -1.64
N ILE A 30 -1.66 6.41 -1.36
CA ILE A 30 -1.99 5.44 -2.40
C ILE A 30 -3.32 5.80 -3.10
N ALA A 31 -4.32 6.18 -2.30
CA ALA A 31 -5.65 6.53 -2.83
C ALA A 31 -5.59 7.70 -3.80
N ASP A 32 -4.92 8.79 -3.39
CA ASP A 32 -4.77 9.98 -4.23
C ASP A 32 -3.92 9.69 -5.48
N ALA A 33 -2.82 8.96 -5.31
CA ALA A 33 -1.92 8.63 -6.43
C ALA A 33 -2.56 7.64 -7.42
N ALA A 34 -3.36 6.70 -6.92
CA ALA A 34 -4.03 5.71 -7.77
C ALA A 34 -5.39 6.22 -8.29
N GLY A 35 -5.99 7.17 -7.57
CA GLY A 35 -7.29 7.71 -7.95
C GLY A 35 -8.46 6.79 -7.55
N LEU A 36 -8.34 6.16 -6.39
CA LEU A 36 -9.36 5.21 -5.90
C LEU A 36 -9.92 5.63 -4.53
N SER A 37 -10.93 4.89 -4.06
CA SER A 37 -11.52 5.15 -2.73
C SER A 37 -10.77 4.40 -1.62
N ILE A 38 -10.67 5.02 -0.44
CA ILE A 38 -9.92 4.44 0.70
C ILE A 38 -10.27 2.96 0.94
N TYR A 39 -11.58 2.67 1.03
CA TYR A 39 -12.07 1.30 1.21
C TYR A 39 -11.52 0.36 0.11
N GLN A 40 -11.77 0.72 -1.15
CA GLN A 40 -11.31 -0.06 -2.31
C GLN A 40 -9.78 -0.28 -2.26
N VAL A 41 -9.04 0.80 -2.04
CA VAL A 41 -7.57 0.75 -1.99
C VAL A 41 -7.10 -0.29 -0.97
N ARG A 42 -7.58 -0.19 0.27
CA ARG A 42 -7.12 -1.08 1.33
C ARG A 42 -7.53 -2.54 1.07
N LEU A 43 -8.62 -2.74 0.32
CA LEU A 43 -9.01 -4.09 -0.09
C LEU A 43 -7.89 -4.75 -0.90
N TYR A 44 -7.36 -4.02 -1.89
CA TYR A 44 -6.22 -4.50 -2.68
C TYR A 44 -4.95 -4.63 -1.82
N LEU A 45 -4.80 -3.73 -0.84
CA LEU A 45 -3.66 -3.80 0.09
C LEU A 45 -3.70 -5.09 0.92
N GLU A 46 -4.87 -5.42 1.46
CA GLU A 46 -5.07 -6.69 2.16
C GLU A 46 -4.69 -7.88 1.27
N GLN A 47 -5.19 -7.88 0.03
CA GLN A 47 -4.86 -8.94 -0.95
C GLN A 47 -3.35 -9.05 -1.15
N LEU A 48 -2.69 -7.92 -1.42
CA LEU A 48 -1.23 -7.88 -1.59
C LEU A 48 -0.51 -8.38 -0.34
N HIS A 49 -1.11 -8.19 0.83
CA HIS A 49 -0.60 -8.73 2.09
C HIS A 49 -0.66 -10.26 2.10
N ASP A 50 -1.79 -10.83 1.68
CA ASP A 50 -2.01 -12.28 1.71
C ASP A 50 -1.34 -13.02 0.54
N VAL A 51 -1.08 -12.34 -0.57
CA VAL A 51 -0.42 -12.97 -1.72
C VAL A 51 1.12 -12.84 -1.63
N GLY A 52 1.60 -12.31 -0.51
CA GLY A 52 3.04 -12.19 -0.28
C GLY A 52 3.68 -11.02 -1.02
N VAL A 53 3.21 -9.80 -0.76
CA VAL A 53 3.79 -8.59 -1.37
C VAL A 53 4.05 -7.50 -0.32
N LEU A 54 3.03 -7.16 0.46
CA LEU A 54 3.13 -6.05 1.43
C LEU A 54 3.47 -6.52 2.85
N GLU A 55 4.26 -5.72 3.54
CA GLU A 55 4.67 -5.98 4.93
C GLU A 55 3.86 -5.11 5.92
N LYS A 56 3.71 -5.59 7.16
CA LYS A 56 2.90 -4.89 8.17
C LYS A 56 3.78 -4.04 9.08
N VAL A 57 3.54 -2.73 9.11
CA VAL A 57 4.34 -1.81 9.93
C VAL A 57 3.55 -1.27 11.13
N ASN A 58 3.90 -1.75 12.32
CA ASN A 58 3.31 -1.24 13.56
C ASN A 58 4.12 -0.05 14.10
N ALA A 59 3.61 1.16 13.87
CA ALA A 59 4.31 2.39 14.27
C ALA A 59 4.19 2.67 15.79
N GLY A 60 3.33 1.94 16.48
CA GLY A 60 3.15 2.14 17.91
C GLY A 60 1.91 1.47 18.46
N LYS A 61 1.70 1.59 19.77
CA LYS A 61 0.54 0.97 20.45
C LYS A 61 -0.74 1.76 20.18
N GLY A 62 -1.52 1.35 19.19
CA GLY A 62 -2.76 2.05 18.87
C GLY A 62 -3.03 2.11 17.36
N VAL A 63 -1.98 1.99 16.55
CA VAL A 63 -2.13 1.99 15.10
C VAL A 63 -2.58 0.61 14.58
N PRO A 64 -3.53 0.57 13.62
CA PRO A 64 -4.00 -0.70 13.03
C PRO A 64 -2.89 -1.42 12.24
N GLY A 65 -2.20 -0.68 11.37
CA GLY A 65 -1.12 -1.25 10.58
C GLY A 65 -0.79 -0.43 9.34
N LEU A 66 0.43 0.09 9.26
CA LEU A 66 0.90 0.85 8.10
C LEU A 66 1.51 -0.09 7.05
N TRP A 67 1.59 0.37 5.80
CA TRP A 67 1.95 -0.52 4.69
C TRP A 67 3.38 -0.31 4.15
N ARG A 68 4.10 -1.41 3.98
CA ARG A 68 5.39 -1.43 3.28
C ARG A 68 5.47 -2.68 2.38
N LEU A 69 6.66 -2.98 1.85
CA LEU A 69 6.84 -4.18 1.02
C LEU A 69 7.78 -5.19 1.70
N LEU A 70 7.85 -6.41 1.16
CA LEU A 70 8.76 -7.42 1.70
C LEU A 70 10.23 -7.04 1.45
N GLU A 71 10.83 -6.37 2.44
CA GLU A 71 12.21 -5.86 2.32
C GLU A 71 13.23 -6.97 2.62
N MET A 1 -6.07 -11.48 -13.16
CA MET A 1 -7.10 -10.81 -13.98
C MET A 1 -7.26 -9.33 -13.59
N SER A 2 -6.84 -8.43 -14.49
CA SER A 2 -7.03 -6.98 -14.32
C SER A 2 -6.20 -6.40 -13.17
N GLU A 3 -5.03 -6.98 -12.89
CA GLU A 3 -4.16 -6.50 -11.80
C GLU A 3 -3.10 -5.49 -12.29
N SER A 4 -3.24 -5.00 -13.53
CA SER A 4 -2.33 -3.95 -14.05
C SER A 4 -2.39 -2.69 -13.19
N ILE A 5 -3.60 -2.33 -12.75
CA ILE A 5 -3.80 -1.20 -11.83
C ILE A 5 -3.11 -1.48 -10.49
N VAL A 6 -3.06 -2.76 -10.10
CA VAL A 6 -2.39 -3.17 -8.86
C VAL A 6 -0.86 -2.99 -8.98
N THR A 7 -0.33 -3.24 -10.18
CA THR A 7 1.09 -2.95 -10.47
C THR A 7 1.42 -1.50 -10.11
N LYS A 8 0.53 -0.58 -10.47
CA LYS A 8 0.66 0.83 -10.10
C LYS A 8 0.66 0.99 -8.57
N ILE A 9 -0.30 0.36 -7.90
CA ILE A 9 -0.39 0.39 -6.43
C ILE A 9 0.93 -0.03 -5.77
N ILE A 10 1.51 -1.12 -6.25
CA ILE A 10 2.81 -1.61 -5.76
C ILE A 10 3.92 -0.57 -6.02
N SER A 11 3.94 -0.02 -7.24
CA SER A 11 4.95 1.00 -7.61
C SER A 11 4.73 2.32 -6.85
N ILE A 12 3.53 2.51 -6.29
CA ILE A 12 3.27 3.66 -5.41
C ILE A 12 3.91 3.43 -4.02
N VAL A 13 3.74 2.21 -3.49
CA VAL A 13 4.39 1.84 -2.23
C VAL A 13 5.92 1.94 -2.37
N GLN A 14 6.43 1.48 -3.52
CA GLN A 14 7.86 1.63 -3.85
C GLN A 14 8.24 3.11 -4.00
N GLU A 15 7.40 3.86 -4.73
CA GLU A 15 7.61 5.30 -4.94
C GLU A 15 7.86 6.04 -3.61
N ARG A 16 6.96 5.85 -2.64
CA ARG A 16 7.11 6.48 -1.33
C ARG A 16 8.39 6.01 -0.61
N GLN A 17 8.74 4.73 -0.75
CA GLN A 17 10.00 4.22 -0.16
C GLN A 17 11.23 4.68 -0.96
N ASN A 18 11.02 5.21 -2.17
CA ASN A 18 12.08 5.85 -2.94
C ASN A 18 12.28 7.30 -2.48
N MET A 19 11.16 8.02 -2.31
CA MET A 19 11.19 9.40 -1.81
C MET A 19 11.58 9.42 -0.32
N ASP A 20 10.71 8.85 0.52
CA ASP A 20 11.00 8.70 1.95
C ASP A 20 11.89 7.46 2.18
N ASP A 21 13.18 7.70 2.41
CA ASP A 21 14.18 6.62 2.49
C ASP A 21 13.79 5.50 3.47
N GLY A 22 13.19 4.44 2.92
CA GLY A 22 12.84 3.27 3.71
C GLY A 22 11.76 3.53 4.76
N ALA A 23 10.84 4.43 4.45
CA ALA A 23 9.75 4.77 5.38
C ALA A 23 8.46 4.01 5.05
N PRO A 24 7.66 3.65 6.08
CA PRO A 24 6.37 2.95 5.88
C PRO A 24 5.33 3.83 5.14
N VAL A 25 4.70 3.25 4.13
CA VAL A 25 3.73 3.98 3.29
C VAL A 25 2.35 4.02 3.92
N LYS A 26 1.62 5.11 3.68
CA LYS A 26 0.26 5.29 4.24
C LYS A 26 -0.82 4.96 3.21
N THR A 27 -1.94 4.42 3.67
CA THR A 27 -3.08 4.10 2.79
C THR A 27 -3.58 5.34 2.01
N ARG A 28 -3.47 6.52 2.62
CA ARG A 28 -3.89 7.77 1.98
C ARG A 28 -3.11 8.05 0.68
N ASP A 29 -1.77 8.05 0.78
CA ASP A 29 -0.91 8.29 -0.38
C ASP A 29 -1.27 7.34 -1.55
N ILE A 30 -1.41 6.06 -1.23
CA ILE A 30 -1.77 5.05 -2.23
C ILE A 30 -3.13 5.36 -2.88
N ALA A 31 -4.10 5.74 -2.06
CA ALA A 31 -5.45 6.05 -2.54
C ALA A 31 -5.46 7.26 -3.52
N ASP A 32 -4.90 8.39 -3.08
CA ASP A 32 -4.82 9.58 -3.92
C ASP A 32 -3.96 9.37 -5.17
N ALA A 33 -2.81 8.72 -5.01
CA ALA A 33 -1.90 8.43 -6.12
C ALA A 33 -2.56 7.52 -7.17
N ALA A 34 -3.35 6.54 -6.71
CA ALA A 34 -4.09 5.65 -7.60
C ALA A 34 -5.43 6.28 -8.04
N GLY A 35 -5.88 7.29 -7.30
CA GLY A 35 -7.13 7.97 -7.62
C GLY A 35 -8.38 7.21 -7.18
N LEU A 36 -8.22 6.29 -6.24
CA LEU A 36 -9.32 5.42 -5.79
C LEU A 36 -9.77 5.73 -4.35
N SER A 37 -10.81 5.04 -3.89
CA SER A 37 -11.36 5.23 -2.54
C SER A 37 -10.57 4.43 -1.49
N ILE A 38 -10.47 4.97 -0.27
CA ILE A 38 -9.74 4.32 0.83
C ILE A 38 -10.14 2.85 1.04
N TYR A 39 -11.44 2.60 1.15
CA TYR A 39 -11.94 1.23 1.39
C TYR A 39 -11.56 0.28 0.24
N GLN A 40 -11.82 0.70 -0.99
CA GLN A 40 -11.48 -0.10 -2.17
C GLN A 40 -9.97 -0.40 -2.22
N VAL A 41 -9.15 0.63 -2.06
CA VAL A 41 -7.69 0.49 -1.99
C VAL A 41 -7.30 -0.50 -0.88
N ARG A 42 -7.90 -0.33 0.30
CA ARG A 42 -7.66 -1.22 1.43
C ARG A 42 -7.88 -2.69 1.04
N LEU A 43 -8.97 -2.96 0.31
CA LEU A 43 -9.28 -4.32 -0.15
C LEU A 43 -8.10 -4.92 -0.93
N TYR A 44 -7.56 -4.13 -1.86
CA TYR A 44 -6.38 -4.54 -2.63
C TYR A 44 -5.17 -4.77 -1.72
N LEU A 45 -4.93 -3.82 -0.82
CA LEU A 45 -3.77 -3.88 0.09
C LEU A 45 -3.83 -5.13 0.99
N GLU A 46 -5.03 -5.44 1.49
CA GLU A 46 -5.23 -6.65 2.32
C GLU A 46 -4.85 -7.92 1.56
N GLN A 47 -5.23 -7.98 0.27
CA GLN A 47 -4.89 -9.13 -0.57
C GLN A 47 -3.38 -9.13 -0.92
N LEU A 48 -2.81 -7.95 -1.06
CA LEU A 48 -1.35 -7.82 -1.29
C LEU A 48 -0.56 -8.30 -0.07
N HIS A 49 -1.15 -8.18 1.12
CA HIS A 49 -0.56 -8.73 2.33
C HIS A 49 -0.71 -10.26 2.36
N ASP A 50 -1.76 -10.76 1.71
CA ASP A 50 -2.05 -12.19 1.65
C ASP A 50 -1.10 -12.93 0.70
N VAL A 51 -0.97 -12.43 -0.53
CA VAL A 51 -0.15 -13.09 -1.56
C VAL A 51 1.37 -12.91 -1.33
N GLY A 52 1.74 -12.03 -0.39
CA GLY A 52 3.15 -11.84 -0.05
C GLY A 52 3.81 -10.68 -0.77
N VAL A 53 3.17 -9.51 -0.73
CA VAL A 53 3.72 -8.28 -1.32
C VAL A 53 3.93 -7.19 -0.26
N LEU A 54 2.88 -6.90 0.51
CA LEU A 54 2.93 -5.83 1.53
C LEU A 54 2.78 -6.38 2.95
N GLU A 55 3.43 -5.72 3.90
CA GLU A 55 3.29 -6.06 5.32
C GLU A 55 2.54 -4.94 6.09
N LYS A 56 1.57 -5.33 6.90
CA LYS A 56 0.74 -4.40 7.65
C LYS A 56 1.42 -4.00 8.97
N VAL A 57 2.08 -2.85 8.97
CA VAL A 57 2.80 -2.36 10.15
C VAL A 57 1.84 -1.95 11.28
N ASN A 58 1.87 -2.71 12.37
CA ASN A 58 1.02 -2.45 13.54
C ASN A 58 1.83 -2.60 14.85
N ALA A 59 1.97 -1.50 15.59
CA ALA A 59 2.77 -1.49 16.83
C ALA A 59 1.90 -1.46 18.10
N GLY A 60 0.65 -1.90 17.99
CA GLY A 60 -0.24 -1.92 19.15
C GLY A 60 -1.71 -1.89 18.77
N LYS A 61 -2.58 -2.01 19.75
CA LYS A 61 -4.03 -2.00 19.51
C LYS A 61 -4.56 -0.59 19.20
N GLY A 62 -5.16 -0.43 18.03
CA GLY A 62 -5.69 0.87 17.63
C GLY A 62 -4.61 1.90 17.27
N VAL A 63 -3.66 1.50 16.43
CA VAL A 63 -2.60 2.40 15.96
C VAL A 63 -2.67 2.62 14.44
N PRO A 64 -2.05 3.71 13.93
CA PRO A 64 -2.02 4.00 12.47
C PRO A 64 -1.53 2.81 11.63
N GLY A 65 -2.39 2.35 10.72
CA GLY A 65 -2.04 1.22 9.86
C GLY A 65 -1.11 1.61 8.72
N LEU A 66 0.16 1.22 8.84
CA LEU A 66 1.17 1.56 7.82
C LEU A 66 1.56 0.32 6.99
N TRP A 67 2.16 0.54 5.82
CA TRP A 67 2.50 -0.56 4.90
C TRP A 67 4.00 -0.56 4.55
N ARG A 68 4.62 -1.74 4.61
CA ARG A 68 5.99 -1.93 4.14
C ARG A 68 6.08 -3.11 3.16
N LEU A 69 6.54 -2.85 1.95
CA LEU A 69 6.68 -3.91 0.94
C LEU A 69 7.82 -4.89 1.29
N LEU A 70 7.65 -6.15 0.91
CA LEU A 70 8.62 -7.20 1.24
C LEU A 70 9.82 -7.19 0.28
N GLU A 71 10.81 -6.35 0.59
CA GLU A 71 12.06 -6.26 -0.20
C GLU A 71 11.82 -5.86 -1.67
N MET A 1 -3.59 -3.82 -23.70
CA MET A 1 -3.79 -3.03 -22.46
C MET A 1 -2.69 -3.32 -21.43
N SER A 2 -2.78 -4.46 -20.75
CA SER A 2 -1.83 -4.84 -19.69
C SER A 2 -1.83 -3.83 -18.53
N GLU A 3 -2.87 -3.00 -18.47
CA GLU A 3 -2.99 -1.97 -17.44
C GLU A 3 -3.55 -2.57 -16.14
N SER A 4 -2.64 -2.96 -15.25
CA SER A 4 -3.01 -3.61 -13.98
C SER A 4 -2.94 -2.63 -12.80
N ILE A 5 -4.08 -2.37 -12.18
CA ILE A 5 -4.17 -1.46 -11.03
C ILE A 5 -3.29 -1.92 -9.86
N VAL A 6 -3.27 -3.23 -9.60
CA VAL A 6 -2.50 -3.79 -8.48
C VAL A 6 -0.99 -3.52 -8.62
N THR A 7 -0.43 -3.86 -9.79
CA THR A 7 0.99 -3.61 -10.07
C THR A 7 1.34 -2.12 -9.90
N LYS A 8 0.42 -1.24 -10.31
CA LYS A 8 0.61 0.20 -10.14
C LYS A 8 0.64 0.58 -8.65
N ILE A 9 -0.27 0.00 -7.88
CA ILE A 9 -0.31 0.22 -6.43
C ILE A 9 1.01 -0.23 -5.75
N ILE A 10 1.51 -1.40 -6.14
CA ILE A 10 2.80 -1.89 -5.64
C ILE A 10 3.92 -0.88 -5.94
N SER A 11 3.94 -0.37 -7.17
CA SER A 11 4.92 0.64 -7.59
C SER A 11 4.73 1.97 -6.86
N ILE A 12 3.50 2.28 -6.47
CA ILE A 12 3.22 3.48 -5.66
C ILE A 12 3.90 3.37 -4.27
N VAL A 13 3.78 2.18 -3.66
CA VAL A 13 4.46 1.91 -2.39
C VAL A 13 5.97 2.13 -2.50
N GLN A 14 6.56 1.58 -3.57
CA GLN A 14 7.99 1.76 -3.86
C GLN A 14 8.32 3.24 -4.08
N GLU A 15 7.50 3.91 -4.88
CA GLU A 15 7.69 5.32 -5.20
C GLU A 15 7.74 6.19 -3.93
N ARG A 16 6.79 5.96 -3.02
CA ARG A 16 6.74 6.69 -1.75
C ARG A 16 8.01 6.46 -0.90
N GLN A 17 8.55 5.24 -0.94
CA GLN A 17 9.80 4.94 -0.22
C GLN A 17 11.02 5.51 -0.96
N ASN A 18 10.89 5.76 -2.27
CA ASN A 18 11.90 6.50 -3.02
C ASN A 18 11.91 7.98 -2.60
N MET A 19 10.72 8.50 -2.32
CA MET A 19 10.54 9.86 -1.83
C MET A 19 11.13 10.03 -0.40
N ASP A 20 10.75 9.12 0.49
CA ASP A 20 11.26 9.10 1.86
C ASP A 20 11.92 7.74 2.17
N ASP A 21 13.23 7.77 2.43
CA ASP A 21 14.05 6.55 2.61
C ASP A 21 13.33 5.44 3.40
N GLY A 22 12.84 5.79 4.59
CA GLY A 22 12.19 4.80 5.46
C GLY A 22 10.76 5.16 5.81
N ALA A 23 9.94 5.41 4.79
CA ALA A 23 8.53 5.76 5.01
C ALA A 23 7.59 4.57 4.76
N PRO A 24 6.97 4.02 5.82
CA PRO A 24 5.90 3.03 5.68
C PRO A 24 4.62 3.69 5.12
N VAL A 25 4.14 3.18 3.99
CA VAL A 25 3.11 3.88 3.20
C VAL A 25 1.70 3.67 3.79
N LYS A 26 0.90 4.72 3.76
CA LYS A 26 -0.47 4.67 4.28
C LYS A 26 -1.48 4.44 3.15
N THR A 27 -2.60 3.80 3.49
CA THR A 27 -3.69 3.58 2.53
C THR A 27 -4.13 4.89 1.86
N ARG A 28 -4.13 5.98 2.64
CA ARG A 28 -4.54 7.30 2.14
C ARG A 28 -3.60 7.82 1.04
N ASP A 29 -2.29 7.68 1.26
CA ASP A 29 -1.28 8.11 0.28
C ASP A 29 -1.40 7.34 -1.05
N ILE A 30 -1.65 6.03 -0.95
CA ILE A 30 -1.83 5.19 -2.14
C ILE A 30 -3.10 5.59 -2.91
N ALA A 31 -4.18 5.83 -2.18
CA ALA A 31 -5.43 6.33 -2.77
C ALA A 31 -5.20 7.70 -3.45
N ASP A 32 -4.37 8.52 -2.81
CA ASP A 32 -3.98 9.83 -3.34
C ASP A 32 -3.24 9.69 -4.69
N ALA A 33 -2.26 8.80 -4.75
CA ALA A 33 -1.49 8.58 -5.97
C ALA A 33 -2.34 7.91 -7.07
N ALA A 34 -3.01 6.83 -6.74
CA ALA A 34 -3.82 6.05 -7.69
C ALA A 34 -5.12 6.79 -8.09
N GLY A 35 -5.54 7.74 -7.25
CA GLY A 35 -6.79 8.46 -7.51
C GLY A 35 -8.03 7.61 -7.25
N LEU A 36 -7.99 6.83 -6.17
CA LEU A 36 -9.09 5.91 -5.82
C LEU A 36 -9.62 6.21 -4.41
N SER A 37 -10.68 5.53 -4.01
CA SER A 37 -11.25 5.69 -2.67
C SER A 37 -10.52 4.80 -1.64
N ILE A 38 -10.54 5.23 -0.38
CA ILE A 38 -9.80 4.55 0.69
C ILE A 38 -10.13 3.05 0.78
N TYR A 39 -11.40 2.69 0.82
CA TYR A 39 -11.81 1.28 1.00
C TYR A 39 -11.40 0.42 -0.21
N GLN A 40 -11.64 0.92 -1.41
CA GLN A 40 -11.23 0.24 -2.65
C GLN A 40 -9.74 -0.14 -2.59
N VAL A 41 -8.89 0.85 -2.35
CA VAL A 41 -7.45 0.62 -2.17
C VAL A 41 -7.18 -0.31 -0.98
N ARG A 42 -7.93 -0.10 0.11
CA ARG A 42 -7.81 -0.92 1.33
C ARG A 42 -7.93 -2.42 0.99
N LEU A 43 -8.88 -2.73 0.10
CA LEU A 43 -9.07 -4.11 -0.36
C LEU A 43 -7.85 -4.64 -1.10
N TYR A 44 -7.38 -3.89 -2.10
CA TYR A 44 -6.19 -4.28 -2.87
C TYR A 44 -4.98 -4.49 -1.95
N LEU A 45 -4.87 -3.65 -0.91
CA LEU A 45 -3.78 -3.74 0.06
C LEU A 45 -3.89 -5.00 0.93
N GLU A 46 -5.11 -5.34 1.35
CA GLU A 46 -5.35 -6.60 2.06
C GLU A 46 -4.97 -7.80 1.18
N GLN A 47 -5.25 -7.70 -0.11
CA GLN A 47 -4.82 -8.72 -1.07
C GLN A 47 -3.30 -8.83 -1.11
N LEU A 48 -2.61 -7.71 -1.33
CA LEU A 48 -1.13 -7.66 -1.30
C LEU A 48 -0.58 -8.16 0.04
N HIS A 49 -1.33 -7.93 1.10
CA HIS A 49 -0.97 -8.41 2.44
C HIS A 49 -0.95 -9.95 2.51
N ASP A 50 -2.03 -10.59 2.05
CA ASP A 50 -2.16 -12.05 2.12
C ASP A 50 -1.31 -12.79 1.06
N VAL A 51 -1.27 -12.28 -0.16
CA VAL A 51 -0.53 -12.94 -1.25
C VAL A 51 0.99 -12.91 -1.01
N GLY A 52 1.45 -12.05 -0.10
CA GLY A 52 2.87 -11.98 0.23
C GLY A 52 3.64 -10.92 -0.52
N VAL A 53 3.10 -9.69 -0.56
CA VAL A 53 3.79 -8.55 -1.19
C VAL A 53 4.07 -7.43 -0.16
N LEU A 54 3.09 -7.18 0.72
CA LEU A 54 3.23 -6.12 1.73
C LEU A 54 3.31 -6.69 3.16
N GLU A 55 4.22 -6.14 3.94
CA GLU A 55 4.35 -6.46 5.37
C GLU A 55 3.51 -5.49 6.21
N LYS A 56 2.89 -6.00 7.29
CA LYS A 56 1.98 -5.17 8.09
C LYS A 56 2.70 -4.51 9.28
N VAL A 57 2.95 -3.21 9.16
CA VAL A 57 3.59 -2.45 10.25
C VAL A 57 2.55 -2.02 11.30
N ASN A 58 2.14 -3.00 12.12
CA ASN A 58 1.19 -2.79 13.22
C ASN A 58 0.87 -4.12 13.93
N ALA A 59 -0.03 -4.92 13.35
CA ALA A 59 -0.43 -6.21 13.93
C ALA A 59 -1.35 -7.03 13.00
N GLY A 60 -0.97 -8.27 12.72
CA GLY A 60 -1.85 -9.22 12.04
C GLY A 60 -2.41 -8.74 10.70
N LYS A 61 -3.70 -8.40 10.68
CA LYS A 61 -4.39 -8.03 9.44
C LYS A 61 -5.69 -7.25 9.73
N GLY A 62 -6.24 -6.58 8.71
CA GLY A 62 -7.48 -5.83 8.86
C GLY A 62 -7.31 -4.50 9.61
N VAL A 63 -6.75 -4.57 10.82
CA VAL A 63 -6.51 -3.37 11.65
C VAL A 63 -5.65 -2.32 10.91
N PRO A 64 -5.84 -1.01 11.24
CA PRO A 64 -5.09 0.09 10.61
C PRO A 64 -3.57 -0.10 10.72
N GLY A 65 -2.94 -0.58 9.65
CA GLY A 65 -1.51 -0.80 9.65
C GLY A 65 -0.79 -0.11 8.51
N LEU A 66 0.47 0.25 8.73
CA LEU A 66 1.27 0.88 7.68
C LEU A 66 1.87 -0.18 6.76
N TRP A 67 1.90 0.11 5.46
CA TRP A 67 2.30 -0.88 4.45
C TRP A 67 3.79 -0.80 4.11
N ARG A 68 4.52 -1.87 4.41
CA ARG A 68 5.96 -1.95 4.14
C ARG A 68 6.25 -3.04 3.09
N LEU A 69 6.67 -2.64 1.89
CA LEU A 69 7.01 -3.62 0.84
C LEU A 69 8.14 -4.57 1.31
N LEU A 70 8.21 -5.75 0.71
CA LEU A 70 9.25 -6.73 1.06
C LEU A 70 10.64 -6.24 0.62
N GLU A 71 11.41 -5.73 1.58
CA GLU A 71 12.77 -5.25 1.34
C GLU A 71 13.83 -6.35 1.64
N MET A 1 -10.43 -6.31 -18.41
CA MET A 1 -10.70 -6.08 -16.97
C MET A 1 -9.43 -5.59 -16.23
N SER A 2 -8.29 -6.19 -16.57
CA SER A 2 -7.02 -5.87 -15.90
C SER A 2 -6.45 -4.53 -16.39
N GLU A 3 -6.99 -3.44 -15.85
CA GLU A 3 -6.55 -2.09 -16.22
C GLU A 3 -5.36 -1.62 -15.37
N SER A 4 -4.38 -2.52 -15.20
CA SER A 4 -3.15 -2.25 -14.42
C SER A 4 -3.42 -1.64 -13.03
N ILE A 5 -4.55 -2.00 -12.43
CA ILE A 5 -4.89 -1.51 -11.08
C ILE A 5 -3.80 -1.90 -10.07
N VAL A 6 -3.40 -3.17 -10.09
CA VAL A 6 -2.36 -3.67 -9.18
C VAL A 6 -1.01 -2.99 -9.47
N THR A 7 -0.63 -2.92 -10.75
CA THR A 7 0.60 -2.22 -11.19
C THR A 7 0.65 -0.79 -10.62
N LYS A 8 -0.47 -0.08 -10.75
CA LYS A 8 -0.59 1.29 -10.23
C LYS A 8 -0.24 1.34 -8.73
N ILE A 9 -0.94 0.53 -7.93
CA ILE A 9 -0.72 0.50 -6.49
C ILE A 9 0.73 0.11 -6.12
N ILE A 10 1.26 -0.92 -6.77
CA ILE A 10 2.63 -1.38 -6.51
C ILE A 10 3.67 -0.27 -6.77
N SER A 11 3.59 0.35 -7.96
CA SER A 11 4.52 1.43 -8.33
C SER A 11 4.49 2.57 -7.30
N ILE A 12 3.30 2.96 -6.85
CA ILE A 12 3.14 4.01 -5.84
C ILE A 12 3.81 3.62 -4.51
N VAL A 13 3.42 2.46 -3.97
CA VAL A 13 3.98 1.95 -2.70
C VAL A 13 5.51 1.85 -2.77
N GLN A 14 6.01 1.37 -3.91
CA GLN A 14 7.46 1.24 -4.13
C GLN A 14 8.15 2.61 -4.16
N GLU A 15 7.64 3.51 -5.02
CA GLU A 15 8.18 4.87 -5.15
C GLU A 15 8.29 5.57 -3.78
N ARG A 16 7.19 5.51 -3.01
CA ARG A 16 7.14 6.10 -1.67
C ARG A 16 8.27 5.58 -0.77
N GLN A 17 8.43 4.27 -0.70
CA GLN A 17 9.46 3.65 0.16
C GLN A 17 10.89 3.97 -0.31
N ASN A 18 11.03 4.43 -1.55
CA ASN A 18 12.32 4.95 -2.03
C ASN A 18 12.54 6.38 -1.53
N MET A 19 11.46 7.12 -1.33
CA MET A 19 11.54 8.48 -0.77
C MET A 19 11.40 8.48 0.76
N ASP A 20 10.19 8.25 1.26
CA ASP A 20 9.95 8.17 2.70
C ASP A 20 10.18 6.73 3.22
N ASP A 21 11.45 6.38 3.37
CA ASP A 21 11.85 5.05 3.84
C ASP A 21 11.87 4.98 5.37
N GLY A 22 12.12 6.13 6.00
CA GLY A 22 12.19 6.20 7.46
C GLY A 22 10.82 6.18 8.14
N ALA A 23 9.75 6.18 7.35
CA ALA A 23 8.39 6.14 7.89
C ALA A 23 7.43 5.45 6.92
N PRO A 24 6.78 4.34 7.34
CA PRO A 24 5.85 3.57 6.48
C PRO A 24 4.75 4.44 5.83
N VAL A 25 4.25 4.00 4.68
CA VAL A 25 3.31 4.79 3.87
C VAL A 25 1.87 4.72 4.40
N LYS A 26 1.09 5.79 4.20
CA LYS A 26 -0.31 5.83 4.65
C LYS A 26 -1.28 5.46 3.53
N THR A 27 -2.44 4.90 3.90
CA THR A 27 -3.48 4.53 2.92
C THR A 27 -3.91 5.73 2.06
N ARG A 28 -3.95 6.91 2.67
CA ARG A 28 -4.40 8.14 1.98
C ARG A 28 -3.55 8.41 0.73
N ASP A 29 -2.25 8.55 0.94
CA ASP A 29 -1.30 8.87 -0.14
C ASP A 29 -1.40 7.90 -1.32
N ILE A 30 -1.50 6.61 -1.03
CA ILE A 30 -1.63 5.58 -2.07
C ILE A 30 -2.95 5.76 -2.85
N ALA A 31 -4.04 5.96 -2.12
CA ALA A 31 -5.37 6.15 -2.73
C ALA A 31 -5.41 7.43 -3.59
N ASP A 32 -4.84 8.51 -3.07
CA ASP A 32 -4.79 9.79 -3.78
C ASP A 32 -4.00 9.67 -5.08
N ALA A 33 -2.81 9.05 -5.02
CA ALA A 33 -1.95 8.87 -6.19
C ALA A 33 -2.57 7.90 -7.21
N ALA A 34 -3.36 6.94 -6.72
CA ALA A 34 -4.05 5.98 -7.58
C ALA A 34 -5.42 6.49 -8.07
N GLY A 35 -5.92 7.53 -7.40
CA GLY A 35 -7.24 8.08 -7.74
C GLY A 35 -8.38 7.15 -7.31
N LEU A 36 -8.14 6.36 -6.28
CA LEU A 36 -9.13 5.37 -5.80
C LEU A 36 -9.57 5.65 -4.36
N SER A 37 -10.53 4.87 -3.88
CA SER A 37 -11.05 5.02 -2.51
C SER A 37 -10.16 4.36 -1.46
N ILE A 38 -10.15 4.93 -0.26
CA ILE A 38 -9.43 4.35 0.89
C ILE A 38 -9.81 2.88 1.09
N TYR A 39 -11.10 2.58 0.92
CA TYR A 39 -11.62 1.22 1.09
C TYR A 39 -11.06 0.25 0.04
N GLN A 40 -11.24 0.58 -1.25
CA GLN A 40 -10.79 -0.27 -2.35
C GLN A 40 -9.27 -0.53 -2.29
N VAL A 41 -8.50 0.54 -2.16
CA VAL A 41 -7.05 0.45 -2.09
C VAL A 41 -6.59 -0.48 -0.95
N ARG A 42 -7.17 -0.27 0.24
CA ARG A 42 -6.84 -1.10 1.41
C ARG A 42 -7.09 -2.60 1.13
N LEU A 43 -8.16 -2.89 0.41
CA LEU A 43 -8.49 -4.28 0.04
C LEU A 43 -7.35 -4.92 -0.76
N TYR A 44 -6.83 -4.20 -1.74
CA TYR A 44 -5.70 -4.69 -2.54
C TYR A 44 -4.42 -4.81 -1.70
N LEU A 45 -4.15 -3.80 -0.87
CA LEU A 45 -2.93 -3.77 -0.06
C LEU A 45 -2.87 -4.96 0.92
N GLU A 46 -3.97 -5.19 1.63
CA GLU A 46 -4.04 -6.29 2.59
C GLU A 46 -3.97 -7.67 1.90
N GLN A 47 -4.66 -7.81 0.76
CA GLN A 47 -4.60 -9.05 -0.03
C GLN A 47 -3.17 -9.32 -0.53
N LEU A 48 -2.47 -8.28 -0.98
CA LEU A 48 -1.08 -8.41 -1.41
C LEU A 48 -0.19 -8.91 -0.25
N HIS A 49 -0.52 -8.51 0.97
CA HIS A 49 0.16 -9.06 2.15
C HIS A 49 -0.16 -10.55 2.32
N ASP A 50 -1.44 -10.90 2.27
CA ASP A 50 -1.90 -12.28 2.49
C ASP A 50 -1.29 -13.25 1.45
N VAL A 51 -1.06 -12.76 0.22
CA VAL A 51 -0.49 -13.60 -0.85
C VAL A 51 1.06 -13.56 -0.89
N GLY A 52 1.67 -12.82 0.04
CA GLY A 52 3.13 -12.77 0.12
C GLY A 52 3.78 -11.72 -0.77
N VAL A 53 3.30 -10.48 -0.68
CA VAL A 53 3.89 -9.35 -1.43
C VAL A 53 4.19 -8.16 -0.50
N LEU A 54 3.15 -7.65 0.17
CA LEU A 54 3.30 -6.51 1.09
C LEU A 54 3.26 -6.94 2.56
N GLU A 55 3.42 -5.98 3.48
CA GLU A 55 3.43 -6.26 4.92
C GLU A 55 2.62 -5.20 5.69
N LYS A 56 1.95 -5.65 6.76
CA LYS A 56 1.04 -4.80 7.55
C LYS A 56 1.74 -4.06 8.70
N VAL A 57 1.53 -2.75 8.76
CA VAL A 57 1.85 -1.95 9.95
C VAL A 57 0.56 -1.29 10.46
N ASN A 58 0.15 -1.66 11.67
CA ASN A 58 -1.17 -1.30 12.22
C ASN A 58 -2.28 -2.18 11.62
N ALA A 59 -3.12 -2.73 12.48
CA ALA A 59 -4.14 -3.71 12.07
C ALA A 59 -5.24 -3.09 11.18
N GLY A 60 -6.22 -2.43 11.79
CA GLY A 60 -7.35 -1.88 11.05
C GLY A 60 -8.43 -1.25 11.93
N LYS A 61 -8.43 -1.58 13.22
CA LYS A 61 -9.40 -1.00 14.17
C LYS A 61 -9.04 0.46 14.51
N GLY A 62 -9.73 1.40 13.86
CA GLY A 62 -9.48 2.83 14.12
C GLY A 62 -8.22 3.36 13.43
N VAL A 63 -7.14 2.57 13.48
CA VAL A 63 -5.86 2.94 12.86
C VAL A 63 -6.00 3.14 11.33
N PRO A 64 -5.37 4.21 10.79
CA PRO A 64 -5.47 4.56 9.35
C PRO A 64 -4.84 3.50 8.42
N GLY A 65 -3.80 2.83 8.91
CA GLY A 65 -3.14 1.81 8.12
C GLY A 65 -1.81 2.26 7.52
N LEU A 66 -0.71 1.66 7.97
CA LEU A 66 0.63 1.92 7.44
C LEU A 66 1.12 0.71 6.63
N TRP A 67 1.73 0.97 5.47
CA TRP A 67 2.04 -0.10 4.53
C TRP A 67 3.53 -0.16 4.17
N ARG A 68 4.04 -1.38 4.01
CA ARG A 68 5.41 -1.60 3.56
C ARG A 68 5.51 -2.88 2.72
N LEU A 69 6.68 -3.15 2.14
CA LEU A 69 6.92 -4.39 1.39
C LEU A 69 8.14 -5.14 1.92
N LEU A 70 8.42 -6.31 1.35
CA LEU A 70 9.59 -7.10 1.71
C LEU A 70 10.20 -7.77 0.46
N GLU A 71 10.95 -6.98 -0.32
CA GLU A 71 11.59 -7.47 -1.55
C GLU A 71 13.14 -7.46 -1.41
N MET A 1 2.26 -9.64 -19.04
CA MET A 1 1.80 -8.44 -18.28
C MET A 1 0.27 -8.31 -18.36
N SER A 2 -0.41 -8.68 -17.28
CA SER A 2 -1.87 -8.69 -17.27
C SER A 2 -2.44 -7.45 -16.57
N GLU A 3 -2.24 -7.36 -15.27
CA GLU A 3 -2.82 -6.29 -14.45
C GLU A 3 -1.88 -5.06 -14.42
N SER A 4 -2.45 -3.86 -14.52
CA SER A 4 -1.64 -2.61 -14.53
C SER A 4 -1.95 -1.67 -13.34
N ILE A 5 -3.21 -1.60 -12.91
CA ILE A 5 -3.64 -0.64 -11.88
C ILE A 5 -3.09 -1.01 -10.48
N VAL A 6 -3.41 -2.20 -10.00
CA VAL A 6 -2.92 -2.68 -8.70
C VAL A 6 -1.39 -2.81 -8.72
N THR A 7 -0.86 -3.22 -9.88
CA THR A 7 0.59 -3.26 -10.09
C THR A 7 1.21 -1.86 -9.95
N LYS A 8 0.48 -0.85 -10.44
CA LYS A 8 0.90 0.56 -10.28
C LYS A 8 0.91 0.93 -8.78
N ILE A 9 -0.12 0.50 -8.06
CA ILE A 9 -0.18 0.71 -6.61
C ILE A 9 1.11 0.20 -5.93
N ILE A 10 1.56 -0.99 -6.33
CA ILE A 10 2.81 -1.55 -5.83
C ILE A 10 4.00 -0.62 -6.12
N SER A 11 4.06 -0.09 -7.34
CA SER A 11 5.10 0.88 -7.73
C SER A 11 5.05 2.12 -6.84
N ILE A 12 3.84 2.61 -6.57
CA ILE A 12 3.64 3.77 -5.68
C ILE A 12 4.21 3.51 -4.28
N VAL A 13 3.91 2.34 -3.73
CA VAL A 13 4.44 1.93 -2.43
C VAL A 13 5.97 1.88 -2.43
N GLN A 14 6.53 1.21 -3.44
CA GLN A 14 7.98 1.11 -3.61
C GLN A 14 8.61 2.51 -3.76
N GLU A 15 7.93 3.37 -4.52
CA GLU A 15 8.40 4.73 -4.78
C GLU A 15 8.54 5.56 -3.48
N ARG A 16 7.50 5.56 -2.66
CA ARG A 16 7.52 6.31 -1.39
C ARG A 16 8.65 5.80 -0.47
N GLN A 17 8.92 4.50 -0.52
CA GLN A 17 10.03 3.91 0.22
C GLN A 17 11.39 4.39 -0.29
N ASN A 18 11.45 4.74 -1.58
CA ASN A 18 12.66 5.33 -2.17
C ASN A 18 12.83 6.80 -1.74
N MET A 19 11.71 7.43 -1.38
CA MET A 19 11.72 8.79 -0.83
C MET A 19 12.23 8.78 0.62
N ASP A 20 11.58 7.98 1.47
CA ASP A 20 12.00 7.79 2.86
C ASP A 20 12.34 6.31 3.13
N ASP A 21 13.63 5.98 3.10
CA ASP A 21 14.09 4.59 3.23
C ASP A 21 13.69 3.95 4.58
N GLY A 22 13.33 4.78 5.56
CA GLY A 22 12.94 4.29 6.87
C GLY A 22 11.49 4.59 7.23
N ALA A 23 10.61 4.64 6.23
CA ALA A 23 9.19 4.95 6.46
C ALA A 23 8.26 4.08 5.60
N PRO A 24 7.16 3.57 6.19
CA PRO A 24 6.12 2.86 5.44
C PRO A 24 5.10 3.83 4.80
N VAL A 25 4.38 3.36 3.78
CA VAL A 25 3.46 4.21 3.02
C VAL A 25 2.07 4.28 3.68
N LYS A 26 1.33 5.37 3.40
CA LYS A 26 0.03 5.63 4.03
C LYS A 26 -1.11 5.22 3.10
N THR A 27 -2.18 4.63 3.66
CA THR A 27 -3.35 4.21 2.89
C THR A 27 -3.96 5.39 2.10
N ARG A 28 -4.01 6.57 2.74
CA ARG A 28 -4.54 7.77 2.09
C ARG A 28 -3.71 8.17 0.86
N ASP A 29 -2.39 8.28 1.05
CA ASP A 29 -1.46 8.65 -0.02
C ASP A 29 -1.49 7.61 -1.18
N ILE A 30 -1.67 6.34 -0.83
CA ILE A 30 -1.80 5.27 -1.84
C ILE A 30 -3.10 5.43 -2.65
N ALA A 31 -4.23 5.47 -1.96
CA ALA A 31 -5.55 5.57 -2.62
C ALA A 31 -5.65 6.80 -3.52
N ASP A 32 -5.15 7.93 -3.04
CA ASP A 32 -5.19 9.19 -3.79
C ASP A 32 -4.36 9.09 -5.07
N ALA A 33 -3.09 8.68 -4.94
CA ALA A 33 -2.20 8.53 -6.10
C ALA A 33 -2.68 7.45 -7.07
N ALA A 34 -3.38 6.44 -6.55
CA ALA A 34 -3.94 5.37 -7.38
C ALA A 34 -5.24 5.81 -8.07
N GLY A 35 -5.95 6.76 -7.47
CA GLY A 35 -7.20 7.24 -8.04
C GLY A 35 -8.36 6.29 -7.80
N LEU A 36 -8.50 5.81 -6.56
CA LEU A 36 -9.58 4.88 -6.18
C LEU A 36 -10.20 5.30 -4.84
N SER A 37 -11.23 4.56 -4.40
CA SER A 37 -11.89 4.84 -3.12
C SER A 37 -11.11 4.22 -1.94
N ILE A 38 -11.07 4.94 -0.82
CA ILE A 38 -10.30 4.51 0.36
C ILE A 38 -10.64 3.06 0.76
N TYR A 39 -11.92 2.78 0.99
CA TYR A 39 -12.39 1.44 1.37
C TYR A 39 -11.92 0.39 0.35
N GLN A 40 -12.13 0.69 -0.94
CA GLN A 40 -11.74 -0.21 -2.03
C GLN A 40 -10.23 -0.51 -2.00
N VAL A 41 -9.42 0.54 -1.82
CA VAL A 41 -7.97 0.39 -1.78
C VAL A 41 -7.52 -0.41 -0.54
N ARG A 42 -8.16 -0.16 0.60
CA ARG A 42 -7.87 -0.91 1.84
C ARG A 42 -7.96 -2.43 1.59
N LEU A 43 -9.01 -2.85 0.88
CA LEU A 43 -9.17 -4.25 0.51
C LEU A 43 -7.99 -4.74 -0.34
N TYR A 44 -7.65 -3.98 -1.38
CA TYR A 44 -6.52 -4.33 -2.26
C TYR A 44 -5.20 -4.43 -1.48
N LEU A 45 -4.96 -3.48 -0.59
CA LEU A 45 -3.73 -3.45 0.22
C LEU A 45 -3.63 -4.67 1.13
N GLU A 46 -4.73 -5.01 1.82
CA GLU A 46 -4.77 -6.21 2.65
C GLU A 46 -4.54 -7.48 1.80
N GLN A 47 -5.12 -7.49 0.59
CA GLN A 47 -4.86 -8.57 -0.39
C GLN A 47 -3.36 -8.65 -0.73
N LEU A 48 -2.74 -7.48 -0.95
CA LEU A 48 -1.31 -7.41 -1.28
C LEU A 48 -0.43 -7.97 -0.15
N HIS A 49 -0.87 -7.84 1.10
CA HIS A 49 -0.16 -8.46 2.23
C HIS A 49 -0.39 -9.98 2.25
N ASP A 50 -1.60 -10.40 1.89
CA ASP A 50 -1.95 -11.82 1.81
C ASP A 50 -1.13 -12.54 0.73
N VAL A 51 -1.11 -11.98 -0.49
CA VAL A 51 -0.38 -12.58 -1.61
C VAL A 51 1.15 -12.37 -1.51
N GLY A 52 1.61 -11.78 -0.41
CA GLY A 52 3.04 -11.70 -0.13
C GLY A 52 3.78 -10.57 -0.84
N VAL A 53 3.09 -9.47 -1.13
CA VAL A 53 3.72 -8.27 -1.70
C VAL A 53 4.08 -7.25 -0.61
N LEU A 54 3.06 -6.77 0.11
CA LEU A 54 3.24 -5.73 1.12
C LEU A 54 3.33 -6.31 2.55
N GLU A 55 4.15 -5.68 3.38
CA GLU A 55 4.25 -6.02 4.81
C GLU A 55 3.29 -5.17 5.65
N LYS A 56 2.71 -5.79 6.67
CA LYS A 56 1.74 -5.13 7.56
C LYS A 56 2.48 -4.44 8.74
N VAL A 57 2.55 -3.11 8.71
CA VAL A 57 3.25 -2.35 9.75
C VAL A 57 2.28 -1.57 10.66
N ASN A 58 2.08 -2.08 11.88
CA ASN A 58 1.24 -1.39 12.88
C ASN A 58 2.06 -1.03 14.13
N ALA A 59 2.23 0.26 14.37
CA ALA A 59 3.01 0.74 15.51
C ALA A 59 2.18 0.78 16.81
N GLY A 60 0.91 0.40 16.73
CA GLY A 60 0.04 0.39 17.90
C GLY A 60 -1.36 0.91 17.60
N LYS A 61 -2.07 1.35 18.64
CA LYS A 61 -3.44 1.86 18.47
C LYS A 61 -3.44 3.32 18.00
N GLY A 62 -4.55 3.77 17.43
CA GLY A 62 -4.64 5.12 16.90
C GLY A 62 -4.08 5.24 15.48
N VAL A 63 -2.84 4.81 15.31
CA VAL A 63 -2.22 4.75 13.98
C VAL A 63 -2.69 3.51 13.21
N PRO A 64 -3.08 3.67 11.93
CA PRO A 64 -3.60 2.55 11.12
C PRO A 64 -2.50 1.57 10.65
N GLY A 65 -2.89 0.61 9.82
CA GLY A 65 -1.93 -0.34 9.27
C GLY A 65 -1.11 0.26 8.12
N LEU A 66 0.11 0.69 8.43
CA LEU A 66 1.00 1.28 7.43
C LEU A 66 1.57 0.21 6.49
N TRP A 67 1.70 0.54 5.21
CA TRP A 67 2.04 -0.45 4.18
C TRP A 67 3.47 -0.29 3.65
N ARG A 68 4.29 -1.30 3.87
CA ARG A 68 5.63 -1.38 3.26
C ARG A 68 5.70 -2.66 2.40
N LEU A 69 6.82 -2.92 1.72
CA LEU A 69 6.97 -4.20 1.00
C LEU A 69 7.83 -5.20 1.78
N LEU A 70 7.72 -6.49 1.42
CA LEU A 70 8.55 -7.52 2.04
C LEU A 70 10.01 -7.36 1.60
N GLU A 71 10.79 -6.63 2.40
CA GLU A 71 12.17 -6.29 2.05
C GLU A 71 13.16 -7.38 2.53
N MET A 1 -2.93 -12.12 -11.40
CA MET A 1 -3.89 -11.29 -12.17
C MET A 1 -3.22 -10.00 -12.69
N SER A 2 -2.90 -9.98 -13.99
CA SER A 2 -2.30 -8.79 -14.61
C SER A 2 -3.30 -7.63 -14.67
N GLU A 3 -3.16 -6.67 -13.74
CA GLU A 3 -4.06 -5.52 -13.66
C GLU A 3 -3.26 -4.20 -13.49
N SER A 4 -3.59 -3.20 -14.30
CA SER A 4 -2.91 -1.89 -14.23
C SER A 4 -3.18 -1.20 -12.89
N ILE A 5 -4.38 -1.39 -12.35
CA ILE A 5 -4.73 -0.82 -11.03
C ILE A 5 -3.78 -1.34 -9.94
N VAL A 6 -3.57 -2.66 -9.90
CA VAL A 6 -2.65 -3.28 -8.95
C VAL A 6 -1.21 -2.75 -9.16
N THR A 7 -0.77 -2.76 -10.42
CA THR A 7 0.57 -2.25 -10.78
C THR A 7 0.75 -0.78 -10.36
N LYS A 8 -0.31 0.02 -10.52
CA LYS A 8 -0.30 1.42 -10.10
C LYS A 8 0.00 1.51 -8.59
N ILE A 9 -0.80 0.80 -7.80
CA ILE A 9 -0.63 0.77 -6.34
C ILE A 9 0.78 0.28 -5.93
N ILE A 10 1.24 -0.83 -6.51
CA ILE A 10 2.58 -1.36 -6.22
C ILE A 10 3.68 -0.34 -6.57
N SER A 11 3.55 0.29 -7.73
CA SER A 11 4.52 1.31 -8.17
C SER A 11 4.54 2.52 -7.23
N ILE A 12 3.38 2.84 -6.63
CA ILE A 12 3.27 3.92 -5.65
C ILE A 12 3.94 3.53 -4.32
N VAL A 13 3.61 2.34 -3.82
CA VAL A 13 4.25 1.82 -2.60
C VAL A 13 5.77 1.77 -2.75
N GLN A 14 6.23 1.29 -3.91
CA GLN A 14 7.66 1.24 -4.22
C GLN A 14 8.24 2.66 -4.34
N GLU A 15 7.48 3.58 -4.94
CA GLU A 15 7.89 4.99 -5.04
C GLU A 15 8.18 5.57 -3.64
N ARG A 16 7.26 5.33 -2.71
CA ARG A 16 7.42 5.80 -1.32
C ARG A 16 8.63 5.11 -0.65
N GLN A 17 8.87 3.86 -1.00
CA GLN A 17 10.07 3.13 -0.52
C GLN A 17 11.36 3.76 -1.06
N ASN A 18 11.34 4.16 -2.33
CA ASN A 18 12.51 4.71 -3.01
C ASN A 18 12.80 6.17 -2.57
N MET A 19 11.79 6.86 -2.04
CA MET A 19 12.00 8.22 -1.52
C MET A 19 12.52 8.20 -0.07
N ASP A 20 12.11 7.19 0.70
CA ASP A 20 12.55 7.05 2.09
C ASP A 20 12.53 5.58 2.52
N ASP A 21 13.71 5.04 2.82
CA ASP A 21 13.86 3.63 3.16
C ASP A 21 13.23 3.26 4.54
N GLY A 22 12.90 4.26 5.34
CA GLY A 22 12.34 4.01 6.66
C GLY A 22 10.93 4.57 6.84
N ALA A 23 10.27 4.91 5.73
CA ALA A 23 8.91 5.47 5.77
C ALA A 23 7.86 4.46 5.27
N PRO A 24 6.96 4.00 6.16
CA PRO A 24 5.81 3.16 5.77
C PRO A 24 4.73 3.98 5.04
N VAL A 25 4.13 3.38 4.01
CA VAL A 25 3.15 4.07 3.17
C VAL A 25 1.77 4.09 3.87
N LYS A 26 0.94 5.09 3.51
CA LYS A 26 -0.37 5.26 4.15
C LYS A 26 -1.50 4.86 3.17
N THR A 27 -2.52 4.17 3.69
CA THR A 27 -3.67 3.75 2.86
C THR A 27 -4.29 4.93 2.11
N ARG A 28 -4.60 6.00 2.83
CA ARG A 28 -5.18 7.21 2.23
C ARG A 28 -4.20 7.90 1.25
N ASP A 29 -2.91 7.78 1.53
CA ASP A 29 -1.86 8.36 0.67
C ASP A 29 -1.88 7.70 -0.73
N ILE A 30 -1.83 6.38 -0.76
CA ILE A 30 -1.90 5.62 -2.01
C ILE A 30 -3.17 5.97 -2.79
N ALA A 31 -4.29 6.06 -2.07
CA ALA A 31 -5.58 6.43 -2.66
C ALA A 31 -5.52 7.82 -3.33
N ASP A 32 -4.75 8.74 -2.74
CA ASP A 32 -4.59 10.09 -3.29
C ASP A 32 -3.68 10.06 -4.53
N ALA A 33 -2.53 9.39 -4.41
CA ALA A 33 -1.57 9.29 -5.50
C ALA A 33 -2.14 8.51 -6.72
N ALA A 34 -3.06 7.59 -6.44
CA ALA A 34 -3.71 6.81 -7.50
C ALA A 34 -5.05 7.43 -7.95
N GLY A 35 -5.69 8.18 -7.05
CA GLY A 35 -7.00 8.75 -7.35
C GLY A 35 -8.14 7.75 -7.17
N LEU A 36 -7.96 6.82 -6.23
CA LEU A 36 -8.95 5.76 -5.97
C LEU A 36 -9.56 5.89 -4.56
N SER A 37 -10.62 5.13 -4.29
CA SER A 37 -11.30 5.19 -3.00
C SER A 37 -10.67 4.23 -1.98
N ILE A 38 -10.78 4.58 -0.70
CA ILE A 38 -10.09 3.85 0.39
C ILE A 38 -10.47 2.36 0.44
N TYR A 39 -11.77 2.07 0.42
CA TYR A 39 -12.25 0.68 0.55
C TYR A 39 -11.64 -0.24 -0.51
N GLN A 40 -11.49 0.27 -1.74
CA GLN A 40 -10.94 -0.52 -2.84
C GLN A 40 -9.41 -0.65 -2.72
N VAL A 41 -8.74 0.48 -2.44
CA VAL A 41 -7.29 0.50 -2.27
C VAL A 41 -6.84 -0.49 -1.17
N ARG A 42 -7.49 -0.46 -0.02
CA ARG A 42 -7.14 -1.35 1.09
C ARG A 42 -7.40 -2.83 0.74
N LEU A 43 -8.40 -3.10 -0.11
CA LEU A 43 -8.66 -4.48 -0.55
C LEU A 43 -7.43 -5.06 -1.25
N TYR A 44 -6.87 -4.31 -2.19
CA TYR A 44 -5.64 -4.72 -2.88
C TYR A 44 -4.47 -4.87 -1.89
N LEU A 45 -4.22 -3.82 -1.11
CA LEU A 45 -3.11 -3.80 -0.13
C LEU A 45 -3.18 -4.99 0.86
N GLU A 46 -4.36 -5.18 1.44
CA GLU A 46 -4.56 -6.20 2.47
C GLU A 46 -4.36 -7.63 1.91
N GLN A 47 -4.88 -7.88 0.72
CA GLN A 47 -4.70 -9.19 0.07
C GLN A 47 -3.24 -9.40 -0.35
N LEU A 48 -2.61 -8.34 -0.87
CA LEU A 48 -1.18 -8.38 -1.22
C LEU A 48 -0.32 -8.69 0.02
N HIS A 49 -0.77 -8.24 1.19
CA HIS A 49 -0.11 -8.60 2.44
C HIS A 49 -0.24 -10.10 2.74
N ASP A 50 -1.47 -10.61 2.62
CA ASP A 50 -1.77 -12.00 2.94
C ASP A 50 -0.96 -12.99 2.07
N VAL A 51 -0.70 -12.60 0.81
CA VAL A 51 0.07 -13.45 -0.11
C VAL A 51 1.59 -13.20 -0.05
N GLY A 52 2.02 -12.29 0.85
CA GLY A 52 3.46 -12.08 1.06
C GLY A 52 4.11 -11.05 0.15
N VAL A 53 3.31 -10.18 -0.46
CA VAL A 53 3.83 -9.07 -1.29
C VAL A 53 4.12 -7.83 -0.42
N LEU A 54 3.14 -7.45 0.40
CA LEU A 54 3.27 -6.27 1.26
C LEU A 54 3.28 -6.65 2.75
N GLU A 55 3.92 -5.83 3.58
CA GLU A 55 3.90 -6.02 5.03
C GLU A 55 3.06 -4.91 5.69
N LYS A 56 2.43 -5.21 6.83
CA LYS A 56 1.58 -4.24 7.53
C LYS A 56 2.34 -3.58 8.69
N VAL A 57 2.18 -2.26 8.83
CA VAL A 57 2.87 -1.50 9.87
C VAL A 57 1.88 -0.79 10.80
N ASN A 58 2.12 -0.91 12.11
CA ASN A 58 1.29 -0.23 13.12
C ASN A 58 2.11 0.03 14.39
N ALA A 59 2.59 1.27 14.56
CA ALA A 59 3.49 1.63 15.66
C ALA A 59 2.90 1.37 17.05
N GLY A 60 1.57 1.43 17.16
CA GLY A 60 0.93 1.22 18.46
C GLY A 60 -0.59 1.33 18.40
N LYS A 61 -1.27 0.85 19.44
CA LYS A 61 -2.73 0.90 19.52
C LYS A 61 -3.23 2.36 19.50
N GLY A 62 -3.63 2.81 18.31
CA GLY A 62 -4.09 4.19 18.13
C GLY A 62 -3.68 4.77 16.78
N VAL A 63 -2.53 4.33 16.25
CA VAL A 63 -2.05 4.81 14.95
C VAL A 63 -2.75 4.06 13.79
N PRO A 64 -2.80 4.68 12.58
CA PRO A 64 -3.49 4.08 11.42
C PRO A 64 -2.80 2.81 10.88
N GLY A 65 -3.51 2.09 10.01
CA GLY A 65 -2.96 0.90 9.38
C GLY A 65 -2.04 1.24 8.21
N LEU A 66 -0.73 1.27 8.46
CA LEU A 66 0.26 1.60 7.43
C LEU A 66 0.71 0.35 6.66
N TRP A 67 1.35 0.56 5.51
CA TRP A 67 1.81 -0.56 4.66
C TRP A 67 3.27 -0.37 4.23
N ARG A 68 3.95 -1.47 3.94
CA ARG A 68 5.35 -1.43 3.51
C ARG A 68 5.78 -2.77 2.90
N LEU A 69 6.14 -2.78 1.61
CA LEU A 69 6.58 -4.02 0.94
C LEU A 69 7.87 -4.57 1.57
N LEU A 70 8.08 -5.88 1.43
CA LEU A 70 9.27 -6.54 1.99
C LEU A 70 10.07 -7.26 0.89
N GLU A 71 9.76 -6.96 -0.36
CA GLU A 71 10.43 -7.57 -1.52
C GLU A 71 10.31 -6.66 -2.75
N MET A 1 -5.80 -6.47 -23.03
CA MET A 1 -5.51 -5.44 -21.99
C MET A 1 -6.43 -5.61 -20.77
N SER A 2 -6.03 -4.98 -19.65
CA SER A 2 -6.81 -5.05 -18.41
C SER A 2 -6.41 -3.92 -17.46
N GLU A 3 -7.21 -3.70 -16.42
CA GLU A 3 -6.93 -2.64 -15.45
C GLU A 3 -5.67 -2.96 -14.61
N SER A 4 -4.55 -2.33 -14.97
CA SER A 4 -3.25 -2.59 -14.31
C SER A 4 -3.11 -1.81 -12.98
N ILE A 5 -4.26 -1.47 -12.36
CA ILE A 5 -4.26 -0.70 -11.12
C ILE A 5 -3.42 -1.36 -10.01
N VAL A 6 -3.44 -2.69 -9.95
CA VAL A 6 -2.67 -3.44 -8.95
C VAL A 6 -1.16 -3.13 -9.04
N THR A 7 -0.61 -3.21 -10.25
CA THR A 7 0.81 -2.88 -10.48
C THR A 7 1.09 -1.42 -10.13
N LYS A 8 0.15 -0.53 -10.48
CA LYS A 8 0.27 0.89 -10.15
C LYS A 8 0.38 1.10 -8.63
N ILE A 9 -0.52 0.46 -7.87
CA ILE A 9 -0.51 0.54 -6.41
C ILE A 9 0.85 0.10 -5.82
N ILE A 10 1.34 -1.05 -6.28
CA ILE A 10 2.67 -1.54 -5.86
C ILE A 10 3.77 -0.53 -6.22
N SER A 11 3.69 0.02 -7.42
CA SER A 11 4.65 1.04 -7.90
C SER A 11 4.63 2.29 -7.00
N ILE A 12 3.44 2.71 -6.57
CA ILE A 12 3.29 3.85 -5.65
C ILE A 12 4.01 3.58 -4.32
N VAL A 13 3.72 2.43 -3.71
CA VAL A 13 4.37 2.03 -2.45
C VAL A 13 5.91 1.98 -2.61
N GLN A 14 6.37 1.27 -3.65
CA GLN A 14 7.79 1.16 -3.96
C GLN A 14 8.44 2.55 -4.08
N GLU A 15 7.80 3.43 -4.84
CA GLU A 15 8.27 4.81 -5.02
C GLU A 15 8.42 5.55 -3.68
N ARG A 16 7.36 5.55 -2.88
CA ARG A 16 7.37 6.24 -1.59
C ARG A 16 8.41 5.63 -0.63
N GLN A 17 8.71 4.34 -0.80
CA GLN A 17 9.76 3.70 0.01
C GLN A 17 11.16 4.02 -0.54
N ASN A 18 11.28 4.31 -1.83
CA ASN A 18 12.54 4.80 -2.37
C ASN A 18 12.86 6.19 -1.78
N MET A 19 11.80 6.89 -1.37
CA MET A 19 11.94 8.17 -0.66
C MET A 19 12.31 7.95 0.83
N ASP A 20 11.43 7.25 1.56
CA ASP A 20 11.61 7.04 3.00
C ASP A 20 12.32 5.71 3.33
N ASP A 21 11.75 4.60 2.84
CA ASP A 21 12.25 3.24 3.13
C ASP A 21 12.04 2.84 4.60
N GLY A 22 12.78 3.48 5.50
CA GLY A 22 12.62 3.21 6.93
C GLY A 22 11.21 3.49 7.43
N ALA A 23 10.57 4.52 6.87
CA ALA A 23 9.19 4.87 7.21
C ALA A 23 8.20 4.26 6.20
N PRO A 24 7.15 3.56 6.68
CA PRO A 24 6.16 2.91 5.79
C PRO A 24 5.29 3.92 5.02
N VAL A 25 4.61 3.43 3.98
CA VAL A 25 3.73 4.28 3.17
C VAL A 25 2.33 4.36 3.80
N LYS A 26 1.69 5.52 3.66
CA LYS A 26 0.38 5.75 4.29
C LYS A 26 -0.76 5.33 3.34
N THR A 27 -1.80 4.73 3.91
CA THR A 27 -2.99 4.34 3.12
C THR A 27 -3.54 5.52 2.29
N ARG A 28 -3.52 6.72 2.86
CA ARG A 28 -3.99 7.93 2.16
C ARG A 28 -3.14 8.22 0.91
N ASP A 29 -1.82 8.19 1.06
CA ASP A 29 -0.89 8.39 -0.07
C ASP A 29 -1.23 7.46 -1.24
N ILE A 30 -1.33 6.16 -0.93
CA ILE A 30 -1.63 5.13 -1.93
C ILE A 30 -2.99 5.40 -2.63
N ALA A 31 -4.04 5.55 -1.83
CA ALA A 31 -5.39 5.77 -2.36
C ALA A 31 -5.48 7.06 -3.20
N ASP A 32 -4.91 8.14 -2.68
CA ASP A 32 -4.91 9.44 -3.36
C ASP A 32 -4.14 9.40 -4.69
N ALA A 33 -3.00 8.69 -4.71
CA ALA A 33 -2.20 8.57 -5.93
C ALA A 33 -2.88 7.65 -6.95
N ALA A 34 -3.50 6.58 -6.46
CA ALA A 34 -4.23 5.64 -7.33
C ALA A 34 -5.52 6.26 -7.88
N GLY A 35 -6.17 7.09 -7.07
CA GLY A 35 -7.42 7.74 -7.50
C GLY A 35 -8.66 6.90 -7.22
N LEU A 36 -8.57 5.98 -6.26
CA LEU A 36 -9.69 5.09 -5.92
C LEU A 36 -10.24 5.38 -4.51
N SER A 37 -11.36 4.75 -4.18
CA SER A 37 -11.96 4.89 -2.84
C SER A 37 -11.13 4.17 -1.77
N ILE A 38 -11.08 4.75 -0.57
CA ILE A 38 -10.24 4.24 0.52
C ILE A 38 -10.45 2.73 0.77
N TYR A 39 -11.69 2.35 1.08
CA TYR A 39 -12.03 0.94 1.35
C TYR A 39 -11.58 0.00 0.20
N GLN A 40 -11.76 0.45 -1.04
CA GLN A 40 -11.39 -0.36 -2.21
C GLN A 40 -9.87 -0.57 -2.28
N VAL A 41 -9.13 0.52 -2.11
CA VAL A 41 -7.66 0.46 -2.09
C VAL A 41 -7.16 -0.49 -0.98
N ARG A 42 -7.75 -0.38 0.21
CA ARG A 42 -7.39 -1.25 1.34
C ARG A 42 -7.59 -2.73 1.00
N LEU A 43 -8.61 -3.02 0.18
CA LEU A 43 -8.84 -4.40 -0.28
C LEU A 43 -7.61 -4.90 -1.07
N TYR A 44 -7.19 -4.11 -2.07
CA TYR A 44 -5.99 -4.45 -2.85
C TYR A 44 -4.75 -4.60 -1.93
N LEU A 45 -4.59 -3.65 -1.02
CA LEU A 45 -3.44 -3.64 -0.10
C LEU A 45 -3.38 -4.90 0.78
N GLU A 46 -4.52 -5.28 1.35
CA GLU A 46 -4.60 -6.47 2.19
C GLU A 46 -4.38 -7.75 1.38
N GLN A 47 -4.89 -7.78 0.14
CA GLN A 47 -4.64 -8.90 -0.78
C GLN A 47 -3.13 -9.05 -1.05
N LEU A 48 -2.47 -7.92 -1.30
CA LEU A 48 -1.01 -7.90 -1.49
C LEU A 48 -0.27 -8.39 -0.23
N HIS A 49 -0.83 -8.08 0.94
CA HIS A 49 -0.28 -8.59 2.21
C HIS A 49 -0.52 -10.11 2.35
N ASP A 50 -1.61 -10.59 1.73
CA ASP A 50 -2.00 -11.99 1.83
C ASP A 50 -1.17 -12.88 0.88
N VAL A 51 -0.94 -12.39 -0.35
CA VAL A 51 -0.15 -13.14 -1.34
C VAL A 51 1.37 -13.05 -1.07
N GLY A 52 1.79 -11.98 -0.38
CA GLY A 52 3.19 -11.81 -0.04
C GLY A 52 3.86 -10.68 -0.82
N VAL A 53 3.47 -9.44 -0.51
CA VAL A 53 4.05 -8.24 -1.14
C VAL A 53 4.21 -7.11 -0.11
N LEU A 54 3.09 -6.67 0.47
CA LEU A 54 3.07 -5.57 1.43
C LEU A 54 2.92 -6.05 2.88
N GLU A 55 3.55 -5.36 3.81
CA GLU A 55 3.36 -5.62 5.24
C GLU A 55 2.56 -4.49 5.90
N LYS A 56 1.66 -4.85 6.81
CA LYS A 56 0.83 -3.88 7.52
C LYS A 56 1.50 -3.38 8.81
N VAL A 57 2.20 -2.25 8.72
CA VAL A 57 2.83 -1.63 9.89
C VAL A 57 1.79 -0.90 10.76
N ASN A 58 1.16 -1.66 11.66
CA ASN A 58 0.10 -1.16 12.57
C ASN A 58 -0.69 -2.37 13.11
N ALA A 59 -1.72 -2.11 13.92
CA ALA A 59 -2.70 -3.13 14.26
C ALA A 59 -3.53 -3.51 13.01
N GLY A 60 -4.58 -4.31 13.18
CA GLY A 60 -5.38 -4.74 12.03
C GLY A 60 -6.86 -4.92 12.34
N LYS A 61 -7.53 -5.71 11.50
CA LYS A 61 -8.94 -6.08 11.68
C LYS A 61 -9.90 -4.89 11.42
N GLY A 62 -9.36 -3.78 10.91
CA GLY A 62 -10.22 -2.62 10.61
C GLY A 62 -9.47 -1.29 10.61
N VAL A 63 -8.61 -1.09 11.61
CA VAL A 63 -7.83 0.16 11.74
C VAL A 63 -7.04 0.47 10.46
N PRO A 64 -6.76 1.76 10.16
CA PRO A 64 -6.15 2.20 8.89
C PRO A 64 -4.84 1.46 8.55
N GLY A 65 -3.79 1.72 9.32
CA GLY A 65 -2.52 1.03 9.09
C GLY A 65 -1.64 1.67 8.02
N LEU A 66 -0.32 1.49 8.17
CA LEU A 66 0.64 1.95 7.16
C LEU A 66 1.26 0.75 6.45
N TRP A 67 1.33 0.81 5.12
CA TRP A 67 1.76 -0.34 4.32
C TRP A 67 3.21 -0.21 3.85
N ARG A 68 3.98 -1.28 3.99
CA ARG A 68 5.39 -1.30 3.61
C ARG A 68 5.78 -2.64 2.98
N LEU A 69 6.14 -2.62 1.70
CA LEU A 69 6.54 -3.85 0.99
C LEU A 69 7.86 -4.41 1.52
N LEU A 70 8.01 -5.72 1.41
CA LEU A 70 9.20 -6.42 1.90
C LEU A 70 9.63 -7.51 0.92
N GLU A 71 10.89 -7.93 1.01
CA GLU A 71 11.43 -8.97 0.13
C GLU A 71 11.31 -10.35 0.81
N MET A 1 -13.15 -2.64 -14.85
CA MET A 1 -12.12 -3.62 -15.27
C MET A 1 -11.03 -3.80 -14.21
N SER A 2 -10.19 -4.83 -14.38
CA SER A 2 -9.01 -5.01 -13.53
C SER A 2 -7.87 -4.12 -14.02
N GLU A 3 -7.63 -4.16 -15.34
CA GLU A 3 -6.78 -3.18 -16.02
C GLU A 3 -5.33 -3.15 -15.49
N SER A 4 -4.91 -4.25 -14.84
CA SER A 4 -3.54 -4.39 -14.31
C SER A 4 -3.24 -3.37 -13.20
N ILE A 5 -4.30 -2.83 -12.57
CA ILE A 5 -4.15 -1.82 -11.51
C ILE A 5 -3.23 -2.30 -10.36
N VAL A 6 -3.17 -3.62 -10.17
CA VAL A 6 -2.32 -4.23 -9.14
C VAL A 6 -0.86 -3.74 -9.24
N THR A 7 -0.28 -3.81 -10.44
CA THR A 7 1.10 -3.36 -10.68
C THR A 7 1.30 -1.91 -10.22
N LYS A 8 0.36 -1.03 -10.59
CA LYS A 8 0.42 0.39 -10.21
C LYS A 8 0.50 0.55 -8.69
N ILE A 9 -0.40 -0.12 -7.97
CA ILE A 9 -0.46 -0.02 -6.51
C ILE A 9 0.88 -0.44 -5.87
N ILE A 10 1.48 -1.51 -6.39
CA ILE A 10 2.79 -1.97 -5.91
C ILE A 10 3.86 -0.90 -6.13
N SER A 11 3.88 -0.31 -7.33
CA SER A 11 4.82 0.78 -7.67
C SER A 11 4.61 1.99 -6.75
N ILE A 12 3.37 2.23 -6.34
CA ILE A 12 3.05 3.34 -5.43
C ILE A 12 3.66 3.12 -4.04
N VAL A 13 3.59 1.89 -3.54
CA VAL A 13 4.20 1.55 -2.25
C VAL A 13 5.72 1.82 -2.28
N GLN A 14 6.36 1.47 -3.39
CA GLN A 14 7.78 1.79 -3.60
C GLN A 14 7.97 3.31 -3.67
N GLU A 15 7.14 3.97 -4.47
CA GLU A 15 7.19 5.42 -4.69
C GLU A 15 7.17 6.21 -3.37
N ARG A 16 6.13 5.98 -2.56
CA ARG A 16 5.95 6.73 -1.32
C ARG A 16 7.02 6.41 -0.27
N GLN A 17 7.45 5.16 -0.16
CA GLN A 17 8.53 4.80 0.78
C GLN A 17 9.88 5.26 0.23
N ASN A 18 9.95 5.49 -1.07
CA ASN A 18 11.14 6.09 -1.71
C ASN A 18 11.22 7.57 -1.34
N MET A 19 10.07 8.17 -1.00
CA MET A 19 10.02 9.50 -0.39
C MET A 19 10.34 9.47 1.11
N ASP A 20 9.71 8.54 1.84
CA ASP A 20 9.96 8.37 3.27
C ASP A 20 10.94 7.20 3.52
N ASP A 21 12.24 7.49 3.44
CA ASP A 21 13.28 6.47 3.60
C ASP A 21 13.18 5.75 4.96
N GLY A 22 12.83 6.48 6.01
CA GLY A 22 12.79 5.92 7.36
C GLY A 22 11.38 5.72 7.90
N ALA A 23 10.39 5.67 7.01
CA ALA A 23 9.00 5.46 7.42
C ALA A 23 8.14 4.91 6.27
N PRO A 24 7.73 3.63 6.35
CA PRO A 24 6.90 2.98 5.30
C PRO A 24 5.66 3.81 4.87
N VAL A 25 4.93 3.28 3.89
CA VAL A 25 3.87 4.03 3.22
C VAL A 25 2.57 4.08 4.03
N LYS A 26 1.78 5.14 3.81
CA LYS A 26 0.50 5.33 4.49
C LYS A 26 -0.65 5.06 3.51
N THR A 27 -1.76 4.51 4.02
CA THR A 27 -2.91 4.13 3.18
C THR A 27 -3.41 5.29 2.30
N ARG A 28 -3.53 6.49 2.88
CA ARG A 28 -4.02 7.66 2.14
C ARG A 28 -3.12 7.98 0.92
N ASP A 29 -1.80 7.91 1.11
CA ASP A 29 -0.85 8.17 0.04
C ASP A 29 -1.07 7.25 -1.17
N ILE A 30 -1.38 5.99 -0.90
CA ILE A 30 -1.64 5.02 -1.96
C ILE A 30 -2.94 5.34 -2.72
N ALA A 31 -4.00 5.66 -1.96
CA ALA A 31 -5.27 6.09 -2.57
C ALA A 31 -5.10 7.39 -3.38
N ASP A 32 -4.22 8.26 -2.89
CA ASP A 32 -3.91 9.53 -3.55
C ASP A 32 -3.21 9.30 -4.91
N ALA A 33 -2.10 8.56 -4.88
CA ALA A 33 -1.30 8.32 -6.08
C ALA A 33 -2.06 7.56 -7.18
N ALA A 34 -2.89 6.59 -6.79
CA ALA A 34 -3.68 5.81 -7.76
C ALA A 34 -4.96 6.55 -8.18
N GLY A 35 -5.50 7.39 -7.29
CA GLY A 35 -6.76 8.08 -7.57
C GLY A 35 -7.98 7.19 -7.36
N LEU A 36 -7.93 6.35 -6.33
CA LEU A 36 -9.02 5.41 -6.05
C LEU A 36 -9.68 5.71 -4.68
N SER A 37 -10.77 5.00 -4.37
CA SER A 37 -11.50 5.20 -3.11
C SER A 37 -10.80 4.49 -1.94
N ILE A 38 -10.89 5.05 -0.74
CA ILE A 38 -10.20 4.51 0.45
C ILE A 38 -10.49 3.02 0.67
N TYR A 39 -11.77 2.65 0.83
CA TYR A 39 -12.17 1.26 1.02
C TYR A 39 -11.68 0.36 -0.13
N GLN A 40 -11.81 0.87 -1.35
CA GLN A 40 -11.35 0.15 -2.55
C GLN A 40 -9.86 -0.20 -2.44
N VAL A 41 -9.05 0.80 -2.09
CA VAL A 41 -7.61 0.62 -1.91
C VAL A 41 -7.31 -0.32 -0.73
N ARG A 42 -8.08 -0.18 0.37
CA ARG A 42 -7.97 -1.08 1.52
C ARG A 42 -8.03 -2.56 1.09
N LEU A 43 -9.02 -2.89 0.26
CA LEU A 43 -9.19 -4.25 -0.24
C LEU A 43 -7.96 -4.73 -0.99
N TYR A 44 -7.50 -3.92 -1.96
CA TYR A 44 -6.31 -4.27 -2.76
C TYR A 44 -5.05 -4.43 -1.89
N LEU A 45 -4.83 -3.51 -0.96
CA LEU A 45 -3.63 -3.52 -0.11
C LEU A 45 -3.60 -4.75 0.80
N GLU A 46 -4.68 -4.97 1.53
CA GLU A 46 -4.75 -6.08 2.49
C GLU A 46 -4.74 -7.44 1.79
N GLN A 47 -5.26 -7.51 0.56
CA GLN A 47 -5.14 -8.72 -0.25
C GLN A 47 -3.72 -8.91 -0.79
N LEU A 48 -3.07 -7.81 -1.18
CA LEU A 48 -1.66 -7.86 -1.57
C LEU A 48 -0.77 -8.26 -0.38
N HIS A 49 -1.23 -7.98 0.83
CA HIS A 49 -0.56 -8.48 2.04
C HIS A 49 -0.80 -9.99 2.20
N ASP A 50 -2.03 -10.43 1.92
CA ASP A 50 -2.40 -11.83 2.05
C ASP A 50 -1.59 -12.74 1.10
N VAL A 51 -1.32 -12.25 -0.12
CA VAL A 51 -0.51 -12.99 -1.09
C VAL A 51 1.00 -12.83 -0.83
N GLY A 52 1.38 -11.90 0.04
CA GLY A 52 2.78 -11.75 0.43
C GLY A 52 3.56 -10.70 -0.36
N VAL A 53 2.86 -9.71 -0.91
CA VAL A 53 3.53 -8.59 -1.61
C VAL A 53 3.81 -7.42 -0.64
N LEU A 54 2.75 -6.92 -0.01
CA LEU A 54 2.86 -5.76 0.88
C LEU A 54 2.80 -6.16 2.36
N GLU A 55 3.79 -5.75 3.14
CA GLU A 55 3.83 -6.04 4.57
C GLU A 55 3.22 -4.90 5.40
N LYS A 56 2.47 -5.26 6.45
CA LYS A 56 1.91 -4.28 7.38
C LYS A 56 2.89 -3.99 8.52
N VAL A 57 3.69 -2.95 8.36
CA VAL A 57 4.61 -2.51 9.41
C VAL A 57 3.83 -1.86 10.57
N ASN A 58 4.14 -2.26 11.80
CA ASN A 58 3.45 -1.76 13.00
C ASN A 58 2.02 -2.36 13.11
N ALA A 59 1.82 -3.53 12.50
CA ALA A 59 0.52 -4.21 12.55
C ALA A 59 0.26 -4.86 13.93
N GLY A 60 1.33 -5.04 14.71
CA GLY A 60 1.22 -5.64 16.04
C GLY A 60 0.48 -6.98 16.04
N LYS A 61 -0.83 -6.94 16.29
CA LYS A 61 -1.66 -8.15 16.29
C LYS A 61 -2.88 -7.97 15.37
N GLY A 62 -2.68 -7.32 14.23
CA GLY A 62 -3.72 -7.21 13.21
C GLY A 62 -4.33 -5.81 13.06
N VAL A 63 -3.50 -4.78 13.08
CA VAL A 63 -3.97 -3.41 12.83
C VAL A 63 -3.44 -2.86 11.49
N PRO A 64 -4.22 -2.01 10.80
CA PRO A 64 -3.77 -1.35 9.56
C PRO A 64 -2.66 -0.32 9.84
N GLY A 65 -1.40 -0.75 9.70
CA GLY A 65 -0.26 0.13 9.94
C GLY A 65 0.32 0.73 8.66
N LEU A 66 1.64 0.72 8.56
CA LEU A 66 2.35 1.30 7.41
C LEU A 66 2.72 0.23 6.37
N TRP A 67 2.43 0.52 5.10
CA TRP A 67 2.64 -0.44 4.02
C TRP A 67 4.08 -0.43 3.47
N ARG A 68 4.70 -1.60 3.47
CA ARG A 68 6.05 -1.77 2.93
C ARG A 68 6.16 -3.09 2.13
N LEU A 69 6.44 -3.01 0.83
CA LEU A 69 6.60 -4.22 0.02
C LEU A 69 7.83 -5.03 0.45
N LEU A 70 7.79 -6.34 0.23
CA LEU A 70 8.87 -7.23 0.66
C LEU A 70 10.05 -7.20 -0.32
N GLU A 71 11.25 -6.90 0.20
CA GLU A 71 12.47 -6.91 -0.62
C GLU A 71 13.24 -8.25 -0.45
N MET A 1 -2.38 -3.04 -22.34
CA MET A 1 -2.27 -2.18 -21.13
C MET A 1 -2.22 -3.02 -19.85
N SER A 2 -1.43 -2.59 -18.86
CA SER A 2 -1.29 -3.33 -17.61
C SER A 2 -2.65 -3.53 -16.91
N GLU A 3 -3.22 -4.72 -17.09
CA GLU A 3 -4.49 -5.09 -16.45
C GLU A 3 -4.40 -5.01 -14.92
N SER A 4 -3.21 -5.34 -14.40
CA SER A 4 -2.98 -5.34 -12.95
C SER A 4 -2.85 -3.92 -12.38
N ILE A 5 -3.98 -3.33 -12.01
CA ILE A 5 -3.97 -2.05 -11.29
C ILE A 5 -3.21 -2.20 -9.96
N VAL A 6 -3.17 -3.44 -9.48
CA VAL A 6 -2.39 -3.81 -8.30
C VAL A 6 -0.90 -3.46 -8.49
N THR A 7 -0.34 -3.85 -9.63
CA THR A 7 1.07 -3.55 -9.94
C THR A 7 1.34 -2.03 -9.95
N LYS A 8 0.33 -1.26 -10.37
CA LYS A 8 0.40 0.20 -10.31
C LYS A 8 0.54 0.66 -8.85
N ILE A 9 -0.34 0.15 -7.99
CA ILE A 9 -0.32 0.46 -6.55
C ILE A 9 1.02 0.09 -5.92
N ILE A 10 1.54 -1.08 -6.26
CA ILE A 10 2.87 -1.52 -5.80
C ILE A 10 3.96 -0.52 -6.20
N SER A 11 3.89 -0.02 -7.43
CA SER A 11 4.81 1.02 -7.92
C SER A 11 4.67 2.32 -7.14
N ILE A 12 3.45 2.62 -6.71
CA ILE A 12 3.18 3.81 -5.88
C ILE A 12 3.85 3.67 -4.49
N VAL A 13 3.68 2.49 -3.87
CA VAL A 13 4.33 2.20 -2.60
C VAL A 13 5.86 2.26 -2.75
N GLN A 14 6.38 1.64 -3.82
CA GLN A 14 7.81 1.70 -4.15
C GLN A 14 8.30 3.14 -4.27
N GLU A 15 7.56 3.95 -5.04
CA GLU A 15 7.86 5.36 -5.25
C GLU A 15 7.98 6.12 -3.92
N ARG A 16 6.92 6.05 -3.10
CA ARG A 16 6.91 6.69 -1.78
C ARG A 16 8.06 6.18 -0.90
N GLN A 17 8.35 4.88 -0.95
CA GLN A 17 9.49 4.32 -0.21
C GLN A 17 10.80 4.94 -0.69
N ASN A 18 11.00 5.01 -2.01
CA ASN A 18 12.23 5.52 -2.59
C ASN A 18 12.53 6.97 -2.15
N MET A 19 11.48 7.72 -1.82
CA MET A 19 11.65 9.08 -1.26
C MET A 19 12.54 9.08 0.00
N ASP A 20 12.34 8.10 0.89
CA ASP A 20 13.08 8.04 2.17
C ASP A 20 13.74 6.66 2.38
N ASP A 21 13.69 5.82 1.35
CA ASP A 21 14.22 4.45 1.39
C ASP A 21 13.58 3.62 2.54
N GLY A 22 12.56 2.83 2.21
CA GLY A 22 11.94 1.94 3.20
C GLY A 22 10.70 2.52 3.88
N ALA A 23 10.49 3.83 3.75
CA ALA A 23 9.36 4.51 4.40
C ALA A 23 8.00 3.89 4.04
N PRO A 24 7.24 3.40 5.04
CA PRO A 24 5.91 2.81 4.83
C PRO A 24 4.82 3.87 4.53
N VAL A 25 3.79 3.48 3.80
CA VAL A 25 2.73 4.42 3.36
C VAL A 25 1.36 4.03 3.96
N LYS A 26 0.49 5.03 4.17
CA LYS A 26 -0.87 4.76 4.67
C LYS A 26 -1.83 4.51 3.48
N THR A 27 -2.95 3.83 3.77
CA THR A 27 -3.96 3.53 2.74
C THR A 27 -4.46 4.80 2.03
N ARG A 28 -4.80 5.82 2.83
CA ARG A 28 -5.35 7.07 2.28
C ARG A 28 -4.33 7.77 1.36
N ASP A 29 -3.04 7.72 1.73
CA ASP A 29 -1.98 8.32 0.93
C ASP A 29 -1.85 7.62 -0.44
N ILE A 30 -1.89 6.29 -0.42
CA ILE A 30 -1.82 5.51 -1.66
C ILE A 30 -3.05 5.78 -2.55
N ALA A 31 -4.24 5.75 -1.96
CA ALA A 31 -5.48 6.06 -2.68
C ALA A 31 -5.44 7.47 -3.30
N ASP A 32 -4.91 8.42 -2.53
CA ASP A 32 -4.74 9.80 -3.02
C ASP A 32 -3.78 9.87 -4.21
N ALA A 33 -2.63 9.21 -4.08
CA ALA A 33 -1.61 9.20 -5.14
C ALA A 33 -2.09 8.43 -6.38
N ALA A 34 -3.01 7.48 -6.18
CA ALA A 34 -3.57 6.70 -7.28
C ALA A 34 -4.84 7.36 -7.85
N GLY A 35 -5.48 8.21 -7.06
CA GLY A 35 -6.74 8.82 -7.46
C GLY A 35 -7.91 7.83 -7.37
N LEU A 36 -7.85 6.93 -6.40
CA LEU A 36 -8.87 5.89 -6.21
C LEU A 36 -9.63 6.07 -4.89
N SER A 37 -10.56 5.15 -4.63
CA SER A 37 -11.36 5.17 -3.40
C SER A 37 -10.62 4.48 -2.25
N ILE A 38 -10.75 5.03 -1.04
CA ILE A 38 -10.00 4.56 0.14
C ILE A 38 -10.21 3.05 0.40
N TYR A 39 -11.46 2.64 0.62
CA TYR A 39 -11.79 1.25 0.94
C TYR A 39 -11.35 0.30 -0.18
N GLN A 40 -11.55 0.72 -1.43
CA GLN A 40 -11.14 -0.07 -2.60
C GLN A 40 -9.63 -0.37 -2.56
N VAL A 41 -8.83 0.68 -2.40
CA VAL A 41 -7.37 0.54 -2.27
C VAL A 41 -7.00 -0.35 -1.08
N ARG A 42 -7.65 -0.11 0.05
CA ARG A 42 -7.45 -0.92 1.27
C ARG A 42 -7.60 -2.41 0.97
N LEU A 43 -8.56 -2.76 0.12
CA LEU A 43 -8.77 -4.15 -0.29
C LEU A 43 -7.58 -4.70 -1.09
N TYR A 44 -7.08 -3.91 -2.05
CA TYR A 44 -5.90 -4.31 -2.84
C TYR A 44 -4.67 -4.48 -1.94
N LEU A 45 -4.51 -3.59 -0.97
CA LEU A 45 -3.40 -3.64 -0.04
C LEU A 45 -3.46 -4.90 0.85
N GLU A 46 -4.65 -5.18 1.39
CA GLU A 46 -4.86 -6.35 2.24
C GLU A 46 -4.68 -7.68 1.49
N GLN A 47 -5.14 -7.76 0.25
CA GLN A 47 -4.96 -8.98 -0.54
C GLN A 47 -3.47 -9.22 -0.85
N LEU A 48 -2.72 -8.14 -1.10
CA LEU A 48 -1.27 -8.23 -1.25
C LEU A 48 -0.59 -8.62 0.06
N HIS A 49 -1.10 -8.06 1.15
CA HIS A 49 -0.63 -8.40 2.51
C HIS A 49 -1.01 -9.84 2.87
N ASP A 50 -2.03 -10.38 2.19
CA ASP A 50 -2.48 -11.76 2.41
C ASP A 50 -1.63 -12.76 1.61
N VAL A 51 -1.46 -12.52 0.31
CA VAL A 51 -0.72 -13.43 -0.57
C VAL A 51 0.80 -13.42 -0.30
N GLY A 52 1.34 -12.29 0.14
CA GLY A 52 2.76 -12.20 0.48
C GLY A 52 3.56 -11.22 -0.41
N VAL A 53 3.00 -10.04 -0.64
CA VAL A 53 3.68 -8.98 -1.41
C VAL A 53 3.94 -7.75 -0.55
N LEU A 54 2.98 -7.42 0.32
CA LEU A 54 3.11 -6.26 1.23
C LEU A 54 3.26 -6.70 2.69
N GLU A 55 4.18 -6.05 3.41
CA GLU A 55 4.32 -6.25 4.85
C GLU A 55 3.71 -5.05 5.60
N LYS A 56 2.96 -5.32 6.66
CA LYS A 56 2.35 -4.23 7.43
C LYS A 56 3.23 -3.83 8.61
N VAL A 57 3.24 -2.54 8.92
CA VAL A 57 3.91 -2.02 10.11
C VAL A 57 2.87 -1.69 11.18
N ASN A 58 3.22 -1.93 12.44
CA ASN A 58 2.30 -1.79 13.58
C ASN A 58 1.30 -2.96 13.64
N ALA A 59 0.64 -3.13 14.80
CA ALA A 59 -0.29 -4.24 15.02
C ALA A 59 -1.55 -4.15 14.14
N GLY A 60 -1.82 -2.97 13.59
CA GLY A 60 -3.01 -2.79 12.75
C GLY A 60 -4.29 -2.56 13.57
N LYS A 61 -4.41 -3.27 14.70
CA LYS A 61 -5.54 -3.05 15.62
C LYS A 61 -5.34 -1.76 16.43
N GLY A 62 -6.28 -0.83 16.29
CA GLY A 62 -6.17 0.46 16.99
C GLY A 62 -5.16 1.41 16.33
N VAL A 63 -3.90 0.98 16.27
CA VAL A 63 -2.84 1.78 15.64
C VAL A 63 -2.93 1.71 14.11
N PRO A 64 -2.45 2.75 13.39
CA PRO A 64 -2.52 2.80 11.91
C PRO A 64 -1.65 1.74 11.22
N GLY A 65 -2.28 0.86 10.45
CA GLY A 65 -1.54 -0.15 9.69
C GLY A 65 -0.83 0.43 8.48
N LEU A 66 0.50 0.50 8.56
CA LEU A 66 1.30 1.07 7.46
C LEU A 66 1.74 -0.02 6.47
N TRP A 67 1.77 0.31 5.19
CA TRP A 67 2.10 -0.66 4.14
C TRP A 67 3.51 -0.45 3.57
N ARG A 68 4.31 -1.52 3.56
CA ARG A 68 5.63 -1.47 2.91
C ARG A 68 5.92 -2.79 2.15
N LEU A 69 6.17 -2.68 0.85
CA LEU A 69 6.51 -3.85 0.03
C LEU A 69 7.90 -4.42 0.39
N LEU A 70 8.14 -5.66 0.02
CA LEU A 70 9.43 -6.31 0.29
C LEU A 70 9.91 -7.15 -0.91
N GLU A 71 9.61 -6.68 -2.12
CA GLU A 71 10.06 -7.34 -3.36
C GLU A 71 11.60 -7.31 -3.50
N MET A 1 -11.92 -2.74 -15.98
CA MET A 1 -10.59 -2.06 -16.04
C MET A 1 -9.53 -2.95 -16.72
N SER A 2 -8.92 -2.41 -17.77
CA SER A 2 -7.79 -3.09 -18.45
C SER A 2 -6.46 -2.63 -17.89
N GLU A 3 -6.47 -1.47 -17.23
CA GLU A 3 -5.26 -0.89 -16.62
C GLU A 3 -4.71 -1.77 -15.49
N SER A 4 -3.39 -1.93 -15.44
CA SER A 4 -2.74 -2.68 -14.36
C SER A 4 -2.69 -1.85 -13.06
N ILE A 5 -3.87 -1.58 -12.50
CA ILE A 5 -3.99 -0.75 -11.29
C ILE A 5 -3.24 -1.37 -10.09
N VAL A 6 -3.31 -2.70 -9.98
CA VAL A 6 -2.61 -3.41 -8.90
C VAL A 6 -1.09 -3.15 -8.97
N THR A 7 -0.53 -3.27 -10.17
CA THR A 7 0.88 -2.99 -10.40
C THR A 7 1.22 -1.53 -10.06
N LYS A 8 0.32 -0.62 -10.43
CA LYS A 8 0.49 0.80 -10.14
C LYS A 8 0.55 1.04 -8.63
N ILE A 9 -0.38 0.42 -7.89
CA ILE A 9 -0.40 0.52 -6.42
C ILE A 9 0.94 0.07 -5.82
N ILE A 10 1.43 -1.09 -6.26
CA ILE A 10 2.74 -1.59 -5.82
C ILE A 10 3.86 -0.59 -6.18
N SER A 11 3.78 -0.01 -7.38
CA SER A 11 4.74 1.00 -7.82
C SER A 11 4.68 2.25 -6.94
N ILE A 12 3.47 2.60 -6.47
CA ILE A 12 3.29 3.72 -5.53
C ILE A 12 3.96 3.41 -4.19
N VAL A 13 3.76 2.18 -3.72
CA VAL A 13 4.41 1.71 -2.48
C VAL A 13 5.94 1.82 -2.57
N GLN A 14 6.49 1.36 -3.69
CA GLN A 14 7.94 1.46 -3.96
C GLN A 14 8.39 2.94 -3.99
N GLU A 15 7.65 3.75 -4.76
CA GLU A 15 7.95 5.18 -4.91
C GLU A 15 8.03 5.90 -3.54
N ARG A 16 6.98 5.75 -2.74
CA ARG A 16 6.93 6.37 -1.41
C ARG A 16 8.12 5.98 -0.53
N GLN A 17 8.51 4.70 -0.56
CA GLN A 17 9.65 4.22 0.23
C GLN A 17 10.99 4.75 -0.31
N ASN A 18 11.06 4.97 -1.63
CA ASN A 18 12.24 5.61 -2.24
C ASN A 18 12.45 7.01 -1.67
N MET A 19 11.35 7.69 -1.36
CA MET A 19 11.40 9.03 -0.74
C MET A 19 12.12 9.02 0.62
N ASP A 20 11.95 7.93 1.37
CA ASP A 20 12.63 7.77 2.67
C ASP A 20 12.67 6.28 3.07
N ASP A 21 13.87 5.71 3.05
CA ASP A 21 14.07 4.29 3.38
C ASP A 21 13.61 3.94 4.81
N GLY A 22 13.46 4.97 5.65
CA GLY A 22 13.01 4.74 7.03
C GLY A 22 11.54 5.05 7.25
N ALA A 23 10.78 5.22 6.15
CA ALA A 23 9.36 5.58 6.23
C ALA A 23 8.47 4.55 5.50
N PRO A 24 7.30 4.21 6.09
CA PRO A 24 6.32 3.33 5.45
C PRO A 24 5.32 4.09 4.55
N VAL A 25 4.48 3.36 3.85
CA VAL A 25 3.50 3.95 2.94
C VAL A 25 2.09 3.98 3.57
N LYS A 26 1.39 5.10 3.45
CA LYS A 26 0.04 5.23 4.02
C LYS A 26 -1.03 4.80 3.00
N THR A 27 -2.08 4.16 3.49
CA THR A 27 -3.24 3.82 2.65
C THR A 27 -3.81 5.08 1.97
N ARG A 28 -3.82 6.19 2.71
CA ARG A 28 -4.27 7.48 2.18
C ARG A 28 -3.42 7.92 0.98
N ASP A 29 -2.11 8.00 1.17
CA ASP A 29 -1.15 8.38 0.13
C ASP A 29 -1.35 7.55 -1.16
N ILE A 30 -1.51 6.24 -0.99
CA ILE A 30 -1.76 5.35 -2.12
C ILE A 30 -3.08 5.70 -2.82
N ALA A 31 -4.14 5.93 -2.04
CA ALA A 31 -5.43 6.32 -2.59
C ALA A 31 -5.35 7.65 -3.37
N ASP A 32 -4.46 8.53 -2.93
CA ASP A 32 -4.24 9.81 -3.59
C ASP A 32 -3.61 9.63 -4.99
N ALA A 33 -2.53 8.86 -5.06
CA ALA A 33 -1.82 8.62 -6.33
C ALA A 33 -2.60 7.65 -7.25
N ALA A 34 -3.40 6.77 -6.66
CA ALA A 34 -4.19 5.80 -7.43
C ALA A 34 -5.54 6.38 -7.88
N GLY A 35 -6.07 7.31 -7.10
CA GLY A 35 -7.36 7.93 -7.43
C GLY A 35 -8.55 6.99 -7.18
N LEU A 36 -8.43 6.14 -6.16
CA LEU A 36 -9.49 5.19 -5.80
C LEU A 36 -10.06 5.49 -4.40
N SER A 37 -11.19 4.89 -4.08
CA SER A 37 -11.81 5.08 -2.76
C SER A 37 -10.99 4.39 -1.66
N ILE A 38 -10.93 5.01 -0.48
CA ILE A 38 -10.13 4.49 0.65
C ILE A 38 -10.38 3.00 0.91
N TYR A 39 -11.66 2.62 1.02
CA TYR A 39 -12.03 1.23 1.31
C TYR A 39 -11.57 0.28 0.20
N GLN A 40 -11.75 0.68 -1.05
CA GLN A 40 -11.34 -0.14 -2.20
C GLN A 40 -9.82 -0.35 -2.23
N VAL A 41 -9.07 0.73 -1.99
CA VAL A 41 -7.61 0.65 -1.88
C VAL A 41 -7.20 -0.34 -0.78
N ARG A 42 -7.89 -0.27 0.37
CA ARG A 42 -7.69 -1.21 1.47
C ARG A 42 -7.86 -2.67 1.00
N LEU A 43 -8.85 -2.92 0.16
CA LEU A 43 -9.09 -4.27 -0.37
C LEU A 43 -7.87 -4.80 -1.13
N TYR A 44 -7.28 -3.94 -1.98
CA TYR A 44 -6.07 -4.31 -2.72
C TYR A 44 -4.87 -4.53 -1.79
N LEU A 45 -4.58 -3.55 -0.94
CA LEU A 45 -3.46 -3.62 -0.01
C LEU A 45 -3.56 -4.86 0.91
N GLU A 46 -4.78 -5.17 1.32
CA GLU A 46 -5.05 -6.33 2.19
C GLU A 46 -4.65 -7.64 1.50
N GLN A 47 -5.16 -7.87 0.29
CA GLN A 47 -4.89 -9.11 -0.46
C GLN A 47 -3.41 -9.19 -0.89
N LEU A 48 -2.83 -8.06 -1.31
CA LEU A 48 -1.39 -8.01 -1.63
C LEU A 48 -0.56 -8.34 -0.38
N HIS A 49 -1.03 -7.92 0.79
CA HIS A 49 -0.39 -8.27 2.05
C HIS A 49 -0.50 -9.77 2.34
N ASP A 50 -1.69 -10.33 2.17
CA ASP A 50 -1.96 -11.72 2.52
C ASP A 50 -1.17 -12.71 1.65
N VAL A 51 -1.09 -12.44 0.34
CA VAL A 51 -0.36 -13.33 -0.58
C VAL A 51 1.16 -13.26 -0.39
N GLY A 52 1.63 -12.21 0.28
CA GLY A 52 3.07 -12.09 0.58
C GLY A 52 3.79 -11.06 -0.27
N VAL A 53 3.10 -10.02 -0.71
CA VAL A 53 3.74 -8.91 -1.44
C VAL A 53 4.10 -7.75 -0.48
N LEU A 54 3.12 -7.35 0.33
CA LEU A 54 3.31 -6.23 1.27
C LEU A 54 3.29 -6.70 2.73
N GLU A 55 4.18 -6.15 3.54
CA GLU A 55 4.22 -6.42 4.99
C GLU A 55 3.37 -5.38 5.73
N LYS A 56 2.72 -5.80 6.82
CA LYS A 56 1.78 -4.92 7.56
C LYS A 56 2.49 -4.06 8.61
N VAL A 57 2.10 -2.79 8.72
CA VAL A 57 2.58 -1.91 9.78
C VAL A 57 1.41 -1.16 10.42
N ASN A 58 1.08 -1.53 11.66
CA ASN A 58 -0.02 -0.91 12.42
C ASN A 58 -1.38 -1.09 11.71
N ALA A 59 -2.11 -2.13 12.08
CA ALA A 59 -3.43 -2.43 11.47
C ALA A 59 -4.48 -2.79 12.53
N GLY A 60 -5.76 -2.75 12.15
CA GLY A 60 -6.83 -3.12 13.07
C GLY A 60 -8.03 -2.18 13.03
N LYS A 61 -8.39 -1.63 14.20
CA LYS A 61 -9.62 -0.83 14.33
C LYS A 61 -9.44 0.61 13.80
N GLY A 62 -9.99 0.86 12.61
CA GLY A 62 -9.96 2.21 12.02
C GLY A 62 -8.56 2.84 11.99
N VAL A 63 -7.60 2.16 11.36
CA VAL A 63 -6.22 2.64 11.29
C VAL A 63 -5.91 3.30 9.93
N PRO A 64 -4.86 4.16 9.87
CA PRO A 64 -4.43 4.77 8.59
C PRO A 64 -3.79 3.74 7.64
N GLY A 65 -3.40 2.58 8.20
CA GLY A 65 -2.82 1.51 7.42
C GLY A 65 -1.46 1.85 6.83
N LEU A 66 -0.39 1.45 7.51
CA LEU A 66 0.97 1.63 7.00
C LEU A 66 1.47 0.33 6.34
N TRP A 67 2.00 0.44 5.13
CA TRP A 67 2.42 -0.75 4.37
C TRP A 67 3.86 -0.61 3.87
N ARG A 68 4.55 -1.73 3.79
CA ARG A 68 5.90 -1.79 3.22
C ARG A 68 6.05 -3.04 2.36
N LEU A 69 7.16 -3.16 1.65
CA LEU A 69 7.42 -4.34 0.81
C LEU A 69 8.54 -5.20 1.43
N LEU A 70 8.72 -6.41 0.91
CA LEU A 70 9.72 -7.34 1.46
C LEU A 70 11.15 -6.87 1.17
N GLU A 71 11.61 -5.90 1.95
CA GLU A 71 12.98 -5.35 1.81
C GLU A 71 13.41 -4.61 3.09
N MET A 1 0.28 -1.63 -24.36
CA MET A 1 0.35 -0.61 -23.27
C MET A 1 -0.04 -1.24 -21.93
N SER A 2 0.70 -0.90 -20.87
CA SER A 2 0.51 -1.53 -19.55
C SER A 2 -0.78 -1.05 -18.85
N GLU A 3 -1.78 -1.92 -18.82
CA GLU A 3 -3.04 -1.64 -18.11
C GLU A 3 -3.12 -2.42 -16.80
N SER A 4 -3.00 -1.70 -15.67
CA SER A 4 -3.07 -2.33 -14.34
C SER A 4 -2.98 -1.30 -13.21
N ILE A 5 -4.09 -1.13 -12.49
CA ILE A 5 -4.14 -0.23 -11.33
C ILE A 5 -3.44 -0.88 -10.12
N VAL A 6 -3.58 -2.21 -10.00
CA VAL A 6 -2.90 -2.95 -8.94
C VAL A 6 -1.37 -2.77 -9.03
N THR A 7 -0.82 -2.92 -10.25
CA THR A 7 0.61 -2.69 -10.47
C THR A 7 1.00 -1.24 -10.16
N LYS A 8 0.09 -0.30 -10.45
CA LYS A 8 0.30 1.11 -10.11
C LYS A 8 0.48 1.29 -8.60
N ILE A 9 -0.42 0.68 -7.82
CA ILE A 9 -0.33 0.73 -6.35
C ILE A 9 1.01 0.17 -5.87
N ILE A 10 1.40 -1.00 -6.38
CA ILE A 10 2.69 -1.61 -6.05
C ILE A 10 3.85 -0.65 -6.40
N SER A 11 3.73 0.02 -7.55
CA SER A 11 4.71 1.03 -7.98
C SER A 11 4.80 2.18 -6.98
N ILE A 12 3.63 2.67 -6.54
CA ILE A 12 3.55 3.76 -5.56
C ILE A 12 4.29 3.41 -4.26
N VAL A 13 3.90 2.29 -3.64
CA VAL A 13 4.51 1.85 -2.38
C VAL A 13 6.03 1.68 -2.52
N GLN A 14 6.46 0.94 -3.55
CA GLN A 14 7.88 0.73 -3.84
C GLN A 14 8.62 2.06 -4.02
N GLU A 15 8.02 2.96 -4.80
CA GLU A 15 8.62 4.27 -5.07
C GLU A 15 8.83 5.08 -3.78
N ARG A 16 7.87 5.02 -2.86
CA ARG A 16 8.01 5.68 -1.56
C ARG A 16 9.20 5.08 -0.78
N GLN A 17 9.36 3.76 -0.87
CA GLN A 17 10.49 3.07 -0.25
C GLN A 17 11.82 3.47 -0.91
N ASN A 18 11.77 3.89 -2.17
CA ASN A 18 12.94 4.42 -2.87
C ASN A 18 13.21 5.88 -2.44
N MET A 19 12.19 6.53 -1.88
CA MET A 19 12.35 7.88 -1.32
C MET A 19 12.97 7.83 0.09
N ASP A 20 12.62 6.80 0.86
CA ASP A 20 13.19 6.60 2.19
C ASP A 20 13.40 5.10 2.48
N ASP A 21 14.53 4.77 3.09
CA ASP A 21 14.91 3.36 3.35
C ASP A 21 13.92 2.61 4.26
N GLY A 22 13.00 3.33 4.88
CA GLY A 22 11.99 2.70 5.72
C GLY A 22 10.68 3.47 5.76
N ALA A 23 10.15 3.79 4.58
CA ALA A 23 8.91 4.57 4.47
C ALA A 23 7.64 3.70 4.59
N PRO A 24 6.90 3.83 5.71
CA PRO A 24 5.59 3.17 5.84
C PRO A 24 4.49 3.97 5.11
N VAL A 25 4.03 3.45 3.99
CA VAL A 25 3.11 4.17 3.12
C VAL A 25 1.67 4.14 3.64
N LYS A 26 0.95 5.24 3.45
CA LYS A 26 -0.38 5.42 4.05
C LYS A 26 -1.50 5.02 3.08
N THR A 27 -2.53 4.34 3.59
CA THR A 27 -3.71 3.97 2.79
C THR A 27 -4.29 5.20 2.08
N ARG A 28 -4.30 6.34 2.79
CA ARG A 28 -4.76 7.60 2.21
C ARG A 28 -3.91 8.01 0.99
N ASP A 29 -2.60 8.15 1.22
CA ASP A 29 -1.65 8.53 0.16
C ASP A 29 -1.80 7.62 -1.08
N ILE A 30 -1.88 6.32 -0.84
CA ILE A 30 -2.08 5.34 -1.92
C ILE A 30 -3.39 5.59 -2.68
N ALA A 31 -4.47 5.84 -1.93
CA ALA A 31 -5.78 6.11 -2.54
C ALA A 31 -5.74 7.34 -3.46
N ASP A 32 -5.16 8.43 -2.97
CA ASP A 32 -5.01 9.66 -3.75
C ASP A 32 -4.14 9.43 -5.00
N ALA A 33 -2.94 8.89 -4.80
CA ALA A 33 -2.00 8.65 -5.91
C ALA A 33 -2.53 7.63 -6.93
N ALA A 34 -3.20 6.59 -6.44
CA ALA A 34 -3.74 5.54 -7.31
C ALA A 34 -5.01 6.00 -8.05
N GLY A 35 -5.83 6.81 -7.38
CA GLY A 35 -7.09 7.26 -7.94
C GLY A 35 -8.26 6.33 -7.60
N LEU A 36 -8.20 5.73 -6.41
CA LEU A 36 -9.24 4.79 -5.96
C LEU A 36 -9.93 5.25 -4.69
N SER A 37 -11.00 4.55 -4.30
CA SER A 37 -11.75 4.86 -3.08
C SER A 37 -11.06 4.27 -1.84
N ILE A 38 -11.17 4.95 -0.69
CA ILE A 38 -10.48 4.53 0.54
C ILE A 38 -10.73 3.05 0.89
N TYR A 39 -12.00 2.67 1.07
CA TYR A 39 -12.34 1.29 1.44
C TYR A 39 -11.92 0.29 0.35
N GLN A 40 -11.95 0.74 -0.89
CA GLN A 40 -11.47 -0.08 -2.02
C GLN A 40 -9.97 -0.39 -1.86
N VAL A 41 -9.20 0.62 -1.49
CA VAL A 41 -7.75 0.47 -1.30
C VAL A 41 -7.44 -0.51 -0.15
N ARG A 42 -8.25 -0.50 0.91
CA ARG A 42 -8.12 -1.50 1.99
C ARG A 42 -8.01 -2.92 1.42
N LEU A 43 -8.96 -3.28 0.57
CA LEU A 43 -9.02 -4.62 -0.03
C LEU A 43 -7.74 -4.93 -0.84
N TYR A 44 -7.36 -3.99 -1.71
CA TYR A 44 -6.15 -4.15 -2.53
C TYR A 44 -4.90 -4.38 -1.67
N LEU A 45 -4.69 -3.52 -0.67
CA LEU A 45 -3.49 -3.58 0.18
C LEU A 45 -3.42 -4.90 0.97
N GLU A 46 -4.52 -5.29 1.58
CA GLU A 46 -4.56 -6.52 2.36
C GLU A 46 -4.26 -7.76 1.50
N GLN A 47 -4.81 -7.80 0.29
CA GLN A 47 -4.52 -8.91 -0.63
C GLN A 47 -3.05 -8.91 -1.06
N LEU A 48 -2.49 -7.72 -1.30
CA LEU A 48 -1.06 -7.59 -1.62
C LEU A 48 -0.19 -8.07 -0.45
N HIS A 49 -0.68 -7.92 0.77
CA HIS A 49 -0.01 -8.48 1.94
C HIS A 49 0.01 -10.02 1.88
N ASP A 50 -1.13 -10.62 1.53
CA ASP A 50 -1.25 -12.07 1.46
C ASP A 50 -0.32 -12.69 0.40
N VAL A 51 -0.31 -12.11 -0.80
CA VAL A 51 0.51 -12.64 -1.91
C VAL A 51 2.01 -12.33 -1.74
N GLY A 52 2.39 -11.71 -0.62
CA GLY A 52 3.80 -11.49 -0.32
C GLY A 52 4.38 -10.21 -0.93
N VAL A 53 3.58 -9.17 -0.99
CA VAL A 53 4.05 -7.86 -1.47
C VAL A 53 4.16 -6.86 -0.30
N LEU A 54 3.04 -6.59 0.36
CA LEU A 54 2.99 -5.57 1.43
C LEU A 54 3.03 -6.17 2.83
N GLU A 55 3.32 -5.32 3.81
CA GLU A 55 3.39 -5.72 5.22
C GLU A 55 2.70 -4.67 6.10
N LYS A 56 2.05 -5.13 7.17
CA LYS A 56 1.23 -4.25 8.03
C LYS A 56 2.09 -3.53 9.09
N VAL A 57 1.75 -2.27 9.35
CA VAL A 57 2.36 -1.50 10.45
C VAL A 57 1.27 -1.05 11.44
N ASN A 58 0.98 -1.91 12.41
CA ASN A 58 -0.10 -1.68 13.38
C ASN A 58 0.08 -2.58 14.63
N ALA A 59 -0.96 -2.66 15.47
CA ALA A 59 -0.91 -3.49 16.68
C ALA A 59 -1.27 -4.96 16.38
N GLY A 60 -2.46 -5.19 15.81
CA GLY A 60 -2.93 -6.55 15.55
C GLY A 60 -2.90 -6.94 14.08
N LYS A 61 -4.00 -7.53 13.59
CA LYS A 61 -4.13 -7.92 12.18
C LYS A 61 -5.36 -7.28 11.54
N GLY A 62 -5.29 -6.96 10.25
CA GLY A 62 -6.44 -6.41 9.52
C GLY A 62 -6.73 -4.93 9.81
N VAL A 63 -6.54 -4.52 11.06
CA VAL A 63 -6.77 -3.13 11.48
C VAL A 63 -5.94 -2.14 10.63
N PRO A 64 -6.58 -1.04 10.15
CA PRO A 64 -5.92 -0.06 9.26
C PRO A 64 -4.84 0.78 9.97
N GLY A 65 -3.80 1.13 9.23
CA GLY A 65 -2.72 1.96 9.76
C GLY A 65 -1.72 2.35 8.68
N LEU A 66 -0.45 1.95 8.87
CA LEU A 66 0.59 2.20 7.87
C LEU A 66 0.97 0.88 7.16
N TRP A 67 1.46 1.00 5.93
CA TRP A 67 1.77 -0.19 5.11
C TRP A 67 3.19 -0.13 4.52
N ARG A 68 4.00 -1.14 4.82
CA ARG A 68 5.32 -1.30 4.20
C ARG A 68 5.27 -2.42 3.15
N LEU A 69 6.41 -2.80 2.61
CA LEU A 69 6.50 -3.95 1.71
C LEU A 69 7.58 -4.93 2.20
N LEU A 70 7.56 -6.16 1.69
CA LEU A 70 8.58 -7.15 2.09
C LEU A 70 9.97 -6.73 1.57
N GLU A 71 10.69 -6.00 2.41
CA GLU A 71 12.03 -5.49 2.10
C GLU A 71 13.10 -6.59 2.14
N MET A 1 -7.45 -4.96 -24.38
CA MET A 1 -7.78 -4.13 -23.19
C MET A 1 -6.58 -3.98 -22.24
N SER A 2 -6.72 -3.14 -21.22
CA SER A 2 -5.68 -2.99 -20.18
C SER A 2 -6.32 -2.88 -18.80
N GLU A 3 -5.82 -3.66 -17.85
CA GLU A 3 -6.36 -3.67 -16.48
C GLU A 3 -5.24 -3.60 -15.43
N SER A 4 -4.08 -3.08 -15.85
CA SER A 4 -2.92 -2.99 -14.96
C SER A 4 -3.03 -1.79 -13.99
N ILE A 5 -3.98 -1.88 -13.05
CA ILE A 5 -4.17 -0.85 -12.03
C ILE A 5 -3.35 -1.16 -10.77
N VAL A 6 -3.30 -2.43 -10.39
CA VAL A 6 -2.54 -2.87 -9.21
C VAL A 6 -1.05 -2.52 -9.34
N THR A 7 -0.52 -2.63 -10.56
CA THR A 7 0.88 -2.26 -10.85
C THR A 7 1.16 -0.82 -10.41
N LYS A 8 0.21 0.09 -10.65
CA LYS A 8 0.36 1.49 -10.23
C LYS A 8 0.48 1.57 -8.70
N ILE A 9 -0.39 0.87 -8.00
CA ILE A 9 -0.34 0.82 -6.52
C ILE A 9 1.02 0.31 -6.04
N ILE A 10 1.50 -0.78 -6.64
CA ILE A 10 2.82 -1.33 -6.32
C ILE A 10 3.94 -0.31 -6.60
N SER A 11 3.84 0.39 -7.72
CA SER A 11 4.80 1.45 -8.09
C SER A 11 4.78 2.60 -7.08
N ILE A 12 3.59 2.95 -6.61
CA ILE A 12 3.42 3.98 -5.58
C ILE A 12 4.14 3.57 -4.28
N VAL A 13 3.86 2.36 -3.81
CA VAL A 13 4.49 1.82 -2.60
C VAL A 13 6.03 1.72 -2.76
N GLN A 14 6.47 1.21 -3.92
CA GLN A 14 7.90 1.10 -4.21
C GLN A 14 8.56 2.49 -4.22
N GLU A 15 7.92 3.45 -4.88
CA GLU A 15 8.46 4.80 -4.97
C GLU A 15 8.59 5.43 -3.58
N ARG A 16 7.61 5.19 -2.72
CA ARG A 16 7.66 5.66 -1.33
C ARG A 16 8.82 4.98 -0.56
N GLN A 17 9.00 3.68 -0.77
CA GLN A 17 10.16 2.98 -0.21
C GLN A 17 11.47 3.50 -0.80
N ASN A 18 11.38 3.95 -2.05
CA ASN A 18 12.52 4.49 -2.78
C ASN A 18 12.85 5.92 -2.29
N MET A 19 11.87 6.56 -1.66
CA MET A 19 12.04 7.90 -1.08
C MET A 19 12.19 7.83 0.45
N ASP A 20 11.11 7.48 1.14
CA ASP A 20 11.11 7.39 2.61
C ASP A 20 12.02 6.27 3.13
N ASP A 21 11.64 5.02 2.84
CA ASP A 21 12.36 3.82 3.31
C ASP A 21 12.23 3.63 4.84
N GLY A 22 12.70 4.61 5.62
CA GLY A 22 12.54 4.57 7.06
C GLY A 22 11.10 4.76 7.51
N ALA A 23 10.32 5.48 6.70
CA ALA A 23 8.89 5.71 6.98
C ALA A 23 8.02 4.82 6.09
N PRO A 24 7.00 4.15 6.68
CA PRO A 24 6.09 3.28 5.92
C PRO A 24 5.13 4.04 5.00
N VAL A 25 4.47 3.31 4.09
CA VAL A 25 3.50 3.90 3.17
C VAL A 25 2.11 3.98 3.82
N LYS A 26 1.39 5.07 3.54
CA LYS A 26 0.05 5.28 4.12
C LYS A 26 -1.03 4.95 3.08
N THR A 27 -2.17 4.43 3.55
CA THR A 27 -3.31 4.15 2.67
C THR A 27 -3.81 5.43 1.98
N ARG A 28 -3.62 6.57 2.66
CA ARG A 28 -4.01 7.89 2.14
C ARG A 28 -3.31 8.20 0.79
N ASP A 29 -1.98 8.26 0.83
CA ASP A 29 -1.17 8.58 -0.36
C ASP A 29 -1.55 7.70 -1.57
N ILE A 30 -1.74 6.40 -1.31
CA ILE A 30 -2.14 5.46 -2.35
C ILE A 30 -3.54 5.80 -2.90
N ALA A 31 -4.47 6.13 -2.01
CA ALA A 31 -5.84 6.48 -2.39
C ALA A 31 -5.87 7.75 -3.26
N ASP A 32 -5.17 8.79 -2.81
CA ASP A 32 -5.10 10.05 -3.56
C ASP A 32 -4.31 9.90 -4.89
N ALA A 33 -3.20 9.18 -4.85
CA ALA A 33 -2.36 8.99 -6.04
C ALA A 33 -3.03 8.13 -7.11
N ALA A 34 -3.55 6.96 -6.71
CA ALA A 34 -4.21 6.04 -7.65
C ALA A 34 -5.63 6.50 -8.02
N GLY A 35 -6.28 7.22 -7.11
CA GLY A 35 -7.65 7.70 -7.35
C GLY A 35 -8.69 6.62 -7.04
N LEU A 36 -8.65 6.07 -5.84
CA LEU A 36 -9.57 5.00 -5.42
C LEU A 36 -10.18 5.29 -4.03
N SER A 37 -11.32 4.66 -3.74
CA SER A 37 -11.94 4.77 -2.40
C SER A 37 -11.14 3.96 -1.37
N ILE A 38 -11.08 4.44 -0.13
CA ILE A 38 -10.29 3.80 0.94
C ILE A 38 -10.59 2.29 1.06
N TYR A 39 -11.87 1.91 0.96
CA TYR A 39 -12.26 0.50 0.96
C TYR A 39 -11.59 -0.27 -0.19
N GLN A 40 -11.80 0.22 -1.42
CA GLN A 40 -11.20 -0.35 -2.62
C GLN A 40 -9.66 -0.48 -2.47
N VAL A 41 -9.03 0.56 -1.96
CA VAL A 41 -7.58 0.57 -1.72
C VAL A 41 -7.18 -0.52 -0.71
N ARG A 42 -7.88 -0.56 0.43
CA ARG A 42 -7.61 -1.56 1.47
C ARG A 42 -7.76 -2.98 0.92
N LEU A 43 -8.72 -3.20 0.04
CA LEU A 43 -8.91 -4.51 -0.58
C LEU A 43 -7.62 -4.95 -1.29
N TYR A 44 -7.09 -4.08 -2.15
CA TYR A 44 -5.87 -4.38 -2.89
C TYR A 44 -4.65 -4.53 -1.95
N LEU A 45 -4.52 -3.61 -0.97
CA LEU A 45 -3.38 -3.62 -0.05
C LEU A 45 -3.38 -4.87 0.85
N GLU A 46 -4.53 -5.14 1.48
CA GLU A 46 -4.66 -6.30 2.36
C GLU A 46 -4.45 -7.63 1.60
N GLN A 47 -4.88 -7.68 0.34
CA GLN A 47 -4.61 -8.85 -0.50
C GLN A 47 -3.11 -8.98 -0.81
N LEU A 48 -2.49 -7.87 -1.23
CA LEU A 48 -1.04 -7.85 -1.47
C LEU A 48 -0.26 -8.23 -0.20
N HIS A 49 -0.80 -7.86 0.96
CA HIS A 49 -0.25 -8.27 2.24
C HIS A 49 -0.40 -9.79 2.46
N ASP A 50 -1.59 -10.30 2.17
CA ASP A 50 -1.90 -11.72 2.37
C ASP A 50 -1.05 -12.63 1.46
N VAL A 51 -0.87 -12.23 0.20
CA VAL A 51 -0.07 -13.00 -0.76
C VAL A 51 1.45 -12.87 -0.49
N GLY A 52 1.82 -11.95 0.41
CA GLY A 52 3.22 -11.84 0.84
C GLY A 52 4.01 -10.70 0.21
N VAL A 53 3.33 -9.78 -0.48
CA VAL A 53 3.99 -8.60 -1.08
C VAL A 53 4.19 -7.48 -0.04
N LEU A 54 3.09 -7.10 0.63
CA LEU A 54 3.11 -6.01 1.61
C LEU A 54 3.03 -6.52 3.06
N GLU A 55 3.44 -5.67 4.00
CA GLU A 55 3.33 -5.95 5.44
C GLU A 55 2.64 -4.79 6.15
N LYS A 56 1.76 -5.10 7.11
CA LYS A 56 1.00 -4.07 7.81
C LYS A 56 1.74 -3.57 9.06
N VAL A 57 2.33 -2.39 8.95
CA VAL A 57 2.99 -1.75 10.09
C VAL A 57 1.96 -1.09 11.01
N ASN A 58 1.53 -1.83 12.03
CA ASN A 58 0.51 -1.33 12.97
C ASN A 58 0.80 -1.81 14.41
N ALA A 59 0.94 -0.85 15.33
CA ALA A 59 1.22 -1.15 16.73
C ALA A 59 0.03 -1.78 17.47
N GLY A 60 -1.19 -1.57 16.95
CA GLY A 60 -2.38 -2.13 17.56
C GLY A 60 -3.61 -1.24 17.45
N LYS A 61 -4.63 -1.55 18.24
CA LYS A 61 -5.90 -0.79 18.24
C LYS A 61 -5.69 0.69 18.57
N GLY A 62 -6.00 1.56 17.61
CA GLY A 62 -5.83 3.00 17.80
C GLY A 62 -5.01 3.65 16.70
N VAL A 63 -3.77 3.20 16.53
CA VAL A 63 -2.88 3.75 15.49
C VAL A 63 -3.33 3.35 14.08
N PRO A 64 -2.98 4.16 13.05
CA PRO A 64 -3.37 3.89 11.65
C PRO A 64 -2.68 2.64 11.07
N GLY A 65 -3.30 2.05 10.05
CA GLY A 65 -2.71 0.91 9.36
C GLY A 65 -1.70 1.33 8.29
N LEU A 66 -0.41 1.19 8.58
CA LEU A 66 0.65 1.52 7.62
C LEU A 66 1.09 0.28 6.82
N TRP A 67 1.65 0.48 5.64
CA TRP A 67 2.04 -0.63 4.75
C TRP A 67 3.50 -0.51 4.29
N ARG A 68 4.15 -1.66 4.09
CA ARG A 68 5.51 -1.69 3.53
C ARG A 68 5.76 -3.00 2.76
N LEU A 69 6.34 -2.90 1.57
CA LEU A 69 6.68 -4.09 0.78
C LEU A 69 7.97 -4.76 1.29
N LEU A 70 7.98 -6.09 1.28
CA LEU A 70 9.15 -6.86 1.75
C LEU A 70 9.66 -7.84 0.68
N GLU A 71 8.76 -8.27 -0.21
CA GLU A 71 9.12 -9.21 -1.29
C GLU A 71 9.47 -8.45 -2.59
N MET A 1 -4.55 4.17 -22.99
CA MET A 1 -4.37 2.70 -23.12
C MET A 1 -3.53 2.12 -21.96
N SER A 2 -3.80 0.87 -21.60
CA SER A 2 -3.03 0.14 -20.58
C SER A 2 -3.01 0.85 -19.22
N GLU A 3 -4.14 0.83 -18.52
CA GLU A 3 -4.22 1.35 -17.16
C GLU A 3 -4.27 0.20 -16.13
N SER A 4 -3.13 -0.09 -15.52
CA SER A 4 -3.00 -1.20 -14.58
C SER A 4 -3.27 -0.74 -13.14
N ILE A 5 -4.47 -1.04 -12.62
CA ILE A 5 -4.88 -0.60 -11.28
C ILE A 5 -3.96 -1.18 -10.19
N VAL A 6 -3.73 -2.49 -10.23
CA VAL A 6 -2.88 -3.16 -9.25
C VAL A 6 -1.43 -2.65 -9.35
N THR A 7 -0.86 -2.68 -10.54
CA THR A 7 0.52 -2.19 -10.77
C THR A 7 0.65 -0.71 -10.38
N LYS A 8 -0.40 0.08 -10.61
CA LYS A 8 -0.43 1.49 -10.21
C LYS A 8 -0.20 1.61 -8.69
N ILE A 9 -0.96 0.84 -7.92
CA ILE A 9 -0.78 0.79 -6.46
C ILE A 9 0.64 0.35 -6.08
N ILE A 10 1.09 -0.77 -6.64
CA ILE A 10 2.43 -1.31 -6.36
C ILE A 10 3.55 -0.29 -6.64
N SER A 11 3.49 0.37 -7.79
CA SER A 11 4.48 1.38 -8.17
C SER A 11 4.51 2.54 -7.17
N ILE A 12 3.33 2.99 -6.75
CA ILE A 12 3.21 4.04 -5.73
C ILE A 12 3.80 3.60 -4.38
N VAL A 13 3.46 2.39 -3.96
CA VAL A 13 4.01 1.81 -2.72
C VAL A 13 5.55 1.83 -2.74
N GLN A 14 6.14 1.23 -3.78
CA GLN A 14 7.59 1.18 -3.94
C GLN A 14 8.20 2.59 -3.97
N GLU A 15 7.53 3.52 -4.64
CA GLU A 15 8.03 4.90 -4.75
C GLU A 15 8.02 5.59 -3.39
N ARG A 16 6.94 5.40 -2.62
CA ARG A 16 6.88 5.91 -1.24
C ARG A 16 8.03 5.36 -0.40
N GLN A 17 8.35 4.09 -0.60
CA GLN A 17 9.51 3.46 0.05
C GLN A 17 10.82 4.15 -0.36
N ASN A 18 10.92 4.49 -1.64
CA ASN A 18 12.09 5.20 -2.17
C ASN A 18 12.28 6.58 -1.50
N MET A 19 11.17 7.17 -1.05
CA MET A 19 11.20 8.50 -0.41
C MET A 19 12.05 8.52 0.88
N ASP A 20 11.77 7.60 1.81
CA ASP A 20 12.47 7.57 3.11
C ASP A 20 13.25 6.26 3.29
N ASP A 21 14.43 6.34 3.90
CA ASP A 21 15.25 5.15 4.16
C ASP A 21 14.53 4.18 5.11
N GLY A 22 13.83 3.21 4.53
CA GLY A 22 13.01 2.29 5.31
C GLY A 22 11.63 2.88 5.61
N ALA A 23 11.02 3.50 4.61
CA ALA A 23 9.70 4.13 4.75
C ALA A 23 8.58 3.10 4.98
N PRO A 24 7.55 3.49 5.75
CA PRO A 24 6.24 2.85 5.73
C PRO A 24 5.22 3.66 4.90
N VAL A 25 4.51 2.99 3.99
CA VAL A 25 3.57 3.68 3.08
C VAL A 25 2.24 4.00 3.79
N LYS A 26 1.71 5.20 3.53
CA LYS A 26 0.43 5.61 4.08
C LYS A 26 -0.72 5.22 3.12
N THR A 27 -1.78 4.64 3.66
CA THR A 27 -2.97 4.27 2.85
C THR A 27 -3.53 5.48 2.08
N ARG A 28 -3.32 6.68 2.64
CA ARG A 28 -3.80 7.92 2.02
C ARG A 28 -3.10 8.21 0.68
N ASP A 29 -1.76 8.24 0.70
CA ASP A 29 -0.95 8.51 -0.49
C ASP A 29 -1.38 7.65 -1.70
N ILE A 30 -1.49 6.34 -1.48
CA ILE A 30 -1.83 5.40 -2.54
C ILE A 30 -3.18 5.74 -3.20
N ALA A 31 -4.24 5.78 -2.38
CA ALA A 31 -5.58 6.08 -2.88
C ALA A 31 -5.63 7.45 -3.59
N ASP A 32 -5.02 8.45 -2.95
CA ASP A 32 -5.02 9.82 -3.47
C ASP A 32 -4.32 9.92 -4.83
N ALA A 33 -3.20 9.22 -4.99
CA ALA A 33 -2.41 9.27 -6.23
C ALA A 33 -3.02 8.37 -7.34
N ALA A 34 -3.47 7.18 -6.98
CA ALA A 34 -4.00 6.21 -7.95
C ALA A 34 -5.41 6.60 -8.45
N GLY A 35 -6.11 7.46 -7.70
CA GLY A 35 -7.46 7.85 -8.08
C GLY A 35 -8.53 6.92 -7.51
N LEU A 36 -8.15 6.14 -6.50
CA LEU A 36 -9.06 5.18 -5.86
C LEU A 36 -9.51 5.67 -4.48
N SER A 37 -10.47 4.97 -3.89
CA SER A 37 -10.93 5.28 -2.53
C SER A 37 -10.22 4.41 -1.49
N ILE A 38 -10.26 4.85 -0.23
CA ILE A 38 -9.52 4.19 0.85
C ILE A 38 -9.88 2.70 1.00
N TYR A 39 -11.17 2.38 1.03
CA TYR A 39 -11.62 0.98 1.17
C TYR A 39 -11.10 0.12 0.01
N GLN A 40 -11.21 0.66 -1.20
CA GLN A 40 -10.80 -0.04 -2.42
C GLN A 40 -9.33 -0.45 -2.34
N VAL A 41 -8.48 0.53 -2.06
CA VAL A 41 -7.04 0.30 -1.91
C VAL A 41 -6.75 -0.72 -0.81
N ARG A 42 -7.40 -0.56 0.36
CA ARG A 42 -7.19 -1.49 1.48
C ARG A 42 -7.56 -2.94 1.11
N LEU A 43 -8.49 -3.11 0.17
CA LEU A 43 -8.82 -4.43 -0.36
C LEU A 43 -7.63 -5.04 -1.11
N TYR A 44 -7.10 -4.29 -2.07
CA TYR A 44 -5.94 -4.74 -2.85
C TYR A 44 -4.69 -4.93 -1.96
N LEU A 45 -4.49 -4.02 -1.02
CA LEU A 45 -3.37 -4.12 -0.06
C LEU A 45 -3.51 -5.37 0.82
N GLU A 46 -4.74 -5.68 1.20
CA GLU A 46 -5.03 -6.90 1.97
C GLU A 46 -4.63 -8.16 1.18
N GLN A 47 -4.94 -8.16 -0.12
CA GLN A 47 -4.54 -9.27 -1.00
C GLN A 47 -3.00 -9.37 -1.08
N LEU A 48 -2.35 -8.25 -1.39
CA LEU A 48 -0.88 -8.20 -1.42
C LEU A 48 -0.26 -8.62 -0.07
N HIS A 49 -0.97 -8.32 1.01
CA HIS A 49 -0.55 -8.75 2.35
C HIS A 49 -0.70 -10.27 2.53
N ASP A 50 -1.74 -10.82 1.89
CA ASP A 50 -2.04 -12.25 1.99
C ASP A 50 -1.05 -13.10 1.19
N VAL A 51 -0.69 -12.62 0.00
CA VAL A 51 0.22 -13.35 -0.90
C VAL A 51 1.71 -13.10 -0.57
N GLY A 52 1.98 -12.41 0.54
CA GLY A 52 3.37 -12.20 0.98
C GLY A 52 4.11 -11.12 0.21
N VAL A 53 3.46 -9.97 0.01
CA VAL A 53 4.10 -8.80 -0.62
C VAL A 53 4.20 -7.63 0.38
N LEU A 54 3.14 -7.39 1.14
CA LEU A 54 3.10 -6.25 2.06
C LEU A 54 2.98 -6.68 3.54
N GLU A 55 3.50 -5.84 4.42
CA GLU A 55 3.44 -6.03 5.87
C GLU A 55 2.76 -4.81 6.52
N LYS A 56 1.73 -5.04 7.34
CA LYS A 56 0.93 -3.93 7.86
C LYS A 56 1.54 -3.36 9.16
N VAL A 57 2.35 -2.32 9.01
CA VAL A 57 3.05 -1.68 10.13
C VAL A 57 2.09 -0.81 10.97
N ASN A 58 1.97 -1.13 12.26
CA ASN A 58 1.16 -0.34 13.19
C ASN A 58 1.83 -0.25 14.57
N ALA A 59 2.04 0.97 15.05
CA ALA A 59 2.71 1.19 16.33
C ALA A 59 1.79 0.91 17.54
N GLY A 60 1.41 -0.36 17.70
CA GLY A 60 0.58 -0.77 18.83
C GLY A 60 -0.93 -0.68 18.57
N LYS A 61 -1.69 -0.38 19.63
CA LYS A 61 -3.16 -0.32 19.55
C LYS A 61 -3.68 1.07 19.15
N GLY A 62 -4.67 1.09 18.26
CA GLY A 62 -5.35 2.33 17.88
C GLY A 62 -4.45 3.34 17.15
N VAL A 63 -3.66 2.86 16.20
CA VAL A 63 -2.74 3.72 15.44
C VAL A 63 -2.94 3.55 13.92
N PRO A 64 -2.59 4.59 13.12
CA PRO A 64 -2.71 4.54 11.65
C PRO A 64 -2.05 3.30 11.02
N GLY A 65 -2.78 2.62 10.14
CA GLY A 65 -2.27 1.43 9.47
C GLY A 65 -1.35 1.75 8.30
N LEU A 66 -0.05 1.52 8.49
CA LEU A 66 0.96 1.75 7.44
C LEU A 66 1.33 0.44 6.73
N TRP A 67 1.84 0.54 5.51
CA TRP A 67 2.17 -0.64 4.70
C TRP A 67 3.65 -0.65 4.28
N ARG A 68 4.36 -1.70 4.66
CA ARG A 68 5.78 -1.87 4.30
C ARG A 68 5.99 -3.13 3.45
N LEU A 69 6.64 -3.00 2.29
CA LEU A 69 6.90 -4.16 1.45
C LEU A 69 8.10 -4.97 1.95
N LEU A 70 8.08 -6.28 1.68
CA LEU A 70 9.15 -7.17 2.11
C LEU A 70 9.41 -8.26 1.06
N GLU A 71 10.68 -8.45 0.71
CA GLU A 71 11.06 -9.40 -0.35
C GLU A 71 11.91 -10.58 0.21
N MET A 1 -10.91 -6.27 -9.02
CA MET A 1 -10.26 -6.05 -10.34
C MET A 1 -10.54 -7.21 -11.31
N SER A 2 -10.71 -6.88 -12.58
CA SER A 2 -10.76 -7.88 -13.65
C SER A 2 -9.44 -7.90 -14.42
N GLU A 3 -8.88 -6.70 -14.67
CA GLU A 3 -7.55 -6.58 -15.27
C GLU A 3 -6.48 -6.29 -14.20
N SER A 4 -5.21 -6.44 -14.57
CA SER A 4 -4.11 -6.19 -13.63
C SER A 4 -3.91 -4.67 -13.40
N ILE A 5 -4.59 -4.14 -12.39
CA ILE A 5 -4.46 -2.73 -12.02
C ILE A 5 -3.57 -2.55 -10.76
N VAL A 6 -3.45 -3.61 -9.97
CA VAL A 6 -2.70 -3.57 -8.71
C VAL A 6 -1.23 -3.13 -8.91
N THR A 7 -0.66 -3.43 -10.08
CA THR A 7 0.74 -3.05 -10.36
C THR A 7 0.99 -1.56 -10.10
N LYS A 8 0.03 -0.72 -10.48
CA LYS A 8 0.08 0.72 -10.17
C LYS A 8 0.26 0.95 -8.67
N ILE A 9 -0.61 0.32 -7.88
CA ILE A 9 -0.58 0.42 -6.42
C ILE A 9 0.78 -0.05 -5.85
N ILE A 10 1.27 -1.19 -6.33
CA ILE A 10 2.57 -1.72 -5.91
C ILE A 10 3.70 -0.71 -6.20
N SER A 11 3.66 -0.10 -7.38
CA SER A 11 4.65 0.91 -7.77
C SER A 11 4.57 2.14 -6.86
N ILE A 12 3.34 2.56 -6.51
CA ILE A 12 3.13 3.69 -5.60
C ILE A 12 3.71 3.40 -4.20
N VAL A 13 3.45 2.19 -3.68
CA VAL A 13 4.05 1.75 -2.41
C VAL A 13 5.58 1.88 -2.46
N GLN A 14 6.18 1.28 -3.49
CA GLN A 14 7.62 1.35 -3.70
C GLN A 14 8.11 2.80 -3.79
N GLU A 15 7.38 3.62 -4.54
CA GLU A 15 7.72 5.05 -4.72
C GLU A 15 7.77 5.78 -3.36
N ARG A 16 6.69 5.65 -2.58
CA ARG A 16 6.61 6.23 -1.25
C ARG A 16 7.85 5.89 -0.41
N GLN A 17 8.36 4.68 -0.58
CA GLN A 17 9.56 4.24 0.13
C GLN A 17 10.84 4.87 -0.45
N ASN A 18 10.95 4.94 -1.79
CA ASN A 18 12.10 5.61 -2.42
C ASN A 18 12.21 7.08 -1.96
N MET A 19 11.08 7.68 -1.61
CA MET A 19 11.03 9.07 -1.17
C MET A 19 11.63 9.27 0.24
N ASP A 20 11.37 8.33 1.15
CA ASP A 20 11.82 8.47 2.55
C ASP A 20 12.61 7.23 3.03
N ASP A 21 13.13 6.45 2.09
CA ASP A 21 13.96 5.27 2.39
C ASP A 21 13.23 4.23 3.25
N GLY A 22 13.29 4.38 4.58
CA GLY A 22 12.59 3.47 5.48
C GLY A 22 11.15 3.92 5.72
N ALA A 23 10.40 4.06 4.63
CA ALA A 23 9.07 4.66 4.70
C ALA A 23 7.94 3.63 4.80
N PRO A 24 7.16 3.65 5.89
CA PRO A 24 5.92 2.88 5.98
C PRO A 24 4.78 3.57 5.21
N VAL A 25 4.24 2.91 4.21
CA VAL A 25 3.29 3.54 3.29
C VAL A 25 1.88 3.64 3.89
N LYS A 26 1.29 4.84 3.79
CA LYS A 26 -0.05 5.10 4.32
C LYS A 26 -1.13 4.77 3.28
N THR A 27 -2.16 4.03 3.68
CA THR A 27 -3.25 3.63 2.78
C THR A 27 -3.81 4.82 1.98
N ARG A 28 -3.92 5.98 2.62
CA ARG A 28 -4.49 7.17 1.98
C ARG A 28 -3.56 7.79 0.93
N ASP A 29 -2.23 7.63 1.09
CA ASP A 29 -1.26 8.13 0.10
C ASP A 29 -1.59 7.60 -1.31
N ILE A 30 -1.80 6.29 -1.40
CA ILE A 30 -2.11 5.63 -2.67
C ILE A 30 -3.46 6.11 -3.23
N ALA A 31 -4.43 6.34 -2.35
CA ALA A 31 -5.74 6.82 -2.74
C ALA A 31 -5.66 8.21 -3.38
N ASP A 32 -4.94 9.13 -2.73
CA ASP A 32 -4.72 10.47 -3.27
C ASP A 32 -3.89 10.44 -4.56
N ALA A 33 -2.78 9.71 -4.54
CA ALA A 33 -1.87 9.62 -5.68
C ALA A 33 -2.54 9.01 -6.92
N ALA A 34 -3.15 7.84 -6.76
CA ALA A 34 -3.79 7.13 -7.89
C ALA A 34 -5.17 7.70 -8.21
N GLY A 35 -5.79 8.40 -7.27
CA GLY A 35 -7.15 8.91 -7.46
C GLY A 35 -8.21 7.82 -7.37
N LEU A 36 -8.10 6.98 -6.35
CA LEU A 36 -9.02 5.84 -6.14
C LEU A 36 -9.81 5.99 -4.83
N SER A 37 -10.68 5.03 -4.55
CA SER A 37 -11.50 5.05 -3.32
C SER A 37 -10.76 4.39 -2.14
N ILE A 38 -10.96 4.94 -0.94
CA ILE A 38 -10.27 4.44 0.28
C ILE A 38 -10.53 2.93 0.49
N TYR A 39 -11.81 2.55 0.49
CA TYR A 39 -12.19 1.15 0.70
C TYR A 39 -11.58 0.24 -0.39
N GLN A 40 -11.63 0.72 -1.64
CA GLN A 40 -11.05 0.01 -2.79
C GLN A 40 -9.55 -0.27 -2.58
N VAL A 41 -8.79 0.80 -2.34
CA VAL A 41 -7.34 0.69 -2.12
C VAL A 41 -7.03 -0.25 -0.93
N ARG A 42 -7.83 -0.14 0.13
CA ARG A 42 -7.68 -1.01 1.30
C ARG A 42 -7.73 -2.50 0.92
N LEU A 43 -8.71 -2.86 0.09
CA LEU A 43 -8.89 -4.26 -0.35
C LEU A 43 -7.67 -4.79 -1.12
N TYR A 44 -7.16 -3.98 -2.05
CA TYR A 44 -5.98 -4.38 -2.84
C TYR A 44 -4.71 -4.45 -1.98
N LEU A 45 -4.56 -3.52 -1.04
CA LEU A 45 -3.44 -3.57 -0.10
C LEU A 45 -3.55 -4.78 0.84
N GLU A 46 -4.78 -5.11 1.22
CA GLU A 46 -5.06 -6.30 2.04
C GLU A 46 -4.56 -7.57 1.35
N GLN A 47 -5.02 -7.80 0.12
CA GLN A 47 -4.65 -9.01 -0.63
C GLN A 47 -3.13 -9.08 -0.86
N LEU A 48 -2.49 -7.94 -1.12
CA LEU A 48 -1.03 -7.89 -1.28
C LEU A 48 -0.33 -8.34 0.00
N HIS A 49 -0.80 -7.86 1.15
CA HIS A 49 -0.27 -8.29 2.45
C HIS A 49 -0.63 -9.76 2.73
N ASP A 50 -1.78 -10.18 2.22
CA ASP A 50 -2.28 -11.55 2.45
C ASP A 50 -1.56 -12.59 1.57
N VAL A 51 -1.15 -12.20 0.37
CA VAL A 51 -0.40 -13.11 -0.50
C VAL A 51 1.11 -13.10 -0.15
N GLY A 52 1.58 -12.00 0.43
CA GLY A 52 2.98 -11.94 0.87
C GLY A 52 3.81 -10.85 0.20
N VAL A 53 3.16 -9.97 -0.58
CA VAL A 53 3.86 -8.88 -1.27
C VAL A 53 4.18 -7.72 -0.30
N LEU A 54 3.22 -7.39 0.56
CA LEU A 54 3.39 -6.28 1.52
C LEU A 54 3.49 -6.79 2.96
N GLU A 55 4.46 -6.26 3.70
CA GLU A 55 4.65 -6.58 5.11
C GLU A 55 3.90 -5.58 6.01
N LYS A 56 3.54 -6.01 7.22
CA LYS A 56 2.81 -5.17 8.17
C LYS A 56 3.74 -4.19 8.91
N VAL A 57 3.29 -2.94 9.04
CA VAL A 57 3.97 -1.95 9.90
C VAL A 57 2.94 -1.24 10.80
N ASN A 58 2.73 -1.76 12.00
CA ASN A 58 1.73 -1.21 12.92
C ASN A 58 2.01 -1.58 14.39
N ALA A 59 1.63 -0.70 15.31
CA ALA A 59 1.81 -0.96 16.75
C ALA A 59 0.64 -1.79 17.33
N GLY A 60 -0.21 -2.32 16.45
CA GLY A 60 -1.32 -3.17 16.88
C GLY A 60 -2.54 -2.38 17.36
N LYS A 61 -2.38 -1.59 18.42
CA LYS A 61 -3.48 -0.84 19.03
C LYS A 61 -3.94 0.33 18.13
N GLY A 62 -5.23 0.37 17.81
CA GLY A 62 -5.81 1.51 17.10
C GLY A 62 -5.45 1.56 15.61
N VAL A 63 -4.18 1.80 15.30
CA VAL A 63 -3.71 1.97 13.92
C VAL A 63 -4.14 0.81 12.99
N PRO A 64 -4.71 1.13 11.81
CA PRO A 64 -5.17 0.13 10.84
C PRO A 64 -4.00 -0.69 10.25
N GLY A 65 -2.90 -0.02 9.95
CA GLY A 65 -1.72 -0.70 9.40
C GLY A 65 -1.01 0.11 8.32
N LEU A 66 0.31 0.19 8.43
CA LEU A 66 1.15 0.81 7.38
C LEU A 66 1.81 -0.29 6.54
N TRP A 67 2.08 0.01 5.27
CA TRP A 67 2.51 -1.02 4.31
C TRP A 67 4.01 -0.92 3.96
N ARG A 68 4.71 -2.04 4.10
CA ARG A 68 6.12 -2.15 3.71
C ARG A 68 6.28 -3.25 2.64
N LEU A 69 7.40 -3.31 1.93
CA LEU A 69 7.59 -4.35 0.91
C LEU A 69 8.85 -5.19 1.17
N LEU A 70 8.83 -6.44 0.73
CA LEU A 70 9.97 -7.35 0.91
C LEU A 70 10.45 -7.91 -0.44
N GLU A 71 10.16 -7.18 -1.52
CA GLU A 71 10.57 -7.58 -2.87
C GLU A 71 11.09 -6.37 -3.67
N MET A 1 -4.83 7.35 -20.67
CA MET A 1 -4.04 6.48 -19.76
C MET A 1 -4.85 6.05 -18.53
N SER A 2 -5.38 4.82 -18.58
CA SER A 2 -6.20 4.30 -17.46
C SER A 2 -6.14 2.76 -17.42
N GLU A 3 -5.19 2.23 -16.65
CA GLU A 3 -4.99 0.78 -16.55
C GLU A 3 -3.88 0.45 -15.52
N SER A 4 -3.49 -0.83 -15.46
CA SER A 4 -2.43 -1.31 -14.54
C SER A 4 -2.71 -0.92 -13.07
N ILE A 5 -3.98 -0.94 -12.66
CA ILE A 5 -4.38 -0.49 -11.32
C ILE A 5 -3.58 -1.21 -10.21
N VAL A 6 -3.48 -2.53 -10.28
CA VAL A 6 -2.74 -3.31 -9.29
C VAL A 6 -1.24 -2.91 -9.25
N THR A 7 -0.60 -2.97 -10.42
CA THR A 7 0.81 -2.61 -10.55
C THR A 7 1.06 -1.14 -10.15
N LYS A 8 0.05 -0.30 -10.38
CA LYS A 8 0.10 1.12 -9.99
C LYS A 8 0.34 1.25 -8.47
N ILE A 9 -0.54 0.63 -7.68
CA ILE A 9 -0.44 0.66 -6.22
C ILE A 9 0.90 0.07 -5.74
N ILE A 10 1.32 -1.04 -6.33
CA ILE A 10 2.62 -1.64 -6.01
C ILE A 10 3.78 -0.69 -6.34
N SER A 11 3.68 -0.02 -7.48
CA SER A 11 4.69 0.97 -7.91
C SER A 11 4.72 2.18 -6.97
N ILE A 12 3.56 2.54 -6.43
CA ILE A 12 3.46 3.62 -5.45
C ILE A 12 4.23 3.27 -4.17
N VAL A 13 4.00 2.06 -3.65
CA VAL A 13 4.71 1.59 -2.45
C VAL A 13 6.23 1.59 -2.66
N GLN A 14 6.68 1.06 -3.80
CA GLN A 14 8.10 1.06 -4.15
C GLN A 14 8.65 2.49 -4.23
N GLU A 15 7.89 3.37 -4.89
CA GLU A 15 8.26 4.80 -5.01
C GLU A 15 8.53 5.43 -3.64
N ARG A 16 7.63 5.17 -2.69
CA ARG A 16 7.74 5.73 -1.33
C ARG A 16 8.94 5.13 -0.57
N GLN A 17 9.19 3.83 -0.79
CA GLN A 17 10.36 3.15 -0.20
C GLN A 17 11.69 3.73 -0.69
N ASN A 18 11.71 4.19 -1.94
CA ASN A 18 12.94 4.68 -2.58
C ASN A 18 13.14 6.19 -2.41
N MET A 19 12.05 6.95 -2.30
CA MET A 19 12.14 8.41 -2.12
C MET A 19 12.69 8.78 -0.73
N ASP A 20 12.48 7.90 0.24
CA ASP A 20 12.90 8.14 1.63
C ASP A 20 13.74 6.96 2.15
N ASP A 21 14.21 7.05 3.38
CA ASP A 21 15.01 5.97 3.99
C ASP A 21 14.19 5.15 4.99
N GLY A 22 13.02 5.65 5.37
CA GLY A 22 12.16 4.93 6.31
C GLY A 22 10.75 5.50 6.40
N ALA A 23 10.16 5.84 5.26
CA ALA A 23 8.81 6.38 5.22
C ALA A 23 7.76 5.29 4.90
N PRO A 24 6.97 4.88 5.90
CA PRO A 24 5.89 3.91 5.70
C PRO A 24 4.75 4.49 4.84
N VAL A 25 4.22 3.69 3.92
CA VAL A 25 3.21 4.17 2.98
C VAL A 25 1.82 4.19 3.64
N LYS A 26 1.22 5.38 3.68
CA LYS A 26 -0.09 5.58 4.33
C LYS A 26 -1.25 5.12 3.42
N THR A 27 -2.18 4.33 3.95
CA THR A 27 -3.36 3.87 3.19
C THR A 27 -4.09 5.05 2.52
N ARG A 28 -4.29 6.13 3.28
CA ARG A 28 -4.92 7.35 2.75
C ARG A 28 -4.08 7.94 1.59
N ASP A 29 -2.77 8.01 1.81
CA ASP A 29 -1.83 8.51 0.81
C ASP A 29 -1.89 7.68 -0.50
N ILE A 30 -2.01 6.36 -0.35
CA ILE A 30 -2.15 5.46 -1.50
C ILE A 30 -3.43 5.78 -2.29
N ALA A 31 -4.52 6.07 -1.57
CA ALA A 31 -5.81 6.39 -2.17
C ALA A 31 -5.70 7.59 -3.13
N ASP A 32 -5.08 8.67 -2.66
CA ASP A 32 -4.85 9.85 -3.48
C ASP A 32 -3.92 9.56 -4.67
N ALA A 33 -2.84 8.81 -4.41
CA ALA A 33 -1.85 8.50 -5.44
C ALA A 33 -2.44 7.61 -6.56
N ALA A 34 -3.24 6.61 -6.17
CA ALA A 34 -3.84 5.68 -7.13
C ALA A 34 -5.16 6.22 -7.71
N GLY A 35 -5.81 7.13 -6.99
CA GLY A 35 -7.08 7.70 -7.45
C GLY A 35 -8.26 6.76 -7.26
N LEU A 36 -8.30 6.06 -6.12
CA LEU A 36 -9.38 5.12 -5.82
C LEU A 36 -9.99 5.39 -4.43
N SER A 37 -11.19 4.87 -4.20
CA SER A 37 -11.85 4.99 -2.89
C SER A 37 -11.12 4.16 -1.83
N ILE A 38 -11.20 4.60 -0.57
CA ILE A 38 -10.47 3.96 0.53
C ILE A 38 -10.72 2.44 0.60
N TYR A 39 -12.00 2.05 0.55
CA TYR A 39 -12.38 0.63 0.58
C TYR A 39 -11.75 -0.14 -0.60
N GLN A 40 -11.88 0.41 -1.81
CA GLN A 40 -11.27 -0.19 -3.01
C GLN A 40 -9.76 -0.38 -2.82
N VAL A 41 -9.09 0.69 -2.39
CA VAL A 41 -7.63 0.66 -2.14
C VAL A 41 -7.27 -0.44 -1.14
N ARG A 42 -7.97 -0.48 -0.01
CA ARG A 42 -7.72 -1.50 1.01
C ARG A 42 -7.94 -2.91 0.47
N LEU A 43 -8.92 -3.10 -0.42
CA LEU A 43 -9.13 -4.41 -1.04
C LEU A 43 -7.84 -4.90 -1.71
N TYR A 44 -7.21 -4.02 -2.49
CA TYR A 44 -5.93 -4.33 -3.11
C TYR A 44 -4.81 -4.52 -2.06
N LEU A 45 -4.77 -3.63 -1.06
CA LEU A 45 -3.73 -3.67 -0.02
C LEU A 45 -3.78 -4.95 0.82
N GLU A 46 -4.98 -5.27 1.32
CA GLU A 46 -5.20 -6.48 2.12
C GLU A 46 -4.76 -7.74 1.35
N GLN A 47 -5.17 -7.84 0.07
CA GLN A 47 -4.77 -8.97 -0.77
C GLN A 47 -3.24 -8.99 -0.97
N LEU A 48 -2.66 -7.85 -1.35
CA LEU A 48 -1.20 -7.74 -1.49
C LEU A 48 -0.49 -8.08 -0.18
N HIS A 49 -1.15 -7.84 0.94
CA HIS A 49 -0.64 -8.22 2.26
C HIS A 49 -0.59 -9.75 2.42
N ASP A 50 -1.74 -10.39 2.23
CA ASP A 50 -1.85 -11.84 2.44
C ASP A 50 -1.10 -12.67 1.38
N VAL A 51 -0.85 -12.12 0.20
CA VAL A 51 -0.07 -12.82 -0.84
C VAL A 51 1.45 -12.63 -0.64
N GLY A 52 1.84 -11.80 0.34
CA GLY A 52 3.25 -11.67 0.69
C GLY A 52 3.98 -10.51 0.01
N VAL A 53 3.21 -9.55 -0.52
CA VAL A 53 3.80 -8.36 -1.16
C VAL A 53 3.99 -7.22 -0.14
N LEU A 54 2.94 -6.91 0.60
CA LEU A 54 2.97 -5.81 1.58
C LEU A 54 3.02 -6.34 3.03
N GLU A 55 3.96 -5.80 3.80
CA GLU A 55 4.10 -6.14 5.23
C GLU A 55 3.49 -5.04 6.12
N LYS A 56 2.87 -5.47 7.23
CA LYS A 56 2.16 -4.56 8.15
C LYS A 56 3.11 -3.56 8.85
N VAL A 57 2.64 -2.32 9.01
CA VAL A 57 3.36 -1.32 9.83
C VAL A 57 2.39 -0.57 10.75
N ASN A 58 2.40 -0.95 12.04
CA ASN A 58 1.56 -0.29 13.07
C ASN A 58 0.09 -0.14 12.64
N ALA A 59 -0.72 -1.17 12.89
CA ALA A 59 -2.11 -1.18 12.41
C ALA A 59 -3.03 -2.10 13.23
N GLY A 60 -4.32 -2.07 12.90
CA GLY A 60 -5.31 -2.85 13.64
C GLY A 60 -6.63 -2.10 13.77
N LYS A 61 -6.93 -1.61 14.98
CA LYS A 61 -8.12 -0.78 15.22
C LYS A 61 -7.74 0.52 15.95
N GLY A 62 -8.30 1.64 15.51
CA GLY A 62 -7.94 2.94 16.06
C GLY A 62 -6.62 3.46 15.52
N VAL A 63 -6.07 2.76 14.52
CA VAL A 63 -4.77 3.08 13.94
C VAL A 63 -4.80 2.94 12.40
N PRO A 64 -4.47 4.03 11.67
CA PRO A 64 -4.37 4.01 10.20
C PRO A 64 -3.24 3.07 9.72
N GLY A 65 -3.62 1.97 9.07
CA GLY A 65 -2.65 0.99 8.61
C GLY A 65 -1.57 1.57 7.68
N LEU A 66 -0.30 1.38 8.06
CA LEU A 66 0.82 1.77 7.22
C LEU A 66 1.42 0.53 6.53
N TRP A 67 1.87 0.68 5.29
CA TRP A 67 2.34 -0.46 4.50
C TRP A 67 3.80 -0.30 4.05
N ARG A 68 4.50 -1.44 3.94
CA ARG A 68 5.86 -1.45 3.40
C ARG A 68 6.13 -2.80 2.69
N LEU A 69 6.70 -2.76 1.49
CA LEU A 69 7.09 -4.00 0.80
C LEU A 69 8.33 -4.61 1.47
N LEU A 70 8.59 -5.89 1.18
CA LEU A 70 9.70 -6.62 1.83
C LEU A 70 11.08 -6.09 1.40
N GLU A 71 11.55 -5.05 2.10
CA GLU A 71 12.86 -4.42 1.83
C GLU A 71 12.93 -3.70 0.47
N MET A 1 -11.78 -3.02 -16.32
CA MET A 1 -10.89 -3.61 -15.29
C MET A 1 -9.50 -3.89 -15.87
N SER A 2 -8.61 -2.90 -15.77
CA SER A 2 -7.24 -3.04 -16.31
C SER A 2 -6.28 -3.58 -15.24
N GLU A 3 -5.26 -4.32 -15.68
CA GLU A 3 -4.25 -4.86 -14.76
C GLU A 3 -3.49 -3.73 -14.03
N SER A 4 -3.51 -2.53 -14.64
CA SER A 4 -2.84 -1.34 -14.10
C SER A 4 -3.30 -1.00 -12.68
N ILE A 5 -4.54 -1.36 -12.33
CA ILE A 5 -5.11 -1.06 -11.01
C ILE A 5 -4.19 -1.53 -9.86
N VAL A 6 -3.86 -2.81 -9.86
CA VAL A 6 -2.98 -3.38 -8.83
C VAL A 6 -1.52 -2.91 -9.01
N THR A 7 -1.05 -2.98 -10.26
CA THR A 7 0.33 -2.58 -10.60
C THR A 7 0.66 -1.14 -10.14
N LYS A 8 -0.31 -0.23 -10.29
CA LYS A 8 -0.15 1.16 -9.85
C LYS A 8 0.07 1.21 -8.33
N ILE A 9 -0.80 0.56 -7.58
CA ILE A 9 -0.70 0.52 -6.11
C ILE A 9 0.67 -0.02 -5.67
N ILE A 10 1.11 -1.12 -6.28
CA ILE A 10 2.44 -1.68 -6.00
C ILE A 10 3.55 -0.66 -6.30
N SER A 11 3.43 0.01 -7.45
CA SER A 11 4.39 1.03 -7.87
C SER A 11 4.41 2.22 -6.89
N ILE A 12 3.25 2.56 -6.34
CA ILE A 12 3.15 3.65 -5.35
C ILE A 12 3.93 3.31 -4.07
N VAL A 13 3.69 2.12 -3.52
CA VAL A 13 4.41 1.65 -2.33
C VAL A 13 5.93 1.73 -2.55
N GLN A 14 6.39 1.19 -3.68
CA GLN A 14 7.81 1.24 -4.05
C GLN A 14 8.28 2.70 -4.23
N GLU A 15 7.48 3.51 -4.91
CA GLU A 15 7.84 4.90 -5.19
C GLU A 15 8.01 5.70 -3.89
N ARG A 16 7.16 5.40 -2.91
CA ARG A 16 7.29 6.00 -1.58
C ARG A 16 8.60 5.55 -0.91
N GLN A 17 8.97 4.28 -1.08
CA GLN A 17 10.24 3.78 -0.57
C GLN A 17 11.43 4.29 -1.40
N ASN A 18 11.14 5.02 -2.47
CA ASN A 18 12.18 5.79 -3.17
C ASN A 18 12.31 7.18 -2.54
N MET A 19 11.16 7.80 -2.23
CA MET A 19 11.11 9.13 -1.61
C MET A 19 11.45 9.06 -0.10
N ASP A 20 10.57 8.42 0.66
CA ASP A 20 10.78 8.24 2.11
C ASP A 20 11.89 7.21 2.38
N ASP A 21 12.26 6.47 1.34
CA ASP A 21 13.34 5.47 1.38
C ASP A 21 12.95 4.19 2.15
N GLY A 22 12.76 4.28 3.46
CA GLY A 22 12.45 3.09 4.24
C GLY A 22 11.34 3.30 5.27
N ALA A 23 10.33 4.09 4.90
CA ALA A 23 9.20 4.37 5.80
C ALA A 23 7.96 3.56 5.40
N PRO A 24 7.07 3.26 6.37
CA PRO A 24 5.78 2.59 6.09
C PRO A 24 4.82 3.49 5.30
N VAL A 25 4.28 2.99 4.20
CA VAL A 25 3.44 3.78 3.30
C VAL A 25 2.01 3.93 3.84
N LYS A 26 1.48 5.15 3.77
CA LYS A 26 0.14 5.44 4.28
C LYS A 26 -0.94 5.19 3.22
N THR A 27 -2.04 4.55 3.62
CA THR A 27 -3.15 4.26 2.71
C THR A 27 -3.69 5.54 2.03
N ARG A 28 -3.59 6.69 2.74
CA ARG A 28 -4.02 7.98 2.17
C ARG A 28 -3.21 8.36 0.92
N ASP A 29 -1.88 8.36 1.05
CA ASP A 29 -0.99 8.71 -0.07
C ASP A 29 -1.21 7.79 -1.29
N ILE A 30 -1.49 6.51 -1.03
CA ILE A 30 -1.77 5.55 -2.11
C ILE A 30 -3.08 5.88 -2.82
N ALA A 31 -4.15 6.10 -2.04
CA ALA A 31 -5.46 6.48 -2.59
C ALA A 31 -5.37 7.80 -3.37
N ASP A 32 -4.52 8.71 -2.89
CA ASP A 32 -4.31 10.01 -3.53
C ASP A 32 -3.65 9.85 -4.92
N ALA A 33 -2.54 9.12 -4.96
CA ALA A 33 -1.79 8.92 -6.22
C ALA A 33 -2.53 8.02 -7.21
N ALA A 34 -3.23 7.00 -6.70
CA ALA A 34 -3.96 6.04 -7.54
C ALA A 34 -5.31 6.59 -8.02
N GLY A 35 -5.96 7.40 -7.19
CA GLY A 35 -7.28 7.93 -7.53
C GLY A 35 -8.42 7.01 -7.09
N LEU A 36 -8.08 5.87 -6.48
CA LEU A 36 -9.07 4.91 -5.98
C LEU A 36 -9.55 5.30 -4.57
N SER A 37 -10.71 4.80 -4.17
CA SER A 37 -11.27 5.12 -2.84
C SER A 37 -10.62 4.30 -1.72
N ILE A 38 -10.69 4.81 -0.48
CA ILE A 38 -10.00 4.21 0.67
C ILE A 38 -10.29 2.71 0.82
N TYR A 39 -11.57 2.34 0.85
CA TYR A 39 -11.97 0.92 1.01
C TYR A 39 -11.36 0.06 -0.11
N GLN A 40 -11.44 0.55 -1.34
CA GLN A 40 -10.93 -0.17 -2.52
C GLN A 40 -9.41 -0.38 -2.41
N VAL A 41 -8.69 0.69 -2.06
CA VAL A 41 -7.23 0.65 -1.92
C VAL A 41 -6.80 -0.37 -0.85
N ARG A 42 -7.37 -0.28 0.36
CA ARG A 42 -6.99 -1.17 1.46
C ARG A 42 -7.30 -2.64 1.13
N LEU A 43 -8.29 -2.89 0.26
CA LEU A 43 -8.60 -4.25 -0.17
C LEU A 43 -7.45 -4.84 -1.01
N TYR A 44 -6.99 -4.11 -2.02
CA TYR A 44 -5.86 -4.54 -2.84
C TYR A 44 -4.55 -4.61 -2.03
N LEU A 45 -4.35 -3.63 -1.14
CA LEU A 45 -3.20 -3.65 -0.21
C LEU A 45 -3.23 -4.91 0.67
N GLU A 46 -4.42 -5.26 1.12
CA GLU A 46 -4.64 -6.49 1.89
C GLU A 46 -4.26 -7.73 1.07
N GLN A 47 -4.67 -7.75 -0.20
CA GLN A 47 -4.31 -8.83 -1.13
C GLN A 47 -2.78 -8.94 -1.30
N LEU A 48 -2.11 -7.79 -1.33
CA LEU A 48 -0.64 -7.76 -1.41
C LEU A 48 -0.01 -8.38 -0.14
N HIS A 49 -0.67 -8.22 1.00
CA HIS A 49 -0.25 -8.93 2.22
C HIS A 49 -0.56 -10.42 2.11
N ASP A 50 -1.72 -10.74 1.55
CA ASP A 50 -2.17 -12.12 1.36
C ASP A 50 -1.15 -12.94 0.53
N VAL A 51 -0.63 -12.33 -0.53
CA VAL A 51 0.36 -13.00 -1.40
C VAL A 51 1.80 -12.93 -0.82
N GLY A 52 2.01 -12.04 0.16
CA GLY A 52 3.32 -11.96 0.83
C GLY A 52 4.15 -10.74 0.46
N VAL A 53 3.57 -9.79 -0.28
CA VAL A 53 4.27 -8.56 -0.68
C VAL A 53 4.36 -7.55 0.49
N LEU A 54 3.21 -7.23 1.09
CA LEU A 54 3.13 -6.19 2.13
C LEU A 54 2.95 -6.77 3.54
N GLU A 55 3.48 -6.07 4.54
CA GLU A 55 3.25 -6.39 5.96
C GLU A 55 2.38 -5.31 6.61
N LYS A 56 1.53 -5.71 7.56
CA LYS A 56 0.61 -4.78 8.22
C LYS A 56 1.32 -3.99 9.33
N VAL A 57 1.62 -2.73 9.07
CA VAL A 57 2.22 -1.87 10.09
C VAL A 57 1.14 -1.17 10.94
N ASN A 58 0.76 -1.84 12.03
CA ASN A 58 -0.18 -1.31 13.03
C ASN A 58 0.31 -1.66 14.44
N ALA A 59 1.13 -0.80 15.03
CA ALA A 59 1.78 -1.09 16.32
C ALA A 59 0.83 -0.90 17.51
N GLY A 60 0.29 0.31 17.68
CA GLY A 60 -0.56 0.61 18.83
C GLY A 60 -2.06 0.57 18.51
N LYS A 61 -2.87 1.07 19.45
CA LYS A 61 -4.33 1.10 19.29
C LYS A 61 -4.82 2.46 18.81
N GLY A 62 -5.72 2.48 17.84
CA GLY A 62 -6.23 3.74 17.29
C GLY A 62 -5.35 4.30 16.19
N VAL A 63 -4.63 3.42 15.51
CA VAL A 63 -3.67 3.82 14.46
C VAL A 63 -4.20 3.50 13.05
N PRO A 64 -3.76 4.26 12.03
CA PRO A 64 -4.14 4.01 10.63
C PRO A 64 -3.38 2.82 10.01
N GLY A 65 -3.91 2.29 8.91
CA GLY A 65 -3.27 1.17 8.23
C GLY A 65 -2.02 1.57 7.45
N LEU A 66 -0.84 1.27 8.01
CA LEU A 66 0.42 1.54 7.31
C LEU A 66 0.95 0.24 6.66
N TRP A 67 1.47 0.32 5.45
CA TRP A 67 1.91 -0.87 4.71
C TRP A 67 3.40 -0.80 4.33
N ARG A 68 4.08 -1.94 4.46
CA ARG A 68 5.51 -2.02 4.14
C ARG A 68 5.82 -3.29 3.35
N LEU A 69 6.50 -3.18 2.20
CA LEU A 69 6.81 -4.38 1.42
C LEU A 69 8.02 -5.12 2.00
N LEU A 70 7.95 -6.45 2.02
CA LEU A 70 9.04 -7.28 2.53
C LEU A 70 9.47 -8.32 1.48
N GLU A 71 9.00 -8.15 0.24
CA GLU A 71 9.30 -9.05 -0.86
C GLU A 71 9.66 -8.28 -2.15
N MET A 1 -8.28 -3.60 -17.19
CA MET A 1 -7.45 -3.84 -18.40
C MET A 1 -5.95 -3.91 -18.04
N SER A 2 -5.28 -4.94 -18.57
CA SER A 2 -3.81 -5.09 -18.39
C SER A 2 -3.38 -5.14 -16.91
N GLU A 3 -4.33 -5.42 -16.00
CA GLU A 3 -4.04 -5.54 -14.56
C GLU A 3 -3.42 -4.22 -14.01
N SER A 4 -3.77 -3.10 -14.66
CA SER A 4 -3.20 -1.78 -14.34
C SER A 4 -3.25 -1.43 -12.85
N ILE A 5 -4.45 -1.44 -12.27
CA ILE A 5 -4.66 -1.04 -10.88
C ILE A 5 -3.69 -1.72 -9.90
N VAL A 6 -3.45 -3.01 -10.10
CA VAL A 6 -2.56 -3.78 -9.22
C VAL A 6 -1.12 -3.23 -9.26
N THR A 7 -0.52 -3.20 -10.45
CA THR A 7 0.85 -2.68 -10.63
C THR A 7 0.95 -1.20 -10.25
N LYS A 8 -0.12 -0.45 -10.53
CA LYS A 8 -0.21 0.97 -10.18
C LYS A 8 0.01 1.17 -8.67
N ILE A 9 -0.77 0.45 -7.87
CA ILE A 9 -0.66 0.54 -6.40
C ILE A 9 0.74 0.16 -5.91
N ILE A 10 1.29 -0.95 -6.41
CA ILE A 10 2.61 -1.43 -5.98
C ILE A 10 3.72 -0.40 -6.28
N SER A 11 3.69 0.22 -7.46
CA SER A 11 4.67 1.24 -7.83
C SER A 11 4.61 2.45 -6.88
N ILE A 12 3.40 2.79 -6.44
CA ILE A 12 3.20 3.86 -5.47
C ILE A 12 3.84 3.53 -4.11
N VAL A 13 3.70 2.27 -3.68
CA VAL A 13 4.32 1.81 -2.43
C VAL A 13 5.85 1.93 -2.50
N GLN A 14 6.45 1.38 -3.56
CA GLN A 14 7.90 1.48 -3.78
C GLN A 14 8.33 2.96 -3.90
N GLU A 15 7.51 3.75 -4.59
CA GLU A 15 7.73 5.20 -4.76
C GLU A 15 8.06 5.88 -3.41
N ARG A 16 7.16 5.72 -2.44
CA ARG A 16 7.34 6.32 -1.11
C ARG A 16 8.59 5.76 -0.40
N GLN A 17 8.85 4.47 -0.58
CA GLN A 17 10.00 3.81 0.05
C GLN A 17 11.31 4.09 -0.72
N ASN A 18 11.19 4.60 -1.95
CA ASN A 18 12.36 5.09 -2.69
C ASN A 18 12.83 6.42 -2.09
N MET A 19 11.87 7.23 -1.64
CA MET A 19 12.17 8.45 -0.89
C MET A 19 12.78 8.12 0.48
N ASP A 20 12.04 7.38 1.29
CA ASP A 20 12.54 6.91 2.59
C ASP A 20 12.45 5.38 2.70
N ASP A 21 13.59 4.70 2.58
CA ASP A 21 13.63 3.23 2.56
C ASP A 21 13.11 2.59 3.87
N GLY A 22 12.96 3.39 4.93
CA GLY A 22 12.49 2.86 6.22
C GLY A 22 11.17 3.44 6.68
N ALA A 23 10.44 4.11 5.78
CA ALA A 23 9.18 4.77 6.14
C ALA A 23 7.96 3.97 5.64
N PRO A 24 6.99 3.68 6.53
CA PRO A 24 5.74 3.00 6.16
C PRO A 24 4.80 3.88 5.32
N VAL A 25 4.24 3.32 4.25
CA VAL A 25 3.36 4.06 3.34
C VAL A 25 1.93 4.17 3.91
N LYS A 26 1.31 5.34 3.74
CA LYS A 26 -0.05 5.58 4.22
C LYS A 26 -1.09 5.25 3.14
N THR A 27 -2.10 4.45 3.51
CA THR A 27 -3.20 4.09 2.59
C THR A 27 -3.75 5.32 1.83
N ARG A 28 -3.77 6.46 2.51
CA ARG A 28 -4.25 7.72 1.91
C ARG A 28 -3.42 8.12 0.68
N ASP A 29 -2.09 8.11 0.83
CA ASP A 29 -1.17 8.45 -0.28
C ASP A 29 -1.43 7.55 -1.50
N ILE A 30 -1.50 6.24 -1.26
CA ILE A 30 -1.77 5.27 -2.32
C ILE A 30 -3.14 5.53 -2.99
N ALA A 31 -4.16 5.73 -2.18
CA ALA A 31 -5.51 6.00 -2.69
C ALA A 31 -5.55 7.24 -3.58
N ASP A 32 -5.02 8.35 -3.07
CA ASP A 32 -5.04 9.62 -3.81
C ASP A 32 -4.18 9.55 -5.09
N ALA A 33 -3.01 8.92 -4.99
CA ALA A 33 -2.09 8.80 -6.13
C ALA A 33 -2.67 7.89 -7.24
N ALA A 34 -3.32 6.80 -6.85
CA ALA A 34 -3.92 5.86 -7.79
C ALA A 34 -5.28 6.35 -8.32
N GLY A 35 -5.91 7.26 -7.57
CA GLY A 35 -7.23 7.75 -7.93
C GLY A 35 -8.35 6.84 -7.48
N LEU A 36 -8.15 6.17 -6.33
CA LEU A 36 -9.12 5.21 -5.80
C LEU A 36 -9.57 5.61 -4.38
N SER A 37 -10.69 5.06 -3.93
CA SER A 37 -11.21 5.35 -2.59
C SER A 37 -10.54 4.47 -1.52
N ILE A 38 -10.46 4.99 -0.29
CA ILE A 38 -9.78 4.29 0.82
C ILE A 38 -10.24 2.83 0.97
N TYR A 39 -11.56 2.61 0.92
CA TYR A 39 -12.14 1.26 1.08
C TYR A 39 -11.59 0.29 0.00
N GLN A 40 -11.67 0.69 -1.26
CA GLN A 40 -11.18 -0.14 -2.38
C GLN A 40 -9.69 -0.45 -2.22
N VAL A 41 -8.91 0.59 -1.90
CA VAL A 41 -7.47 0.44 -1.71
C VAL A 41 -7.14 -0.52 -0.55
N ARG A 42 -7.88 -0.40 0.56
CA ARG A 42 -7.71 -1.31 1.70
C ARG A 42 -7.85 -2.78 1.29
N LEU A 43 -8.79 -3.05 0.39
CA LEU A 43 -9.02 -4.41 -0.12
C LEU A 43 -7.79 -4.92 -0.89
N TYR A 44 -7.33 -4.13 -1.86
CA TYR A 44 -6.15 -4.48 -2.65
C TYR A 44 -4.90 -4.65 -1.76
N LEU A 45 -4.63 -3.66 -0.91
CA LEU A 45 -3.47 -3.68 -0.02
C LEU A 45 -3.48 -4.94 0.89
N GLU A 46 -4.65 -5.25 1.45
CA GLU A 46 -4.81 -6.45 2.28
C GLU A 46 -4.45 -7.72 1.48
N GLN A 47 -5.05 -7.84 0.29
CA GLN A 47 -4.74 -8.95 -0.62
C GLN A 47 -3.24 -9.03 -0.90
N LEU A 48 -2.62 -7.87 -1.16
CA LEU A 48 -1.18 -7.80 -1.40
C LEU A 48 -0.37 -8.32 -0.21
N HIS A 49 -0.90 -8.19 1.00
CA HIS A 49 -0.26 -8.76 2.19
C HIS A 49 -0.39 -10.29 2.19
N ASP A 50 -1.61 -10.79 1.93
CA ASP A 50 -1.88 -12.23 1.95
C ASP A 50 -1.22 -12.98 0.77
N VAL A 51 -0.81 -12.25 -0.27
CA VAL A 51 -0.10 -12.87 -1.40
C VAL A 51 1.42 -12.69 -1.29
N GLY A 52 1.89 -12.10 -0.18
CA GLY A 52 3.32 -12.00 0.08
C GLY A 52 4.01 -10.82 -0.59
N VAL A 53 3.29 -9.71 -0.76
CA VAL A 53 3.87 -8.48 -1.34
C VAL A 53 4.09 -7.40 -0.27
N LEU A 54 3.04 -7.06 0.48
CA LEU A 54 3.11 -5.98 1.49
C LEU A 54 3.29 -6.51 2.92
N GLU A 55 3.71 -5.62 3.81
CA GLU A 55 4.03 -5.96 5.19
C GLU A 55 3.22 -5.08 6.18
N LYS A 56 2.91 -5.63 7.35
CA LYS A 56 2.00 -4.98 8.32
C LYS A 56 2.70 -3.87 9.13
N VAL A 57 2.08 -2.68 9.17
CA VAL A 57 2.52 -1.60 10.07
C VAL A 57 1.31 -0.86 10.69
N ASN A 58 1.18 -0.96 12.02
CA ASN A 58 0.13 -0.23 12.76
C ASN A 58 -1.29 -0.56 12.25
N ALA A 59 -1.88 -1.60 12.81
CA ALA A 59 -3.25 -2.01 12.44
C ALA A 59 -4.10 -2.36 13.68
N GLY A 60 -5.41 -2.21 13.55
CA GLY A 60 -6.32 -2.54 14.65
C GLY A 60 -7.38 -1.45 14.91
N LYS A 61 -7.18 -0.65 15.94
CA LYS A 61 -8.18 0.35 16.36
C LYS A 61 -7.76 1.78 15.97
N GLY A 62 -8.65 2.47 15.26
CA GLY A 62 -8.38 3.84 14.83
C GLY A 62 -7.08 3.99 14.04
N VAL A 63 -6.90 3.13 13.03
CA VAL A 63 -5.66 3.12 12.25
C VAL A 63 -5.90 3.46 10.77
N PRO A 64 -5.00 4.24 10.15
CA PRO A 64 -5.08 4.59 8.72
C PRO A 64 -4.49 3.51 7.80
N GLY A 65 -3.91 2.47 8.42
CA GLY A 65 -3.27 1.41 7.66
C GLY A 65 -1.92 1.82 7.07
N LEU A 66 -0.83 1.38 7.69
CA LEU A 66 0.52 1.68 7.19
C LEU A 66 1.14 0.41 6.58
N TRP A 67 1.73 0.55 5.39
CA TRP A 67 2.19 -0.62 4.64
C TRP A 67 3.67 -0.52 4.22
N ARG A 68 4.39 -1.64 4.39
CA ARG A 68 5.74 -1.80 3.85
C ARG A 68 5.73 -2.89 2.76
N LEU A 69 6.86 -3.14 2.10
CA LEU A 69 6.93 -4.22 1.12
C LEU A 69 8.10 -5.19 1.38
N LEU A 70 7.91 -6.45 1.02
CA LEU A 70 9.00 -7.44 1.09
C LEU A 70 9.28 -8.05 -0.29
N GLU A 71 8.44 -7.70 -1.27
CA GLU A 71 8.60 -8.13 -2.68
C GLU A 71 8.37 -9.64 -2.87
#